data_3HZP
# 
_entry.id   3HZP 
# 
_audit_conform.dict_name       mmcif_pdbx.dic 
_audit_conform.dict_version    5.399 
_audit_conform.dict_location   http://mmcif.pdb.org/dictionaries/ascii/mmcif_pdbx.dic 
# 
loop_
_database_2.database_id 
_database_2.database_code 
_database_2.pdbx_database_accession 
_database_2.pdbx_DOI 
PDB   3HZP         pdb_00003hzp 10.2210/pdb3hzp/pdb 
RCSB  RCSB053781   ?            ?                   
WWPDB D_1000053781 ?            ?                   
# 
loop_
_pdbx_audit_revision_history.ordinal 
_pdbx_audit_revision_history.data_content_type 
_pdbx_audit_revision_history.major_revision 
_pdbx_audit_revision_history.minor_revision 
_pdbx_audit_revision_history.revision_date 
1 'Structure model' 1 0 2009-07-07 
2 'Structure model' 1 1 2011-07-13 
3 'Structure model' 1 2 2017-10-25 
4 'Structure model' 1 3 2019-07-24 
5 'Structure model' 1 4 2023-02-01 
6 'Structure model' 1 5 2024-11-20 
# 
_pdbx_audit_revision_details.ordinal             1 
_pdbx_audit_revision_details.revision_ordinal    1 
_pdbx_audit_revision_details.data_content_type   'Structure model' 
_pdbx_audit_revision_details.provider            repository 
_pdbx_audit_revision_details.type                'Initial release' 
_pdbx_audit_revision_details.description         ? 
_pdbx_audit_revision_details.details             ? 
# 
loop_
_pdbx_audit_revision_group.ordinal 
_pdbx_audit_revision_group.revision_ordinal 
_pdbx_audit_revision_group.data_content_type 
_pdbx_audit_revision_group.group 
1  2 'Structure model' Advisory                     
2  2 'Structure model' 'Source and taxonomy'        
3  2 'Structure model' 'Version format compliance'  
4  3 'Structure model' 'Author supporting evidence' 
5  3 'Structure model' 'Refinement description'     
6  4 'Structure model' 'Data collection'            
7  4 'Structure model' 'Derived calculations'       
8  4 'Structure model' 'Refinement description'     
9  5 'Structure model' 'Database references'        
10 5 'Structure model' 'Derived calculations'       
11 6 'Structure model' 'Data collection'            
12 6 'Structure model' 'Structure summary'          
# 
loop_
_pdbx_audit_revision_category.ordinal 
_pdbx_audit_revision_category.revision_ordinal 
_pdbx_audit_revision_category.data_content_type 
_pdbx_audit_revision_category.category 
1  3 'Structure model' pdbx_struct_assembly_auth_evidence 
2  3 'Structure model' software                           
3  4 'Structure model' pdbx_struct_special_symmetry       
4  4 'Structure model' software                           
5  4 'Structure model' struct_conn                        
6  5 'Structure model' database_2                         
7  5 'Structure model' struct_ref_seq_dif                 
8  5 'Structure model' struct_site                        
9  6 'Structure model' chem_comp_atom                     
10 6 'Structure model' chem_comp_bond                     
11 6 'Structure model' pdbx_entry_details                 
12 6 'Structure model' pdbx_modification_feature          
# 
loop_
_pdbx_audit_revision_item.ordinal 
_pdbx_audit_revision_item.revision_ordinal 
_pdbx_audit_revision_item.data_content_type 
_pdbx_audit_revision_item.item 
1  3 'Structure model' '_software.classification'                     
2  3 'Structure model' '_software.name'                               
3  4 'Structure model' '_software.classification'                     
4  4 'Structure model' '_software.contact_author'                     
5  4 'Structure model' '_software.contact_author_email'               
6  4 'Structure model' '_software.language'                           
7  4 'Structure model' '_software.location'                           
8  4 'Structure model' '_software.name'                               
9  4 'Structure model' '_software.type'                               
10 4 'Structure model' '_software.version'                            
11 4 'Structure model' '_struct_conn.pdbx_leaving_atom_flag'          
12 5 'Structure model' '_database_2.pdbx_DOI'                         
13 5 'Structure model' '_database_2.pdbx_database_accession'          
14 5 'Structure model' '_struct_ref_seq_dif.details'                  
15 5 'Structure model' '_struct_site.pdbx_auth_asym_id'               
16 5 'Structure model' '_struct_site.pdbx_auth_comp_id'               
17 5 'Structure model' '_struct_site.pdbx_auth_seq_id'                
18 6 'Structure model' '_pdbx_entry_details.has_protein_modification' 
# 
_pdbx_database_status.SG_entry                        Y 
_pdbx_database_status.entry_id                        3HZP 
_pdbx_database_status.deposit_site                    RCSB 
_pdbx_database_status.process_site                    RCSB 
_pdbx_database_status.recvd_initial_deposition_date   2009-06-24 
_pdbx_database_status.status_code                     REL 
_pdbx_database_status.status_code_sf                  REL 
_pdbx_database_status.status_code_mr                  ? 
_pdbx_database_status.pdb_format_compatible           Y 
_pdbx_database_status.status_code_cs                  ? 
_pdbx_database_status.methods_development_category    ? 
_pdbx_database_status.status_code_nmr_data            ? 
# 
_pdbx_database_related.db_name        TargetDB 
_pdbx_database_related.db_id          391203 
_pdbx_database_related.details        . 
_pdbx_database_related.content_type   unspecified 
# 
_audit_author.name           'Joint Center for Structural Genomics (JCSG)' 
_audit_author.pdbx_ordinal   1 
# 
_citation.id                        primary 
_citation.title                     
;Crystal structure of NTF2-like protein of unknown function MN2A_0505 from Prochlorococcus marinus (YP_291699.1) from Prochlorococcus sp. NATL2A at 1.40 A resolution
;
_citation.journal_abbrev            'To be published' 
_citation.journal_volume            ? 
_citation.page_first                ? 
_citation.page_last                 ? 
_citation.year                      ? 
_citation.journal_id_ASTM           ? 
_citation.country                   ? 
_citation.journal_id_ISSN           ? 
_citation.journal_id_CSD            0353 
_citation.book_publisher            ? 
_citation.pdbx_database_id_PubMed   ? 
_citation.pdbx_database_id_DOI      ? 
# 
_citation_author.citation_id        primary 
_citation_author.name               'Joint Center for Structural Genomics (JCSG)' 
_citation_author.ordinal            1 
_citation_author.identifier_ORCID   ? 
# 
loop_
_entity.id 
_entity.type 
_entity.src_method 
_entity.pdbx_description 
_entity.formula_weight 
_entity.pdbx_number_of_molecules 
_entity.pdbx_ec 
_entity.pdbx_mutation 
_entity.pdbx_fragment 
_entity.details 
1 polymer     man 'NTF2-like protein of unknown function' 14879.997 1  ? ? ? ? 
2 non-polymer syn 'PENTAETHYLENE GLYCOL'                  238.278   1  ? ? ? ? 
3 water       nat water                                   18.015    99 ? ? ? ? 
# 
_entity_poly.entity_id                      1 
_entity_poly.type                           'polypeptide(L)' 
_entity_poly.nstd_linkage                   no 
_entity_poly.nstd_monomer                   yes 
_entity_poly.pdbx_seq_one_letter_code       
;G(MSE)SSKEEILSILEAFASTER(MSE)GSFFLDNATADFLFIRPSGNPLDAKGFEN(MSE)WSSGDLVLESAEITKVH
KFELLGSNAAICVFTLGSKFTYKGTQNDDLPTVTSIFKKIDEKWKVAW(MSE)QRSSGQSD(MSE)TLWNE
;
_entity_poly.pdbx_seq_one_letter_code_can   
;GMSSKEEILSILEAFASTERMGSFFLDNATADFLFIRPSGNPLDAKGFENMWSSGDLVLESAEITKVHKFELLGSNAAIC
VFTLGSKFTYKGTQNDDLPTVTSIFKKIDEKWKVAWMQRSSGQSDMTLWNE
;
_entity_poly.pdbx_strand_id                 A 
_entity_poly.pdbx_target_identifier         391203 
# 
loop_
_pdbx_entity_nonpoly.entity_id 
_pdbx_entity_nonpoly.name 
_pdbx_entity_nonpoly.comp_id 
2 'PENTAETHYLENE GLYCOL' 1PE 
3 water                  HOH 
# 
loop_
_entity_poly_seq.entity_id 
_entity_poly_seq.num 
_entity_poly_seq.mon_id 
_entity_poly_seq.hetero 
1 1   GLY n 
1 2   MSE n 
1 3   SER n 
1 4   SER n 
1 5   LYS n 
1 6   GLU n 
1 7   GLU n 
1 8   ILE n 
1 9   LEU n 
1 10  SER n 
1 11  ILE n 
1 12  LEU n 
1 13  GLU n 
1 14  ALA n 
1 15  PHE n 
1 16  ALA n 
1 17  SER n 
1 18  THR n 
1 19  GLU n 
1 20  ARG n 
1 21  MSE n 
1 22  GLY n 
1 23  SER n 
1 24  PHE n 
1 25  PHE n 
1 26  LEU n 
1 27  ASP n 
1 28  ASN n 
1 29  ALA n 
1 30  THR n 
1 31  ALA n 
1 32  ASP n 
1 33  PHE n 
1 34  LEU n 
1 35  PHE n 
1 36  ILE n 
1 37  ARG n 
1 38  PRO n 
1 39  SER n 
1 40  GLY n 
1 41  ASN n 
1 42  PRO n 
1 43  LEU n 
1 44  ASP n 
1 45  ALA n 
1 46  LYS n 
1 47  GLY n 
1 48  PHE n 
1 49  GLU n 
1 50  ASN n 
1 51  MSE n 
1 52  TRP n 
1 53  SER n 
1 54  SER n 
1 55  GLY n 
1 56  ASP n 
1 57  LEU n 
1 58  VAL n 
1 59  LEU n 
1 60  GLU n 
1 61  SER n 
1 62  ALA n 
1 63  GLU n 
1 64  ILE n 
1 65  THR n 
1 66  LYS n 
1 67  VAL n 
1 68  HIS n 
1 69  LYS n 
1 70  PHE n 
1 71  GLU n 
1 72  LEU n 
1 73  LEU n 
1 74  GLY n 
1 75  SER n 
1 76  ASN n 
1 77  ALA n 
1 78  ALA n 
1 79  ILE n 
1 80  CYS n 
1 81  VAL n 
1 82  PHE n 
1 83  THR n 
1 84  LEU n 
1 85  GLY n 
1 86  SER n 
1 87  LYS n 
1 88  PHE n 
1 89  THR n 
1 90  TYR n 
1 91  LYS n 
1 92  GLY n 
1 93  THR n 
1 94  GLN n 
1 95  ASN n 
1 96  ASP n 
1 97  ASP n 
1 98  LEU n 
1 99  PRO n 
1 100 THR n 
1 101 VAL n 
1 102 THR n 
1 103 SER n 
1 104 ILE n 
1 105 PHE n 
1 106 LYS n 
1 107 LYS n 
1 108 ILE n 
1 109 ASP n 
1 110 GLU n 
1 111 LYS n 
1 112 TRP n 
1 113 LYS n 
1 114 VAL n 
1 115 ALA n 
1 116 TRP n 
1 117 MSE n 
1 118 GLN n 
1 119 ARG n 
1 120 SER n 
1 121 SER n 
1 122 GLY n 
1 123 GLN n 
1 124 SER n 
1 125 ASP n 
1 126 MSE n 
1 127 THR n 
1 128 LEU n 
1 129 TRP n 
1 130 ASN n 
1 131 GLU n 
# 
_entity_src_gen.entity_id                          1 
_entity_src_gen.pdbx_src_id                        1 
_entity_src_gen.pdbx_alt_source_flag               sample 
_entity_src_gen.pdbx_seq_type                      ? 
_entity_src_gen.pdbx_beg_seq_num                   ? 
_entity_src_gen.pdbx_end_seq_num                   ? 
_entity_src_gen.gene_src_common_name               ? 
_entity_src_gen.gene_src_genus                     ? 
_entity_src_gen.pdbx_gene_src_gene                 'PMN2A_0505, YP_291699.1' 
_entity_src_gen.gene_src_species                   ? 
_entity_src_gen.gene_src_strain                    NATL2A 
_entity_src_gen.gene_src_tissue                    ? 
_entity_src_gen.gene_src_tissue_fraction           ? 
_entity_src_gen.gene_src_details                   ? 
_entity_src_gen.pdbx_gene_src_fragment             ? 
_entity_src_gen.pdbx_gene_src_scientific_name      'Prochlorococcus marinus' 
_entity_src_gen.pdbx_gene_src_ncbi_taxonomy_id     59920 
_entity_src_gen.pdbx_gene_src_variant              ? 
_entity_src_gen.pdbx_gene_src_cell_line            ? 
_entity_src_gen.pdbx_gene_src_atcc                 ? 
_entity_src_gen.pdbx_gene_src_organ                ? 
_entity_src_gen.pdbx_gene_src_organelle            ? 
_entity_src_gen.pdbx_gene_src_cell                 ? 
_entity_src_gen.pdbx_gene_src_cellular_location    ? 
_entity_src_gen.host_org_common_name               ? 
_entity_src_gen.pdbx_host_org_scientific_name      'Escherichia coli' 
_entity_src_gen.pdbx_host_org_ncbi_taxonomy_id     562 
_entity_src_gen.host_org_genus                     ? 
_entity_src_gen.pdbx_host_org_gene                 ? 
_entity_src_gen.pdbx_host_org_organ                ? 
_entity_src_gen.host_org_species                   ? 
_entity_src_gen.pdbx_host_org_tissue               ? 
_entity_src_gen.pdbx_host_org_tissue_fraction      ? 
_entity_src_gen.pdbx_host_org_strain               HK100 
_entity_src_gen.pdbx_host_org_variant              ? 
_entity_src_gen.pdbx_host_org_cell_line            ? 
_entity_src_gen.pdbx_host_org_atcc                 ? 
_entity_src_gen.pdbx_host_org_culture_collection   ? 
_entity_src_gen.pdbx_host_org_cell                 ? 
_entity_src_gen.pdbx_host_org_organelle            ? 
_entity_src_gen.pdbx_host_org_cellular_location    ? 
_entity_src_gen.pdbx_host_org_vector_type          Plasmid 
_entity_src_gen.pdbx_host_org_vector               ? 
_entity_src_gen.host_org_details                   ? 
_entity_src_gen.expression_system_id               ? 
_entity_src_gen.plasmid_name                       SpeedET 
_entity_src_gen.plasmid_details                    ? 
_entity_src_gen.pdbx_description                   ? 
# 
loop_
_chem_comp.id 
_chem_comp.type 
_chem_comp.mon_nstd_flag 
_chem_comp.name 
_chem_comp.pdbx_synonyms 
_chem_comp.formula 
_chem_comp.formula_weight 
1PE non-polymer         . 'PENTAETHYLENE GLYCOL' PEG400 'C10 H22 O6'     238.278 
ALA 'L-peptide linking' y ALANINE                ?      'C3 H7 N O2'     89.093  
ARG 'L-peptide linking' y ARGININE               ?      'C6 H15 N4 O2 1' 175.209 
ASN 'L-peptide linking' y ASPARAGINE             ?      'C4 H8 N2 O3'    132.118 
ASP 'L-peptide linking' y 'ASPARTIC ACID'        ?      'C4 H7 N O4'     133.103 
CYS 'L-peptide linking' y CYSTEINE               ?      'C3 H7 N O2 S'   121.158 
GLN 'L-peptide linking' y GLUTAMINE              ?      'C5 H10 N2 O3'   146.144 
GLU 'L-peptide linking' y 'GLUTAMIC ACID'        ?      'C5 H9 N O4'     147.129 
GLY 'peptide linking'   y GLYCINE                ?      'C2 H5 N O2'     75.067  
HIS 'L-peptide linking' y HISTIDINE              ?      'C6 H10 N3 O2 1' 156.162 
HOH non-polymer         . WATER                  ?      'H2 O'           18.015  
ILE 'L-peptide linking' y ISOLEUCINE             ?      'C6 H13 N O2'    131.173 
LEU 'L-peptide linking' y LEUCINE                ?      'C6 H13 N O2'    131.173 
LYS 'L-peptide linking' y LYSINE                 ?      'C6 H15 N2 O2 1' 147.195 
MSE 'L-peptide linking' n SELENOMETHIONINE       ?      'C5 H11 N O2 Se' 196.106 
PHE 'L-peptide linking' y PHENYLALANINE          ?      'C9 H11 N O2'    165.189 
PRO 'L-peptide linking' y PROLINE                ?      'C5 H9 N O2'     115.130 
SER 'L-peptide linking' y SERINE                 ?      'C3 H7 N O3'     105.093 
THR 'L-peptide linking' y THREONINE              ?      'C4 H9 N O3'     119.119 
TRP 'L-peptide linking' y TRYPTOPHAN             ?      'C11 H12 N2 O2'  204.225 
TYR 'L-peptide linking' y TYROSINE               ?      'C9 H11 N O3'    181.189 
VAL 'L-peptide linking' y VALINE                 ?      'C5 H11 N O2'    117.146 
# 
loop_
_pdbx_poly_seq_scheme.asym_id 
_pdbx_poly_seq_scheme.entity_id 
_pdbx_poly_seq_scheme.seq_id 
_pdbx_poly_seq_scheme.mon_id 
_pdbx_poly_seq_scheme.ndb_seq_num 
_pdbx_poly_seq_scheme.pdb_seq_num 
_pdbx_poly_seq_scheme.auth_seq_num 
_pdbx_poly_seq_scheme.pdb_mon_id 
_pdbx_poly_seq_scheme.auth_mon_id 
_pdbx_poly_seq_scheme.pdb_strand_id 
_pdbx_poly_seq_scheme.pdb_ins_code 
_pdbx_poly_seq_scheme.hetero 
A 1 1   GLY 1   0   ?   ?   ?   A . n 
A 1 2   MSE 2   1   1   MSE MSE A . n 
A 1 3   SER 3   2   2   SER SER A . n 
A 1 4   SER 4   3   3   SER SER A . n 
A 1 5   LYS 5   4   4   LYS LYS A . n 
A 1 6   GLU 6   5   5   GLU GLU A . n 
A 1 7   GLU 7   6   6   GLU GLU A . n 
A 1 8   ILE 8   7   7   ILE ILE A . n 
A 1 9   LEU 9   8   8   LEU LEU A . n 
A 1 10  SER 10  9   9   SER SER A . n 
A 1 11  ILE 11  10  10  ILE ILE A . n 
A 1 12  LEU 12  11  11  LEU LEU A . n 
A 1 13  GLU 13  12  12  GLU GLU A . n 
A 1 14  ALA 14  13  13  ALA ALA A . n 
A 1 15  PHE 15  14  14  PHE PHE A . n 
A 1 16  ALA 16  15  15  ALA ALA A . n 
A 1 17  SER 17  16  16  SER SER A . n 
A 1 18  THR 18  17  17  THR THR A . n 
A 1 19  GLU 19  18  18  GLU GLU A . n 
A 1 20  ARG 20  19  19  ARG ARG A . n 
A 1 21  MSE 21  20  20  MSE MSE A . n 
A 1 22  GLY 22  21  21  GLY GLY A . n 
A 1 23  SER 23  22  22  SER SER A . n 
A 1 24  PHE 24  23  23  PHE PHE A . n 
A 1 25  PHE 25  24  24  PHE PHE A . n 
A 1 26  LEU 26  25  25  LEU LEU A . n 
A 1 27  ASP 27  26  26  ASP ASP A . n 
A 1 28  ASN 28  27  27  ASN ASN A . n 
A 1 29  ALA 29  28  28  ALA ALA A . n 
A 1 30  THR 30  29  29  THR THR A . n 
A 1 31  ALA 31  30  30  ALA ALA A . n 
A 1 32  ASP 32  31  31  ASP ASP A . n 
A 1 33  PHE 33  32  32  PHE PHE A . n 
A 1 34  LEU 34  33  33  LEU LEU A . n 
A 1 35  PHE 35  34  34  PHE PHE A . n 
A 1 36  ILE 36  35  35  ILE ILE A . n 
A 1 37  ARG 37  36  36  ARG ARG A . n 
A 1 38  PRO 38  37  37  PRO PRO A . n 
A 1 39  SER 39  38  38  SER SER A . n 
A 1 40  GLY 40  39  39  GLY GLY A . n 
A 1 41  ASN 41  40  40  ASN ASN A . n 
A 1 42  PRO 42  41  41  PRO PRO A . n 
A 1 43  LEU 43  42  42  LEU LEU A . n 
A 1 44  ASP 44  43  43  ASP ASP A . n 
A 1 45  ALA 45  44  44  ALA ALA A . n 
A 1 46  LYS 46  45  45  LYS LYS A . n 
A 1 47  GLY 47  46  46  GLY GLY A . n 
A 1 48  PHE 48  47  47  PHE PHE A . n 
A 1 49  GLU 49  48  48  GLU GLU A . n 
A 1 50  ASN 50  49  49  ASN ASN A . n 
A 1 51  MSE 51  50  50  MSE MSE A . n 
A 1 52  TRP 52  51  51  TRP TRP A . n 
A 1 53  SER 53  52  52  SER SER A . n 
A 1 54  SER 54  53  53  SER SER A . n 
A 1 55  GLY 55  54  54  GLY GLY A . n 
A 1 56  ASP 56  55  55  ASP ASP A . n 
A 1 57  LEU 57  56  56  LEU LEU A . n 
A 1 58  VAL 58  57  57  VAL VAL A . n 
A 1 59  LEU 59  58  58  LEU LEU A . n 
A 1 60  GLU 60  59  59  GLU GLU A . n 
A 1 61  SER 61  60  60  SER SER A . n 
A 1 62  ALA 62  61  61  ALA ALA A . n 
A 1 63  GLU 63  62  62  GLU GLU A . n 
A 1 64  ILE 64  63  63  ILE ILE A . n 
A 1 65  THR 65  64  64  THR THR A . n 
A 1 66  LYS 66  65  65  LYS LYS A . n 
A 1 67  VAL 67  66  66  VAL VAL A . n 
A 1 68  HIS 68  67  67  HIS HIS A . n 
A 1 69  LYS 69  68  68  LYS LYS A . n 
A 1 70  PHE 70  69  69  PHE PHE A . n 
A 1 71  GLU 71  70  70  GLU GLU A . n 
A 1 72  LEU 72  71  71  LEU LEU A . n 
A 1 73  LEU 73  72  72  LEU LEU A . n 
A 1 74  GLY 74  73  73  GLY GLY A . n 
A 1 75  SER 75  74  74  SER SER A . n 
A 1 76  ASN 76  75  75  ASN ASN A . n 
A 1 77  ALA 77  76  76  ALA ALA A . n 
A 1 78  ALA 78  77  77  ALA ALA A . n 
A 1 79  ILE 79  78  78  ILE ILE A . n 
A 1 80  CYS 80  79  79  CYS CYS A . n 
A 1 81  VAL 81  80  80  VAL VAL A . n 
A 1 82  PHE 82  81  81  PHE PHE A . n 
A 1 83  THR 83  82  82  THR THR A . n 
A 1 84  LEU 84  83  83  LEU LEU A . n 
A 1 85  GLY 85  84  84  GLY GLY A . n 
A 1 86  SER 86  85  85  SER SER A . n 
A 1 87  LYS 87  86  86  LYS LYS A . n 
A 1 88  PHE 88  87  87  PHE PHE A . n 
A 1 89  THR 89  88  88  THR THR A . n 
A 1 90  TYR 90  89  89  TYR TYR A . n 
A 1 91  LYS 91  90  90  LYS LYS A . n 
A 1 92  GLY 92  91  91  GLY GLY A . n 
A 1 93  THR 93  92  92  THR THR A . n 
A 1 94  GLN 94  93  93  GLN GLN A . n 
A 1 95  ASN 95  94  94  ASN ASN A . n 
A 1 96  ASP 96  95  95  ASP ASP A . n 
A 1 97  ASP 97  96  96  ASP ASP A . n 
A 1 98  LEU 98  97  97  LEU LEU A . n 
A 1 99  PRO 99  98  98  PRO PRO A . n 
A 1 100 THR 100 99  99  THR THR A . n 
A 1 101 VAL 101 100 100 VAL VAL A . n 
A 1 102 THR 102 101 101 THR THR A . n 
A 1 103 SER 103 102 102 SER SER A . n 
A 1 104 ILE 104 103 103 ILE ILE A . n 
A 1 105 PHE 105 104 104 PHE PHE A . n 
A 1 106 LYS 106 105 105 LYS LYS A . n 
A 1 107 LYS 107 106 106 LYS LYS A . n 
A 1 108 ILE 108 107 107 ILE ILE A . n 
A 1 109 ASP 109 108 108 ASP ASP A . n 
A 1 110 GLU 110 109 109 GLU GLU A . n 
A 1 111 LYS 111 110 110 LYS LYS A . n 
A 1 112 TRP 112 111 111 TRP TRP A . n 
A 1 113 LYS 113 112 112 LYS LYS A . n 
A 1 114 VAL 114 113 113 VAL VAL A . n 
A 1 115 ALA 115 114 114 ALA ALA A . n 
A 1 116 TRP 116 115 115 TRP TRP A . n 
A 1 117 MSE 117 116 116 MSE MSE A . n 
A 1 118 GLN 118 117 117 GLN GLN A . n 
A 1 119 ARG 119 118 118 ARG ARG A . n 
A 1 120 SER 120 119 119 SER SER A . n 
A 1 121 SER 121 120 120 SER SER A . n 
A 1 122 GLY 122 121 121 GLY GLY A . n 
A 1 123 GLN 123 122 122 GLN GLN A . n 
A 1 124 SER 124 123 123 SER SER A . n 
A 1 125 ASP 125 124 124 ASP ASP A . n 
A 1 126 MSE 126 125 125 MSE MSE A . n 
A 1 127 THR 127 126 126 THR THR A . n 
A 1 128 LEU 128 127 127 LEU LEU A . n 
A 1 129 TRP 129 128 128 TRP TRP A . n 
A 1 130 ASN 130 129 ?   ?   ?   A . n 
A 1 131 GLU 131 130 ?   ?   ?   A . n 
# 
loop_
_pdbx_nonpoly_scheme.asym_id 
_pdbx_nonpoly_scheme.entity_id 
_pdbx_nonpoly_scheme.mon_id 
_pdbx_nonpoly_scheme.ndb_seq_num 
_pdbx_nonpoly_scheme.pdb_seq_num 
_pdbx_nonpoly_scheme.auth_seq_num 
_pdbx_nonpoly_scheme.pdb_mon_id 
_pdbx_nonpoly_scheme.auth_mon_id 
_pdbx_nonpoly_scheme.pdb_strand_id 
_pdbx_nonpoly_scheme.pdb_ins_code 
B 2 1PE 1  131 1   1PE 1PE A . 
C 3 HOH 1  132 2   HOH HOH A . 
C 3 HOH 2  133 3   HOH HOH A . 
C 3 HOH 3  134 4   HOH HOH A . 
C 3 HOH 4  135 5   HOH HOH A . 
C 3 HOH 5  136 6   HOH HOH A . 
C 3 HOH 6  137 7   HOH HOH A . 
C 3 HOH 7  138 8   HOH HOH A . 
C 3 HOH 8  139 9   HOH HOH A . 
C 3 HOH 9  140 10  HOH HOH A . 
C 3 HOH 10 141 11  HOH HOH A . 
C 3 HOH 11 142 12  HOH HOH A . 
C 3 HOH 12 143 13  HOH HOH A . 
C 3 HOH 13 144 14  HOH HOH A . 
C 3 HOH 14 145 15  HOH HOH A . 
C 3 HOH 15 146 16  HOH HOH A . 
C 3 HOH 16 147 17  HOH HOH A . 
C 3 HOH 17 148 18  HOH HOH A . 
C 3 HOH 18 149 19  HOH HOH A . 
C 3 HOH 19 150 20  HOH HOH A . 
C 3 HOH 20 151 21  HOH HOH A . 
C 3 HOH 21 152 22  HOH HOH A . 
C 3 HOH 22 153 23  HOH HOH A . 
C 3 HOH 23 154 24  HOH HOH A . 
C 3 HOH 24 155 25  HOH HOH A . 
C 3 HOH 25 156 26  HOH HOH A . 
C 3 HOH 26 157 27  HOH HOH A . 
C 3 HOH 27 158 28  HOH HOH A . 
C 3 HOH 28 159 29  HOH HOH A . 
C 3 HOH 29 160 30  HOH HOH A . 
C 3 HOH 30 161 31  HOH HOH A . 
C 3 HOH 31 162 32  HOH HOH A . 
C 3 HOH 32 163 33  HOH HOH A . 
C 3 HOH 33 164 34  HOH HOH A . 
C 3 HOH 34 165 35  HOH HOH A . 
C 3 HOH 35 166 36  HOH HOH A . 
C 3 HOH 36 167 37  HOH HOH A . 
C 3 HOH 37 168 38  HOH HOH A . 
C 3 HOH 38 169 39  HOH HOH A . 
C 3 HOH 39 170 40  HOH HOH A . 
C 3 HOH 40 171 41  HOH HOH A . 
C 3 HOH 41 172 42  HOH HOH A . 
C 3 HOH 42 173 43  HOH HOH A . 
C 3 HOH 43 174 44  HOH HOH A . 
C 3 HOH 44 175 45  HOH HOH A . 
C 3 HOH 45 176 46  HOH HOH A . 
C 3 HOH 46 177 47  HOH HOH A . 
C 3 HOH 47 178 48  HOH HOH A . 
C 3 HOH 48 179 49  HOH HOH A . 
C 3 HOH 49 180 50  HOH HOH A . 
C 3 HOH 50 181 51  HOH HOH A . 
C 3 HOH 51 182 52  HOH HOH A . 
C 3 HOH 52 183 53  HOH HOH A . 
C 3 HOH 53 184 54  HOH HOH A . 
C 3 HOH 54 185 55  HOH HOH A . 
C 3 HOH 55 186 56  HOH HOH A . 
C 3 HOH 56 187 57  HOH HOH A . 
C 3 HOH 57 188 58  HOH HOH A . 
C 3 HOH 58 189 59  HOH HOH A . 
C 3 HOH 59 190 60  HOH HOH A . 
C 3 HOH 60 191 61  HOH HOH A . 
C 3 HOH 61 192 62  HOH HOH A . 
C 3 HOH 62 193 63  HOH HOH A . 
C 3 HOH 63 194 64  HOH HOH A . 
C 3 HOH 64 195 65  HOH HOH A . 
C 3 HOH 65 196 66  HOH HOH A . 
C 3 HOH 66 197 67  HOH HOH A . 
C 3 HOH 67 198 68  HOH HOH A . 
C 3 HOH 68 199 69  HOH HOH A . 
C 3 HOH 69 200 70  HOH HOH A . 
C 3 HOH 70 201 71  HOH HOH A . 
C 3 HOH 71 202 72  HOH HOH A . 
C 3 HOH 72 203 73  HOH HOH A . 
C 3 HOH 73 204 74  HOH HOH A . 
C 3 HOH 74 205 75  HOH HOH A . 
C 3 HOH 75 206 76  HOH HOH A . 
C 3 HOH 76 207 77  HOH HOH A . 
C 3 HOH 77 208 78  HOH HOH A . 
C 3 HOH 78 209 79  HOH HOH A . 
C 3 HOH 79 210 80  HOH HOH A . 
C 3 HOH 80 211 81  HOH HOH A . 
C 3 HOH 81 212 82  HOH HOH A . 
C 3 HOH 82 213 83  HOH HOH A . 
C 3 HOH 83 214 84  HOH HOH A . 
C 3 HOH 84 215 85  HOH HOH A . 
C 3 HOH 85 216 86  HOH HOH A . 
C 3 HOH 86 217 87  HOH HOH A . 
C 3 HOH 87 218 88  HOH HOH A . 
C 3 HOH 88 219 89  HOH HOH A . 
C 3 HOH 89 220 90  HOH HOH A . 
C 3 HOH 90 221 91  HOH HOH A . 
C 3 HOH 91 222 92  HOH HOH A . 
C 3 HOH 92 223 93  HOH HOH A . 
C 3 HOH 93 224 94  HOH HOH A . 
C 3 HOH 94 225 95  HOH HOH A . 
C 3 HOH 95 226 96  HOH HOH A . 
C 3 HOH 96 227 97  HOH HOH A . 
C 3 HOH 97 228 98  HOH HOH A . 
C 3 HOH 98 229 99  HOH HOH A . 
C 3 HOH 99 230 100 HOH HOH A . 
# 
loop_
_pdbx_unobs_or_zero_occ_atoms.id 
_pdbx_unobs_or_zero_occ_atoms.PDB_model_num 
_pdbx_unobs_or_zero_occ_atoms.polymer_flag 
_pdbx_unobs_or_zero_occ_atoms.occupancy_flag 
_pdbx_unobs_or_zero_occ_atoms.auth_asym_id 
_pdbx_unobs_or_zero_occ_atoms.auth_comp_id 
_pdbx_unobs_or_zero_occ_atoms.auth_seq_id 
_pdbx_unobs_or_zero_occ_atoms.PDB_ins_code 
_pdbx_unobs_or_zero_occ_atoms.auth_atom_id 
_pdbx_unobs_or_zero_occ_atoms.label_alt_id 
_pdbx_unobs_or_zero_occ_atoms.label_asym_id 
_pdbx_unobs_or_zero_occ_atoms.label_comp_id 
_pdbx_unobs_or_zero_occ_atoms.label_seq_id 
_pdbx_unobs_or_zero_occ_atoms.label_atom_id 
1  1 Y 1 A GLU 5   ? CD  ? A GLU 6   CD  
2  1 Y 1 A GLU 5   ? OE1 ? A GLU 6   OE1 
3  1 Y 1 A GLU 5   ? OE2 ? A GLU 6   OE2 
4  1 Y 1 A LEU 8   ? CD1 ? A LEU 9   CD1 
5  1 Y 1 A LEU 8   ? CD2 ? A LEU 9   CD2 
6  1 Y 1 A ARG 19  ? NE  ? A ARG 20  NE  
7  1 Y 1 A ARG 19  ? CZ  ? A ARG 20  CZ  
8  1 Y 1 A ARG 19  ? NH1 ? A ARG 20  NH1 
9  1 Y 1 A ARG 19  ? NH2 ? A ARG 20  NH2 
10 1 Y 1 A LYS 45  ? CE  ? A LYS 46  CE  
11 1 Y 1 A LYS 45  ? NZ  ? A LYS 46  NZ  
12 1 Y 1 A LYS 90  ? CG  ? A LYS 91  CG  
13 1 Y 1 A LYS 90  ? CD  ? A LYS 91  CD  
14 1 Y 1 A LYS 90  ? CE  ? A LYS 91  CE  
15 1 Y 1 A LYS 90  ? NZ  ? A LYS 91  NZ  
16 1 Y 1 A LYS 110 ? CE  ? A LYS 111 CE  
17 1 Y 1 A LYS 110 ? NZ  ? A LYS 111 NZ  
# 
loop_
_software.name 
_software.version 
_software.date 
_software.type 
_software.contact_author 
_software.contact_author_email 
_software.classification 
_software.location 
_software.language 
_software.citation_id 
_software.pdbx_ordinal 
REFMAC      5.2.0019 ?               program 'Garib N. Murshudov'         garib@ysbl.york.ac.uk                refinement        
http://www.ccp4.ac.uk/dist/html/refmac5.html Fortran_77 ? 1 
PHENIX      .        ?               package 'P.D. Adams'                 PDAdams@lbl.gov                      refinement        
http://www.phenix-online.org/                C++        ? 2 
SOLVE       .        ?               program 'Tom Terwilliger'            terwilliger@LANL.gov                 phasing           
http://www.solve.lanl.gov/                   ?          ? 3 
MolProbity  3beta29  ?               package 'D.C. & J.S. Richardson lab' molprobity@kinemage.biochem.duke.edu 'model building'  
http://kinemage.biochem.duke.edu/molprobity/ ?          ? 4 
SCALA       3.2.5    5/04/2004       other   'Phil R. Evans'              pre@mrc-lmb.cam.ac.uk                'data scaling'    
http://www.ccp4.ac.uk/dist/html/scala.html   Fortran_77 ? 5 
PDB_EXTRACT 3.006    'June 11, 2008' package PDB                          help@deposit.rcsb.org                'data extraction' 
http://sw-tools.pdb.org/apps/PDB_EXTRACT/    C++        ? 6 
MOSFLM      .        ?               ?       ?                            ?                                    'data reduction'  ? 
?          ? 7 
# 
_cell.entry_id           3HZP 
_cell.length_a           58.046 
_cell.length_b           58.046 
_cell.length_c           63.620 
_cell.angle_alpha        90.000 
_cell.angle_beta         90.000 
_cell.angle_gamma        120.000 
_cell.pdbx_unique_axis   ? 
_cell.Z_PDB              6 
_cell.length_a_esd       ? 
_cell.length_b_esd       ? 
_cell.length_c_esd       ? 
_cell.angle_alpha_esd    ? 
_cell.angle_beta_esd     ? 
_cell.angle_gamma_esd    ? 
# 
_symmetry.entry_id                         3HZP 
_symmetry.Int_Tables_number                154 
_symmetry.space_group_name_H-M             'P 32 2 1' 
_symmetry.pdbx_full_space_group_name_H-M   ? 
_symmetry.cell_setting                     ? 
_symmetry.space_group_name_Hall            ? 
# 
_exptl.crystals_number   1 
_exptl.method            'X-RAY DIFFRACTION' 
_exptl.entry_id          3HZP 
# 
_exptl_crystal.id                    1 
_exptl_crystal.density_Matthews      2.08 
_exptl_crystal.density_meas          ? 
_exptl_crystal.density_percent_sol   40.84 
_exptl_crystal.description           ? 
_exptl_crystal.F_000                 ? 
_exptl_crystal.preparation           ? 
# 
_exptl_crystal_grow.crystal_id      1 
_exptl_crystal_grow.method          'VAPOR DIFFUSION, SITTING DROP' 
_exptl_crystal_grow.pH              5.5 
_exptl_crystal_grow.temp            277 
_exptl_crystal_grow.pdbx_details    
'40.0000% PEG-600, 0.1M Citrate pH 5.5, NANODROP, VAPOR DIFFUSION, SITTING DROP, temperature 277K' 
_exptl_crystal_grow.temp_details    ? 
_exptl_crystal_grow.pdbx_pH_range   ? 
# 
_diffrn.id                     1 
_diffrn.ambient_temp           100 
_diffrn.ambient_temp_details   ? 
_diffrn.crystal_id             1 
# 
_diffrn_detector.diffrn_id              1 
_diffrn_detector.detector               CCD 
_diffrn_detector.type                   'MARMOSAIC 325 mm CCD' 
_diffrn_detector.details                'Flat collimating mirror, toroid focusing mirror' 
_diffrn_detector.pdbx_collection_date   2009-03-18 
# 
_diffrn_radiation.diffrn_id                        1 
_diffrn_radiation.pdbx_monochromatic_or_laue_m_l   M 
_diffrn_radiation.monochromator                    'Double crystal monochromator' 
_diffrn_radiation.pdbx_diffrn_protocol             MAD 
_diffrn_radiation.wavelength_id                    1 
_diffrn_radiation.pdbx_scattering_type             x-ray 
# 
loop_
_diffrn_radiation_wavelength.id 
_diffrn_radiation_wavelength.wavelength 
_diffrn_radiation_wavelength.wt 
1 0.91162 1.0 
2 0.97929 1.0 
3 0.97918 1.0 
# 
_diffrn_source.diffrn_id                   1 
_diffrn_source.source                      SYNCHROTRON 
_diffrn_source.pdbx_synchrotron_beamline   BL9-2 
_diffrn_source.type                        'SSRL BEAMLINE BL9-2' 
_diffrn_source.pdbx_wavelength_list        0.91162,0.97929,0.97918 
_diffrn_source.pdbx_wavelength             ? 
_diffrn_source.pdbx_synchrotron_site       SSRL 
# 
_reflns.entry_id                     3HZP 
_reflns.d_resolution_high            1.40 
_reflns.d_resolution_low             29.025 
_reflns.number_obs                   24917 
_reflns.pdbx_Rmerge_I_obs            0.075 
_reflns.pdbx_netI_over_sigmaI        6.295 
_reflns.pdbx_Rsym_value              0.075 
_reflns.pdbx_redundancy              5.400 
_reflns.percent_possible_obs         100.000 
_reflns.observed_criterion_sigma_F   ? 
_reflns.observed_criterion_sigma_I   ? 
_reflns.number_all                   ? 
_reflns.B_iso_Wilson_estimate        14.990 
_reflns.R_free_details               ? 
_reflns.limit_h_max                  ? 
_reflns.limit_h_min                  ? 
_reflns.limit_k_max                  ? 
_reflns.limit_k_min                  ? 
_reflns.limit_l_max                  ? 
_reflns.limit_l_min                  ? 
_reflns.observed_criterion_F_max     ? 
_reflns.observed_criterion_F_min     ? 
_reflns.pdbx_chi_squared             ? 
_reflns.pdbx_scaling_rejects         ? 
_reflns.pdbx_ordinal                 1 
_reflns.pdbx_diffrn_id               1 
# 
loop_
_reflns_shell.d_res_high 
_reflns_shell.d_res_low 
_reflns_shell.number_measured_obs 
_reflns_shell.number_measured_all 
_reflns_shell.number_unique_obs 
_reflns_shell.Rmerge_I_obs 
_reflns_shell.meanI_over_sigI_obs 
_reflns_shell.pdbx_Rsym_value 
_reflns_shell.pdbx_chi_squared 
_reflns_shell.pdbx_redundancy 
_reflns_shell.percent_possible_obs 
_reflns_shell.number_unique_all 
_reflns_shell.percent_possible_all 
_reflns_shell.pdbx_ordinal 
_reflns_shell.pdbx_diffrn_id 
1.40 1.44  ? 9847 ? 0.748 1.0  0.748 ? 5.40 ? 1818 100.00 1  1 
1.44 1.48  ? 9606 ? 0.597 1.3  0.597 ? 5.40 ? 1778 100.00 2  1 
1.48 1.52  ? 9317 ? 0.451 1.7  0.451 ? 5.40 ? 1718 100.00 3  1 
1.52 1.57  ? 9108 ? 0.383 2.0  0.383 ? 5.40 ? 1673 100.00 4  1 
1.57 1.62  ? 8715 ? 0.315 2.4  0.315 ? 5.50 ? 1599 100.00 5  1 
1.62 1.67  ? 8687 ? 0.253 3.0  0.253 ? 5.40 ? 1598 100.00 6  1 
1.67 1.74  ? 8238 ? 0.210 3.6  0.210 ? 5.40 ? 1512 100.00 7  1 
1.74 1.81  ? 7915 ? 0.174 4.3  0.174 ? 5.50 ? 1450 100.00 8  1 
1.81 1.89  ? 7775 ? 0.133 5.6  0.133 ? 5.40 ? 1428 100.00 9  1 
1.89 1.98  ? 7307 ? 0.103 7.1  0.103 ? 5.40 ? 1344 100.00 10 1 
1.98 2.09  ? 6985 ? 0.089 7.7  0.089 ? 5.40 ? 1288 100.00 11 1 
2.09 2.21  ? 6625 ? 0.085 7.9  0.085 ? 5.40 ? 1224 100.00 12 1 
2.21 2.37  ? 6098 ? 0.078 8.5  0.078 ? 5.40 ? 1128 100.00 13 1 
2.37 2.56  ? 5911 ? 0.067 9.6  0.067 ? 5.40 ? 1091 100.00 14 1 
2.56 2.80  ? 5430 ? 0.060 10.5 0.060 ? 5.40 ? 1005 100.00 15 1 
2.80 3.13  ? 4816 ? 0.056 11.4 0.056 ? 5.40 ? 893  100.00 16 1 
3.13 3.61  ? 4361 ? 0.057 11.1 0.057 ? 5.40 ? 811  100.00 17 1 
3.61 4.43  ? 3635 ? 0.044 13.6 0.044 ? 5.30 ? 687  100.00 18 1 
4.43 6.26  ? 2825 ? 0.039 16.2 0.039 ? 5.10 ? 551  100.00 19 1 
6.26 29.02 ? 1473 ? 0.045 14.2 0.045 ? 4.60 ? 321  98.50  20 1 
# 
_refine.entry_id                                 3HZP 
_refine.ls_d_res_high                            1.400 
_refine.ls_d_res_low                             29.025 
_refine.pdbx_ls_sigma_F                          0.00 
_refine.pdbx_data_cutoff_high_absF               ? 
_refine.pdbx_data_cutoff_low_absF                ? 
_refine.ls_percent_reflns_obs                    99.980 
_refine.ls_number_reflns_obs                     24887 
_refine.ls_number_reflns_all                     ? 
_refine.pdbx_ls_cross_valid_method               THROUGHOUT 
_refine.pdbx_R_Free_selection_details            RANDOM 
_refine.details                                  
;1.HYDROGENS HAVE BEEN ADDED IN THE RIDING POSITIONS. 2.ATOM RECORD CONTAINS RESIDUAL B FACTORS ONLY. 3.A MET-INHIBITION PROTOCOL WAS USED FOR SELENOMETHIONINE INCORPORATION DURING PROTEIN EXPRESSION. THE OCCUPANCY OF THE SE ATOMS IN THE MSE RESIDUES WAS REDUCED TO 0.75 TO ACCOUNT FOR THE REDUCED SCATTERING POWER DUE TO PARTIAL S-MET INCORPORATION. 4.PEG MOLECULE(1PE) FROM CRYSTALLIZATION ARE MODELED IN THE STRUCTURE.
;
_refine.ls_R_factor_all                          ? 
_refine.ls_R_factor_obs                          0.168 
_refine.ls_R_factor_R_work                       0.167 
_refine.ls_wR_factor_R_work                      ? 
_refine.ls_R_factor_R_free                       0.184 
_refine.ls_wR_factor_R_free                      ? 
_refine.ls_percent_reflns_R_free                 5.100 
_refine.ls_number_reflns_R_free                  1266 
_refine.ls_R_factor_R_free_error                 ? 
_refine.B_iso_mean                               21.173 
_refine.solvent_model_param_bsol                 ? 
_refine.solvent_model_param_ksol                 ? 
_refine.pdbx_isotropic_thermal_model             ? 
_refine.aniso_B[1][1]                            -0.050 
_refine.aniso_B[2][2]                            -0.050 
_refine.aniso_B[3][3]                            0.080 
_refine.aniso_B[1][2]                            -0.030 
_refine.aniso_B[1][3]                            0.000 
_refine.aniso_B[2][3]                            0.000 
_refine.correlation_coeff_Fo_to_Fc               0.969 
_refine.correlation_coeff_Fo_to_Fc_free          0.964 
_refine.overall_SU_R_Cruickshank_DPI             ? 
_refine.overall_SU_R_free                        ? 
_refine.pdbx_overall_ESU_R                       0.061 
_refine.pdbx_overall_ESU_R_Free                  0.060 
_refine.overall_SU_ML                            0.039 
_refine.overall_SU_B                             2.111 
_refine.solvent_model_details                    'BABINET MODEL WITH MASK' 
_refine.pdbx_solvent_vdw_probe_radii             1.200 
_refine.pdbx_solvent_ion_probe_radii             0.800 
_refine.pdbx_solvent_shrinkage_radii             0.800 
_refine.ls_number_parameters                     ? 
_refine.ls_number_restraints                     ? 
_refine.pdbx_method_to_determine_struct          MAD 
_refine.pdbx_stereochemistry_target_values       'MAXIMUM LIKELIHOOD WITH PHASES' 
_refine.pdbx_stereochem_target_val_spec_case     ? 
_refine.overall_FOM_work_R_set                   ? 
_refine.B_iso_max                                61.22 
_refine.B_iso_min                                8.35 
_refine.occupancy_max                            1.00 
_refine.occupancy_min                            0.25 
_refine.pdbx_ls_sigma_I                          ? 
_refine.ls_redundancy_reflns_obs                 ? 
_refine.ls_R_factor_R_free_error_details         ? 
_refine.pdbx_starting_model                      ? 
_refine.pdbx_data_cutoff_high_rms_absF           ? 
_refine.overall_FOM_free_R_set                   ? 
_refine.pdbx_overall_phase_error                 ? 
_refine.pdbx_refine_id                           'X-RAY DIFFRACTION' 
_refine.pdbx_TLS_residual_ADP_flag               'LIKELY RESIDUAL' 
_refine.pdbx_diffrn_id                           1 
_refine.pdbx_overall_SU_R_free_Cruickshank_DPI   ? 
_refine.pdbx_overall_SU_R_Blow_DPI               ? 
_refine.pdbx_overall_SU_R_free_Blow_DPI          ? 
# 
_refine_hist.pdbx_refine_id                   'X-RAY DIFFRACTION' 
_refine_hist.cycle_id                         LAST 
_refine_hist.pdbx_number_atoms_protein        990 
_refine_hist.pdbx_number_atoms_nucleic_acid   0 
_refine_hist.pdbx_number_atoms_ligand         16 
_refine_hist.number_atoms_solvent             99 
_refine_hist.number_atoms_total               1105 
_refine_hist.d_res_high                       1.400 
_refine_hist.d_res_low                        29.025 
# 
loop_
_refine_ls_restr.type 
_refine_ls_restr.pdbx_refine_id 
_refine_ls_restr.number 
_refine_ls_restr.dev_ideal 
_refine_ls_restr.dev_ideal_target 
_refine_ls_restr.weight 
_refine_ls_restr.pdbx_restraint_function 
r_bond_refined_d         'X-RAY DIFFRACTION' 1179 0.017  0.022  ? ? 
r_bond_other_d           'X-RAY DIFFRACTION' 789  0.001  0.020  ? ? 
r_angle_refined_deg      'X-RAY DIFFRACTION' 1608 1.527  1.946  ? ? 
r_angle_other_deg        'X-RAY DIFFRACTION' 1947 0.785  3.000  ? ? 
r_dihedral_angle_1_deg   'X-RAY DIFFRACTION' 160  6.813  5.000  ? ? 
r_dihedral_angle_2_deg   'X-RAY DIFFRACTION' 47   35.135 25.532 ? ? 
r_dihedral_angle_3_deg   'X-RAY DIFFRACTION' 204  13.043 15.000 ? ? 
r_dihedral_angle_4_deg   'X-RAY DIFFRACTION' 2    13.242 15.000 ? ? 
r_chiral_restr           'X-RAY DIFFRACTION' 173  0.085  0.200  ? ? 
r_gen_planes_refined     'X-RAY DIFFRACTION' 1376 0.008  0.020  ? ? 
r_gen_planes_other       'X-RAY DIFFRACTION' 246  0.003  0.020  ? ? 
r_nbd_refined            'X-RAY DIFFRACTION' 215  0.222  0.300  ? ? 
r_nbd_other              'X-RAY DIFFRACTION' 842  0.203  0.300  ? ? 
r_nbtor_refined          'X-RAY DIFFRACTION' 589  0.192  0.500  ? ? 
r_nbtor_other            'X-RAY DIFFRACTION' 657  0.094  0.500  ? ? 
r_xyhbond_nbd_refined    'X-RAY DIFFRACTION' 146  0.246  0.500  ? ? 
r_symmetry_vdw_refined   'X-RAY DIFFRACTION' 19   0.274  0.300  ? ? 
r_symmetry_vdw_other     'X-RAY DIFFRACTION' 35   0.300  0.300  ? ? 
r_symmetry_hbond_refined 'X-RAY DIFFRACTION' 30   0.321  0.500  ? ? 
r_symmetry_hbond_other   'X-RAY DIFFRACTION' 1    0.381  0.500  ? ? 
r_mcbond_it              'X-RAY DIFFRACTION' 765  2.034  3.000  ? ? 
r_mcbond_other           'X-RAY DIFFRACTION' 296  0.460  3.000  ? ? 
r_mcangle_it             'X-RAY DIFFRACTION' 1209 3.095  5.000  ? ? 
r_scbond_it              'X-RAY DIFFRACTION' 485  4.880  8.000  ? ? 
r_scangle_it             'X-RAY DIFFRACTION' 399  6.394  11.000 ? ? 
# 
_refine_ls_shell.d_res_high                       1.400 
_refine_ls_shell.d_res_low                        1.436 
_refine_ls_shell.pdbx_total_number_of_bins_used   20 
_refine_ls_shell.percent_reflns_obs               100.000 
_refine_ls_shell.number_reflns_R_work             1731 
_refine_ls_shell.R_factor_all                     ? 
_refine_ls_shell.R_factor_R_work                  0.239 
_refine_ls_shell.R_factor_R_free                  0.296 
_refine_ls_shell.percent_reflns_R_free            ? 
_refine_ls_shell.number_reflns_R_free             85 
_refine_ls_shell.R_factor_R_free_error            ? 
_refine_ls_shell.number_reflns_all                1816 
_refine_ls_shell.number_reflns_obs                ? 
_refine_ls_shell.redundancy_reflns_obs            ? 
_refine_ls_shell.pdbx_refine_id                   'X-RAY DIFFRACTION' 
# 
_struct.entry_id                  3HZP 
_struct.title                     
;Crystal structure of NTF2-like protein of unknown function MN2A_0505 from Prochlorococcus marinus (YP_291699.1) from Prochlorococcus sp. NATL2A at 1.40 A resolution
;
_struct.pdbx_model_details        ? 
_struct.pdbx_CASP_flag            ? 
_struct.pdbx_model_type_details   ? 
# 
_struct_keywords.text            
;YP_291699.1, NTF2-like protein of unknown function MN2A_0505 from Prochlorococcus marinus, Structural Genomics, Joint Center for Structural Genomics, JCSG, Protein Structure Initiative, PSI-2, unknown function
;
_struct_keywords.pdbx_keywords   'Structural Genomics, unknown function' 
_struct_keywords.entry_id        3HZP 
# 
loop_
_struct_asym.id 
_struct_asym.pdbx_blank_PDB_chainid_flag 
_struct_asym.pdbx_modified 
_struct_asym.entity_id 
_struct_asym.details 
A N N 1 ? 
B N N 2 ? 
C N N 3 ? 
# 
_struct_ref.id                         1 
_struct_ref.db_name                    UNP 
_struct_ref.db_code                    Q46KI2_PROMT 
_struct_ref.pdbx_db_accession          Q46KI2 
_struct_ref.entity_id                  1 
_struct_ref.pdbx_seq_one_letter_code   
;MSSKEEILSILEAFASTERMGSFFLDNATADFLFIRPSGNPLDAKGFENMWSSGDLVLESAEITKVHKFELLGSNAAICV
FTLGSKFTYKGTQNDDLPTVTSIFKKIDEKWKVAWMQRSSGQSDMTLWNE
;
_struct_ref.pdbx_align_begin           1 
_struct_ref.pdbx_db_isoform            ? 
# 
_struct_ref_seq.align_id                      1 
_struct_ref_seq.ref_id                        1 
_struct_ref_seq.pdbx_PDB_id_code              3HZP 
_struct_ref_seq.pdbx_strand_id                A 
_struct_ref_seq.seq_align_beg                 2 
_struct_ref_seq.pdbx_seq_align_beg_ins_code   ? 
_struct_ref_seq.seq_align_end                 131 
_struct_ref_seq.pdbx_seq_align_end_ins_code   ? 
_struct_ref_seq.pdbx_db_accession             Q46KI2 
_struct_ref_seq.db_align_beg                  1 
_struct_ref_seq.pdbx_db_align_beg_ins_code    ? 
_struct_ref_seq.db_align_end                  130 
_struct_ref_seq.pdbx_db_align_end_ins_code    ? 
_struct_ref_seq.pdbx_auth_seq_align_beg       1 
_struct_ref_seq.pdbx_auth_seq_align_end       130 
# 
_struct_ref_seq_dif.align_id                     1 
_struct_ref_seq_dif.pdbx_pdb_id_code             3HZP 
_struct_ref_seq_dif.mon_id                       GLY 
_struct_ref_seq_dif.pdbx_pdb_strand_id           A 
_struct_ref_seq_dif.seq_num                      1 
_struct_ref_seq_dif.pdbx_pdb_ins_code            ? 
_struct_ref_seq_dif.pdbx_seq_db_name             UNP 
_struct_ref_seq_dif.pdbx_seq_db_accession_code   Q46KI2 
_struct_ref_seq_dif.db_mon_id                    ? 
_struct_ref_seq_dif.pdbx_seq_db_seq_num          ? 
_struct_ref_seq_dif.details                      'expression tag' 
_struct_ref_seq_dif.pdbx_auth_seq_num            0 
_struct_ref_seq_dif.pdbx_ordinal                 1 
# 
_pdbx_struct_assembly.id                   1 
_pdbx_struct_assembly.details              author_and_software_defined_assembly 
_pdbx_struct_assembly.method_details       PISA 
_pdbx_struct_assembly.oligomeric_details   dimeric 
_pdbx_struct_assembly.oligomeric_count     2 
# 
loop_
_pdbx_struct_assembly_prop.biol_id 
_pdbx_struct_assembly_prop.type 
_pdbx_struct_assembly_prop.value 
_pdbx_struct_assembly_prop.details 
1 'ABSA (A^2)' 3390  ? 
1 MORE         -20   ? 
1 'SSA (A^2)'  11380 ? 
# 
_pdbx_struct_assembly_gen.assembly_id       1 
_pdbx_struct_assembly_gen.oper_expression   1,2 
_pdbx_struct_assembly_gen.asym_id_list      A,B,C 
# 
_pdbx_struct_assembly_auth_evidence.id                     1 
_pdbx_struct_assembly_auth_evidence.assembly_id            1 
_pdbx_struct_assembly_auth_evidence.experimental_support   'gel filtration' 
_pdbx_struct_assembly_auth_evidence.details                ? 
# 
loop_
_pdbx_struct_oper_list.id 
_pdbx_struct_oper_list.type 
_pdbx_struct_oper_list.name 
_pdbx_struct_oper_list.symmetry_operation 
_pdbx_struct_oper_list.matrix[1][1] 
_pdbx_struct_oper_list.matrix[1][2] 
_pdbx_struct_oper_list.matrix[1][3] 
_pdbx_struct_oper_list.vector[1] 
_pdbx_struct_oper_list.matrix[2][1] 
_pdbx_struct_oper_list.matrix[2][2] 
_pdbx_struct_oper_list.matrix[2][3] 
_pdbx_struct_oper_list.vector[2] 
_pdbx_struct_oper_list.matrix[3][1] 
_pdbx_struct_oper_list.matrix[3][2] 
_pdbx_struct_oper_list.matrix[3][3] 
_pdbx_struct_oper_list.vector[3] 
1 'identity operation'         1_555 x,y,z         1.0000000000 0.0000000000 0.0000000000 0.0000000000   0.0000000000 1.0000000000  0.0000000000 0.0000000000  0.0000000000 0.0000000000 1.0000000000  0.0000000000  
2 'crystal symmetry operation' 5_555 x-y,-y,-z+1/3 0.5081460306 0.1665182244 0.8450202912 -10.6768882670 0.1665182244 -0.9816143009 0.0933008314 11.3120465515 0.8450202912 0.0933008314 -0.5265317297 16.8263944688 
# 
_struct_biol.id        1 
_struct_biol.details   
;ANALYTICAL SIZE EXCLUSION CHROMATOGRAPHY PROVIDES SUPPORTING EVIDENCE THAT THE DIMER IS THE SIGNIFICANT OLIGOMERIZATION STATE IN SOLUTION.
;
# 
loop_
_struct_conf.conf_type_id 
_struct_conf.id 
_struct_conf.pdbx_PDB_helix_id 
_struct_conf.beg_label_comp_id 
_struct_conf.beg_label_asym_id 
_struct_conf.beg_label_seq_id 
_struct_conf.pdbx_beg_PDB_ins_code 
_struct_conf.end_label_comp_id 
_struct_conf.end_label_asym_id 
_struct_conf.end_label_seq_id 
_struct_conf.pdbx_end_PDB_ins_code 
_struct_conf.beg_auth_comp_id 
_struct_conf.beg_auth_asym_id 
_struct_conf.beg_auth_seq_id 
_struct_conf.end_auth_comp_id 
_struct_conf.end_auth_asym_id 
_struct_conf.end_auth_seq_id 
_struct_conf.pdbx_PDB_helix_class 
_struct_conf.details 
_struct_conf.pdbx_PDB_helix_length 
HELX_P HELX_P1 1 SER A 3   ? ALA A 16  ? SER A 2   ALA A 15  1 ? 14 
HELX_P HELX_P2 2 SER A 23  ? ALA A 29  ? SER A 22  ALA A 28  1 ? 7  
HELX_P HELX_P3 3 ASP A 44  ? SER A 53  ? ASP A 43  SER A 52  1 ? 10 
HELX_P HELX_P4 4 ASP A 125 ? TRP A 129 ? ASP A 124 TRP A 128 5 ? 5  
# 
_struct_conf_type.id          HELX_P 
_struct_conf_type.criteria    ? 
_struct_conf_type.reference   ? 
# 
loop_
_struct_conn.id 
_struct_conn.conn_type_id 
_struct_conn.pdbx_leaving_atom_flag 
_struct_conn.pdbx_PDB_id 
_struct_conn.ptnr1_label_asym_id 
_struct_conn.ptnr1_label_comp_id 
_struct_conn.ptnr1_label_seq_id 
_struct_conn.ptnr1_label_atom_id 
_struct_conn.pdbx_ptnr1_label_alt_id 
_struct_conn.pdbx_ptnr1_PDB_ins_code 
_struct_conn.pdbx_ptnr1_standard_comp_id 
_struct_conn.ptnr1_symmetry 
_struct_conn.ptnr2_label_asym_id 
_struct_conn.ptnr2_label_comp_id 
_struct_conn.ptnr2_label_seq_id 
_struct_conn.ptnr2_label_atom_id 
_struct_conn.pdbx_ptnr2_label_alt_id 
_struct_conn.pdbx_ptnr2_PDB_ins_code 
_struct_conn.ptnr1_auth_asym_id 
_struct_conn.ptnr1_auth_comp_id 
_struct_conn.ptnr1_auth_seq_id 
_struct_conn.ptnr2_auth_asym_id 
_struct_conn.ptnr2_auth_comp_id 
_struct_conn.ptnr2_auth_seq_id 
_struct_conn.ptnr2_symmetry 
_struct_conn.pdbx_ptnr3_label_atom_id 
_struct_conn.pdbx_ptnr3_label_seq_id 
_struct_conn.pdbx_ptnr3_label_comp_id 
_struct_conn.pdbx_ptnr3_label_asym_id 
_struct_conn.pdbx_ptnr3_label_alt_id 
_struct_conn.pdbx_ptnr3_PDB_ins_code 
_struct_conn.details 
_struct_conn.pdbx_dist_value 
_struct_conn.pdbx_value_order 
_struct_conn.pdbx_role 
covale1  covale both ? A MSE 2   C ? ? ? 1_555 A SER 3   N ? ? A MSE 1   A SER 2   1_555 ? ? ? ? ? ? ? 1.325 ? ? 
covale2  covale both ? A ARG 20  C ? ? ? 1_555 A MSE 21  N ? ? A ARG 19  A MSE 20  1_555 ? ? ? ? ? ? ? 1.338 ? ? 
covale3  covale both ? A MSE 21  C ? ? ? 1_555 A GLY 22  N ? ? A MSE 20  A GLY 21  1_555 ? ? ? ? ? ? ? 1.332 ? ? 
covale4  covale both ? A ASN 50  C ? ? ? 1_555 A MSE 51  N A ? A ASN 49  A MSE 50  1_555 ? ? ? ? ? ? ? 1.323 ? ? 
covale5  covale both ? A ASN 50  C ? ? ? 1_555 A MSE 51  N B ? A ASN 49  A MSE 50  1_555 ? ? ? ? ? ? ? 1.326 ? ? 
covale6  covale both ? A MSE 51  C A ? ? 1_555 A TRP 52  N ? ? A MSE 50  A TRP 51  1_555 ? ? ? ? ? ? ? 1.330 ? ? 
covale7  covale both ? A MSE 51  C B ? ? 1_555 A TRP 52  N ? ? A MSE 50  A TRP 51  1_555 ? ? ? ? ? ? ? 1.331 ? ? 
covale8  covale both ? A TRP 116 C ? ? ? 1_555 A MSE 117 N A ? A TRP 115 A MSE 116 1_555 ? ? ? ? ? ? ? 1.323 ? ? 
covale9  covale both ? A TRP 116 C ? ? ? 1_555 A MSE 117 N B ? A TRP 115 A MSE 116 1_555 ? ? ? ? ? ? ? 1.319 ? ? 
covale10 covale both ? A MSE 117 C A ? ? 1_555 A GLN 118 N ? ? A MSE 116 A GLN 117 1_555 ? ? ? ? ? ? ? 1.335 ? ? 
covale11 covale both ? A MSE 117 C B ? ? 1_555 A GLN 118 N ? ? A MSE 116 A GLN 117 1_555 ? ? ? ? ? ? ? 1.328 ? ? 
covale12 covale both ? A ASP 125 C ? ? ? 1_555 A MSE 126 N A ? A ASP 124 A MSE 125 1_555 ? ? ? ? ? ? ? 1.330 ? ? 
covale13 covale both ? A ASP 125 C ? ? ? 1_555 A MSE 126 N B ? A ASP 124 A MSE 125 1_555 ? ? ? ? ? ? ? 1.326 ? ? 
covale14 covale both ? A MSE 126 C A ? ? 1_555 A THR 127 N ? ? A MSE 125 A THR 126 1_555 ? ? ? ? ? ? ? 1.323 ? ? 
covale15 covale both ? A MSE 126 C B ? ? 1_555 A THR 127 N ? ? A MSE 125 A THR 126 1_555 ? ? ? ? ? ? ? 1.332 ? ? 
# 
_struct_conn_type.id          covale 
_struct_conn_type.criteria    ? 
_struct_conn_type.reference   ? 
# 
loop_
_pdbx_modification_feature.ordinal 
_pdbx_modification_feature.label_comp_id 
_pdbx_modification_feature.label_asym_id 
_pdbx_modification_feature.label_seq_id 
_pdbx_modification_feature.label_alt_id 
_pdbx_modification_feature.modified_residue_label_comp_id 
_pdbx_modification_feature.modified_residue_label_asym_id 
_pdbx_modification_feature.modified_residue_label_seq_id 
_pdbx_modification_feature.modified_residue_label_alt_id 
_pdbx_modification_feature.auth_comp_id 
_pdbx_modification_feature.auth_asym_id 
_pdbx_modification_feature.auth_seq_id 
_pdbx_modification_feature.PDB_ins_code 
_pdbx_modification_feature.symmetry 
_pdbx_modification_feature.modified_residue_auth_comp_id 
_pdbx_modification_feature.modified_residue_auth_asym_id 
_pdbx_modification_feature.modified_residue_auth_seq_id 
_pdbx_modification_feature.modified_residue_PDB_ins_code 
_pdbx_modification_feature.modified_residue_symmetry 
_pdbx_modification_feature.comp_id_linking_atom 
_pdbx_modification_feature.modified_residue_id_linking_atom 
_pdbx_modification_feature.modified_residue_id 
_pdbx_modification_feature.ref_pcm_id 
_pdbx_modification_feature.ref_comp_id 
_pdbx_modification_feature.type 
_pdbx_modification_feature.category 
1 MSE A 2   ? . . . . MSE A 1   ? 1_555 . . . . . . . MET 1 MSE Selenomethionine 'Named protein modification' 
2 MSE A 21  ? . . . . MSE A 20  ? 1_555 . . . . . . . MET 1 MSE Selenomethionine 'Named protein modification' 
3 MSE A 51  A . . . . MSE A 50  ? 1_555 . . . . . . . MET 1 MSE Selenomethionine 'Named protein modification' 
4 MSE A 51  B . . . . MSE A 50  ? 1_555 . . . . . . . MET 1 MSE Selenomethionine 'Named protein modification' 
5 MSE A 117 A . . . . MSE A 116 ? 1_555 . . . . . . . MET 1 MSE Selenomethionine 'Named protein modification' 
6 MSE A 117 B . . . . MSE A 116 ? 1_555 . . . . . . . MET 1 MSE Selenomethionine 'Named protein modification' 
7 MSE A 126 A . . . . MSE A 125 ? 1_555 . . . . . . . MET 1 MSE Selenomethionine 'Named protein modification' 
8 MSE A 126 B . . . . MSE A 125 ? 1_555 . . . . . . . MET 1 MSE Selenomethionine 'Named protein modification' 
# 
loop_
_struct_sheet.id 
_struct_sheet.type 
_struct_sheet.number_strands 
_struct_sheet.details 
A ? 6 ? 
B ? 6 ? 
# 
loop_
_struct_sheet_order.sheet_id 
_struct_sheet_order.range_id_1 
_struct_sheet_order.range_id_2 
_struct_sheet_order.offset 
_struct_sheet_order.sense 
A 1 2 ? anti-parallel 
A 2 3 ? parallel      
A 3 4 ? anti-parallel 
A 4 5 ? anti-parallel 
A 5 6 ? anti-parallel 
B 1 2 ? anti-parallel 
B 2 3 ? parallel      
B 3 4 ? anti-parallel 
B 4 5 ? anti-parallel 
B 5 6 ? anti-parallel 
# 
loop_
_struct_sheet_range.sheet_id 
_struct_sheet_range.id 
_struct_sheet_range.beg_label_comp_id 
_struct_sheet_range.beg_label_asym_id 
_struct_sheet_range.beg_label_seq_id 
_struct_sheet_range.pdbx_beg_PDB_ins_code 
_struct_sheet_range.end_label_comp_id 
_struct_sheet_range.end_label_asym_id 
_struct_sheet_range.end_label_seq_id 
_struct_sheet_range.pdbx_end_PDB_ins_code 
_struct_sheet_range.beg_auth_comp_id 
_struct_sheet_range.beg_auth_asym_id 
_struct_sheet_range.beg_auth_seq_id 
_struct_sheet_range.end_auth_comp_id 
_struct_sheet_range.end_auth_asym_id 
_struct_sheet_range.end_auth_seq_id 
A 1 PRO A 42  ? LEU A 43  ? PRO A 41  LEU A 42  
A 2 PHE A 35  ? ILE A 36  ? PHE A 34  ILE A 35  
A 3 LYS A 111 ? ARG A 119 ? LYS A 110 ARG A 118 
A 4 THR A 100 ? ILE A 108 ? THR A 99  ILE A 107 
A 5 ALA A 77  ? TYR A 90  ? ALA A 76  TYR A 89  
A 6 LEU A 57  ? LEU A 72  ? LEU A 56  LEU A 71  
B 1 PRO A 42  ? LEU A 43  ? PRO A 41  LEU A 42  
B 2 PHE A 35  ? ILE A 36  ? PHE A 34  ILE A 35  
B 3 LYS A 111 ? ARG A 119 ? LYS A 110 ARG A 118 
B 4 THR A 100 ? ILE A 108 ? THR A 99  ILE A 107 
B 5 ALA A 77  ? TYR A 90  ? ALA A 76  TYR A 89  
B 6 THR A 93  ? ASP A 97  ? THR A 92  ASP A 96  
# 
loop_
_pdbx_struct_sheet_hbond.sheet_id 
_pdbx_struct_sheet_hbond.range_id_1 
_pdbx_struct_sheet_hbond.range_id_2 
_pdbx_struct_sheet_hbond.range_1_label_atom_id 
_pdbx_struct_sheet_hbond.range_1_label_comp_id 
_pdbx_struct_sheet_hbond.range_1_label_asym_id 
_pdbx_struct_sheet_hbond.range_1_label_seq_id 
_pdbx_struct_sheet_hbond.range_1_PDB_ins_code 
_pdbx_struct_sheet_hbond.range_1_auth_atom_id 
_pdbx_struct_sheet_hbond.range_1_auth_comp_id 
_pdbx_struct_sheet_hbond.range_1_auth_asym_id 
_pdbx_struct_sheet_hbond.range_1_auth_seq_id 
_pdbx_struct_sheet_hbond.range_2_label_atom_id 
_pdbx_struct_sheet_hbond.range_2_label_comp_id 
_pdbx_struct_sheet_hbond.range_2_label_asym_id 
_pdbx_struct_sheet_hbond.range_2_label_seq_id 
_pdbx_struct_sheet_hbond.range_2_PDB_ins_code 
_pdbx_struct_sheet_hbond.range_2_auth_atom_id 
_pdbx_struct_sheet_hbond.range_2_auth_comp_id 
_pdbx_struct_sheet_hbond.range_2_auth_asym_id 
_pdbx_struct_sheet_hbond.range_2_auth_seq_id 
A 1 2 O LEU A 43  ? O LEU A 42  N PHE A 35  ? N PHE A 34  
A 2 3 N ILE A 36  ? N ILE A 35  O MSE A 117 ? O MSE A 116 
A 3 4 O ALA A 115 ? O ALA A 114 N ILE A 104 ? N ILE A 103 
A 4 5 O VAL A 101 ? O VAL A 100 N PHE A 82  ? N PHE A 81  
A 5 6 O THR A 89  ? O THR A 88  N VAL A 58  ? N VAL A 57  
B 1 2 O LEU A 43  ? O LEU A 42  N PHE A 35  ? N PHE A 34  
B 2 3 N ILE A 36  ? N ILE A 35  O MSE A 117 ? O MSE A 116 
B 3 4 O ALA A 115 ? O ALA A 114 N ILE A 104 ? N ILE A 103 
B 4 5 O VAL A 101 ? O VAL A 100 N PHE A 82  ? N PHE A 81  
B 5 6 N PHE A 88  ? N PHE A 87  O ASN A 95  ? O ASN A 94  
# 
_struct_site.id                   AC1 
_struct_site.pdbx_evidence_code   Software 
_struct_site.pdbx_auth_asym_id    A 
_struct_site.pdbx_auth_comp_id    1PE 
_struct_site.pdbx_auth_seq_id     131 
_struct_site.pdbx_auth_ins_code   ? 
_struct_site.pdbx_num_residues    7 
_struct_site.details              'BINDING SITE FOR RESIDUE 1PE A 131' 
# 
loop_
_struct_site_gen.id 
_struct_site_gen.site_id 
_struct_site_gen.pdbx_num_res 
_struct_site_gen.label_comp_id 
_struct_site_gen.label_asym_id 
_struct_site_gen.label_seq_id 
_struct_site_gen.pdbx_auth_ins_code 
_struct_site_gen.auth_comp_id 
_struct_site_gen.auth_asym_id 
_struct_site_gen.auth_seq_id 
_struct_site_gen.label_atom_id 
_struct_site_gen.label_alt_id 
_struct_site_gen.symmetry 
_struct_site_gen.details 
1 AC1 7 PHE A 35  ? PHE A 34  . ? 1_555 ? 
2 AC1 7 TRP A 52  ? TRP A 51  . ? 1_555 ? 
3 AC1 7 LEU A 84  ? LEU A 83  . ? 1_555 ? 
4 AC1 7 PHE A 88  ? PHE A 87  . ? 1_555 ? 
5 AC1 7 ARG A 119 ? ARG A 118 . ? 1_555 ? 
6 AC1 7 HOH C .   ? HOH A 206 . ? 1_555 ? 
7 AC1 7 HOH C .   ? HOH A 217 . ? 1_555 ? 
# 
_pdbx_entry_details.entry_id                   3HZP 
_pdbx_entry_details.compound_details           ? 
_pdbx_entry_details.source_details             ? 
_pdbx_entry_details.nonpolymer_details         ? 
_pdbx_entry_details.sequence_details           
;THE CONSTRUCT WAS EXPRESSED WITH A PURIFICATION TAG MGSDKIHHHHHHENLYFQG. THE TAG WAS REMOVED WITH TEV PROTEASE LEAVING ONLY A GLYCINE (0) FOLLOWED BY THE TARGET SEQUENCE.
;
_pdbx_entry_details.has_ligand_of_interest     ? 
_pdbx_entry_details.has_protein_modification   Y 
# 
_pdbx_validate_symm_contact.id                1 
_pdbx_validate_symm_contact.PDB_model_num     1 
_pdbx_validate_symm_contact.auth_atom_id_1    N 
_pdbx_validate_symm_contact.auth_asym_id_1    A 
_pdbx_validate_symm_contact.auth_comp_id_1    SER 
_pdbx_validate_symm_contact.auth_seq_id_1     3 
_pdbx_validate_symm_contact.PDB_ins_code_1    ? 
_pdbx_validate_symm_contact.label_alt_id_1    ? 
_pdbx_validate_symm_contact.site_symmetry_1   1_555 
_pdbx_validate_symm_contact.auth_atom_id_2    OE1 
_pdbx_validate_symm_contact.auth_asym_id_2    A 
_pdbx_validate_symm_contact.auth_comp_id_2    GLU 
_pdbx_validate_symm_contact.auth_seq_id_2     59 
_pdbx_validate_symm_contact.PDB_ins_code_2    ? 
_pdbx_validate_symm_contact.label_alt_id_2    B 
_pdbx_validate_symm_contact.site_symmetry_2   4_545 
_pdbx_validate_symm_contact.dist              2.02 
# 
_pdbx_SG_project.project_name          'PSI, Protein Structure Initiative' 
_pdbx_SG_project.full_name_of_center   'Joint Center for Structural Genomics' 
_pdbx_SG_project.id                    1 
_pdbx_SG_project.initial_of_center     JCSG 
# 
loop_
_pdbx_struct_mod_residue.id 
_pdbx_struct_mod_residue.label_asym_id 
_pdbx_struct_mod_residue.label_comp_id 
_pdbx_struct_mod_residue.label_seq_id 
_pdbx_struct_mod_residue.auth_asym_id 
_pdbx_struct_mod_residue.auth_comp_id 
_pdbx_struct_mod_residue.auth_seq_id 
_pdbx_struct_mod_residue.PDB_ins_code 
_pdbx_struct_mod_residue.parent_comp_id 
_pdbx_struct_mod_residue.details 
1 A MSE 2   A MSE 1   ? MET SELENOMETHIONINE 
2 A MSE 21  A MSE 20  ? MET SELENOMETHIONINE 
3 A MSE 51  A MSE 50  ? MET SELENOMETHIONINE 
4 A MSE 117 A MSE 116 ? MET SELENOMETHIONINE 
5 A MSE 126 A MSE 125 ? MET SELENOMETHIONINE 
# 
loop_
_pdbx_struct_special_symmetry.id 
_pdbx_struct_special_symmetry.PDB_model_num 
_pdbx_struct_special_symmetry.auth_asym_id 
_pdbx_struct_special_symmetry.auth_comp_id 
_pdbx_struct_special_symmetry.auth_seq_id 
_pdbx_struct_special_symmetry.PDB_ins_code 
_pdbx_struct_special_symmetry.label_asym_id 
_pdbx_struct_special_symmetry.label_comp_id 
_pdbx_struct_special_symmetry.label_seq_id 
1 1 A HOH 132 ? C HOH . 
2 1 A HOH 140 ? C HOH . 
# 
_pdbx_refine_tls.pdbx_refine_id   'X-RAY DIFFRACTION' 
_pdbx_refine_tls.id               1 
_pdbx_refine_tls.details          ? 
_pdbx_refine_tls.method           refined 
_pdbx_refine_tls.origin_x         -0.3184 
_pdbx_refine_tls.origin_y         0.3349 
_pdbx_refine_tls.origin_z         0.4508 
_pdbx_refine_tls.T[1][1]          -0.0143 
_pdbx_refine_tls.T[2][2]          -0.0230 
_pdbx_refine_tls.T[3][3]          -0.0245 
_pdbx_refine_tls.T[1][2]          -0.0076 
_pdbx_refine_tls.T[1][3]          0.0110 
_pdbx_refine_tls.T[2][3]          0.0005 
_pdbx_refine_tls.L[1][1]          0.9373 
_pdbx_refine_tls.L[2][2]          0.6280 
_pdbx_refine_tls.L[3][3]          0.5576 
_pdbx_refine_tls.L[1][2]          -0.3882 
_pdbx_refine_tls.L[1][3]          0.0368 
_pdbx_refine_tls.L[2][3]          0.0516 
_pdbx_refine_tls.S[1][1]          -0.0049 
_pdbx_refine_tls.S[2][2]          0.0043 
_pdbx_refine_tls.S[3][3]          0.0006 
_pdbx_refine_tls.S[1][2]          0.0842 
_pdbx_refine_tls.S[1][3]          -0.0379 
_pdbx_refine_tls.S[2][3]          -0.0210 
_pdbx_refine_tls.S[2][1]          -0.0542 
_pdbx_refine_tls.S[3][1]          -0.0272 
_pdbx_refine_tls.S[3][2]          0.0652 
# 
_pdbx_refine_tls_group.pdbx_refine_id      'X-RAY DIFFRACTION' 
_pdbx_refine_tls_group.beg_auth_seq_id     1 
_pdbx_refine_tls_group.selection_details   ? 
_pdbx_refine_tls_group.id                  1 
_pdbx_refine_tls_group.refine_tls_id       1 
_pdbx_refine_tls_group.beg_auth_asym_id    A 
_pdbx_refine_tls_group.end_auth_asym_id    A 
_pdbx_refine_tls_group.end_auth_seq_id     128 
_pdbx_refine_tls_group.beg_label_asym_id   . 
_pdbx_refine_tls_group.beg_label_seq_id    . 
_pdbx_refine_tls_group.end_label_asym_id   . 
_pdbx_refine_tls_group.end_label_seq_id    . 
_pdbx_refine_tls_group.selection           ? 
# 
_phasing.method   MAD 
# 
loop_
_pdbx_unobs_or_zero_occ_residues.id 
_pdbx_unobs_or_zero_occ_residues.PDB_model_num 
_pdbx_unobs_or_zero_occ_residues.polymer_flag 
_pdbx_unobs_or_zero_occ_residues.occupancy_flag 
_pdbx_unobs_or_zero_occ_residues.auth_asym_id 
_pdbx_unobs_or_zero_occ_residues.auth_comp_id 
_pdbx_unobs_or_zero_occ_residues.auth_seq_id 
_pdbx_unobs_or_zero_occ_residues.PDB_ins_code 
_pdbx_unobs_or_zero_occ_residues.label_asym_id 
_pdbx_unobs_or_zero_occ_residues.label_comp_id 
_pdbx_unobs_or_zero_occ_residues.label_seq_id 
1 1 Y 1 A GLY 0   ? A GLY 1   
2 1 Y 1 A ASN 129 ? A ASN 130 
3 1 Y 1 A GLU 130 ? A GLU 131 
# 
loop_
_chem_comp_atom.comp_id 
_chem_comp_atom.atom_id 
_chem_comp_atom.type_symbol 
_chem_comp_atom.pdbx_aromatic_flag 
_chem_comp_atom.pdbx_stereo_config 
_chem_comp_atom.pdbx_ordinal 
1PE OH2  O  N N 1   
1PE C12  C  N N 2   
1PE C22  C  N N 3   
1PE OH3  O  N N 4   
1PE C13  C  N N 5   
1PE C23  C  N N 6   
1PE OH4  O  N N 7   
1PE C14  C  N N 8   
1PE C24  C  N N 9   
1PE OH5  O  N N 10  
1PE C15  C  N N 11  
1PE C25  C  N N 12  
1PE OH6  O  N N 13  
1PE C16  C  N N 14  
1PE C26  C  N N 15  
1PE OH7  O  N N 16  
1PE HO2  H  N N 17  
1PE H121 H  N N 18  
1PE H122 H  N N 19  
1PE H221 H  N N 20  
1PE H222 H  N N 21  
1PE H131 H  N N 22  
1PE H132 H  N N 23  
1PE H231 H  N N 24  
1PE H232 H  N N 25  
1PE H141 H  N N 26  
1PE H142 H  N N 27  
1PE H241 H  N N 28  
1PE H242 H  N N 29  
1PE H151 H  N N 30  
1PE H152 H  N N 31  
1PE H251 H  N N 32  
1PE H252 H  N N 33  
1PE H161 H  N N 34  
1PE H162 H  N N 35  
1PE H261 H  N N 36  
1PE H262 H  N N 37  
1PE HO7  H  N N 38  
ALA N    N  N N 39  
ALA CA   C  N S 40  
ALA C    C  N N 41  
ALA O    O  N N 42  
ALA CB   C  N N 43  
ALA OXT  O  N N 44  
ALA H    H  N N 45  
ALA H2   H  N N 46  
ALA HA   H  N N 47  
ALA HB1  H  N N 48  
ALA HB2  H  N N 49  
ALA HB3  H  N N 50  
ALA HXT  H  N N 51  
ARG N    N  N N 52  
ARG CA   C  N S 53  
ARG C    C  N N 54  
ARG O    O  N N 55  
ARG CB   C  N N 56  
ARG CG   C  N N 57  
ARG CD   C  N N 58  
ARG NE   N  N N 59  
ARG CZ   C  N N 60  
ARG NH1  N  N N 61  
ARG NH2  N  N N 62  
ARG OXT  O  N N 63  
ARG H    H  N N 64  
ARG H2   H  N N 65  
ARG HA   H  N N 66  
ARG HB2  H  N N 67  
ARG HB3  H  N N 68  
ARG HG2  H  N N 69  
ARG HG3  H  N N 70  
ARG HD2  H  N N 71  
ARG HD3  H  N N 72  
ARG HE   H  N N 73  
ARG HH11 H  N N 74  
ARG HH12 H  N N 75  
ARG HH21 H  N N 76  
ARG HH22 H  N N 77  
ARG HXT  H  N N 78  
ASN N    N  N N 79  
ASN CA   C  N S 80  
ASN C    C  N N 81  
ASN O    O  N N 82  
ASN CB   C  N N 83  
ASN CG   C  N N 84  
ASN OD1  O  N N 85  
ASN ND2  N  N N 86  
ASN OXT  O  N N 87  
ASN H    H  N N 88  
ASN H2   H  N N 89  
ASN HA   H  N N 90  
ASN HB2  H  N N 91  
ASN HB3  H  N N 92  
ASN HD21 H  N N 93  
ASN HD22 H  N N 94  
ASN HXT  H  N N 95  
ASP N    N  N N 96  
ASP CA   C  N S 97  
ASP C    C  N N 98  
ASP O    O  N N 99  
ASP CB   C  N N 100 
ASP CG   C  N N 101 
ASP OD1  O  N N 102 
ASP OD2  O  N N 103 
ASP OXT  O  N N 104 
ASP H    H  N N 105 
ASP H2   H  N N 106 
ASP HA   H  N N 107 
ASP HB2  H  N N 108 
ASP HB3  H  N N 109 
ASP HD2  H  N N 110 
ASP HXT  H  N N 111 
CYS N    N  N N 112 
CYS CA   C  N R 113 
CYS C    C  N N 114 
CYS O    O  N N 115 
CYS CB   C  N N 116 
CYS SG   S  N N 117 
CYS OXT  O  N N 118 
CYS H    H  N N 119 
CYS H2   H  N N 120 
CYS HA   H  N N 121 
CYS HB2  H  N N 122 
CYS HB3  H  N N 123 
CYS HG   H  N N 124 
CYS HXT  H  N N 125 
GLN N    N  N N 126 
GLN CA   C  N S 127 
GLN C    C  N N 128 
GLN O    O  N N 129 
GLN CB   C  N N 130 
GLN CG   C  N N 131 
GLN CD   C  N N 132 
GLN OE1  O  N N 133 
GLN NE2  N  N N 134 
GLN OXT  O  N N 135 
GLN H    H  N N 136 
GLN H2   H  N N 137 
GLN HA   H  N N 138 
GLN HB2  H  N N 139 
GLN HB3  H  N N 140 
GLN HG2  H  N N 141 
GLN HG3  H  N N 142 
GLN HE21 H  N N 143 
GLN HE22 H  N N 144 
GLN HXT  H  N N 145 
GLU N    N  N N 146 
GLU CA   C  N S 147 
GLU C    C  N N 148 
GLU O    O  N N 149 
GLU CB   C  N N 150 
GLU CG   C  N N 151 
GLU CD   C  N N 152 
GLU OE1  O  N N 153 
GLU OE2  O  N N 154 
GLU OXT  O  N N 155 
GLU H    H  N N 156 
GLU H2   H  N N 157 
GLU HA   H  N N 158 
GLU HB2  H  N N 159 
GLU HB3  H  N N 160 
GLU HG2  H  N N 161 
GLU HG3  H  N N 162 
GLU HE2  H  N N 163 
GLU HXT  H  N N 164 
GLY N    N  N N 165 
GLY CA   C  N N 166 
GLY C    C  N N 167 
GLY O    O  N N 168 
GLY OXT  O  N N 169 
GLY H    H  N N 170 
GLY H2   H  N N 171 
GLY HA2  H  N N 172 
GLY HA3  H  N N 173 
GLY HXT  H  N N 174 
HIS N    N  N N 175 
HIS CA   C  N S 176 
HIS C    C  N N 177 
HIS O    O  N N 178 
HIS CB   C  N N 179 
HIS CG   C  Y N 180 
HIS ND1  N  Y N 181 
HIS CD2  C  Y N 182 
HIS CE1  C  Y N 183 
HIS NE2  N  Y N 184 
HIS OXT  O  N N 185 
HIS H    H  N N 186 
HIS H2   H  N N 187 
HIS HA   H  N N 188 
HIS HB2  H  N N 189 
HIS HB3  H  N N 190 
HIS HD1  H  N N 191 
HIS HD2  H  N N 192 
HIS HE1  H  N N 193 
HIS HE2  H  N N 194 
HIS HXT  H  N N 195 
HOH O    O  N N 196 
HOH H1   H  N N 197 
HOH H2   H  N N 198 
ILE N    N  N N 199 
ILE CA   C  N S 200 
ILE C    C  N N 201 
ILE O    O  N N 202 
ILE CB   C  N S 203 
ILE CG1  C  N N 204 
ILE CG2  C  N N 205 
ILE CD1  C  N N 206 
ILE OXT  O  N N 207 
ILE H    H  N N 208 
ILE H2   H  N N 209 
ILE HA   H  N N 210 
ILE HB   H  N N 211 
ILE HG12 H  N N 212 
ILE HG13 H  N N 213 
ILE HG21 H  N N 214 
ILE HG22 H  N N 215 
ILE HG23 H  N N 216 
ILE HD11 H  N N 217 
ILE HD12 H  N N 218 
ILE HD13 H  N N 219 
ILE HXT  H  N N 220 
LEU N    N  N N 221 
LEU CA   C  N S 222 
LEU C    C  N N 223 
LEU O    O  N N 224 
LEU CB   C  N N 225 
LEU CG   C  N N 226 
LEU CD1  C  N N 227 
LEU CD2  C  N N 228 
LEU OXT  O  N N 229 
LEU H    H  N N 230 
LEU H2   H  N N 231 
LEU HA   H  N N 232 
LEU HB2  H  N N 233 
LEU HB3  H  N N 234 
LEU HG   H  N N 235 
LEU HD11 H  N N 236 
LEU HD12 H  N N 237 
LEU HD13 H  N N 238 
LEU HD21 H  N N 239 
LEU HD22 H  N N 240 
LEU HD23 H  N N 241 
LEU HXT  H  N N 242 
LYS N    N  N N 243 
LYS CA   C  N S 244 
LYS C    C  N N 245 
LYS O    O  N N 246 
LYS CB   C  N N 247 
LYS CG   C  N N 248 
LYS CD   C  N N 249 
LYS CE   C  N N 250 
LYS NZ   N  N N 251 
LYS OXT  O  N N 252 
LYS H    H  N N 253 
LYS H2   H  N N 254 
LYS HA   H  N N 255 
LYS HB2  H  N N 256 
LYS HB3  H  N N 257 
LYS HG2  H  N N 258 
LYS HG3  H  N N 259 
LYS HD2  H  N N 260 
LYS HD3  H  N N 261 
LYS HE2  H  N N 262 
LYS HE3  H  N N 263 
LYS HZ1  H  N N 264 
LYS HZ2  H  N N 265 
LYS HZ3  H  N N 266 
LYS HXT  H  N N 267 
MSE N    N  N N 268 
MSE CA   C  N S 269 
MSE C    C  N N 270 
MSE O    O  N N 271 
MSE OXT  O  N N 272 
MSE CB   C  N N 273 
MSE CG   C  N N 274 
MSE SE   SE N N 275 
MSE CE   C  N N 276 
MSE H    H  N N 277 
MSE H2   H  N N 278 
MSE HA   H  N N 279 
MSE HXT  H  N N 280 
MSE HB2  H  N N 281 
MSE HB3  H  N N 282 
MSE HG2  H  N N 283 
MSE HG3  H  N N 284 
MSE HE1  H  N N 285 
MSE HE2  H  N N 286 
MSE HE3  H  N N 287 
PHE N    N  N N 288 
PHE CA   C  N S 289 
PHE C    C  N N 290 
PHE O    O  N N 291 
PHE CB   C  N N 292 
PHE CG   C  Y N 293 
PHE CD1  C  Y N 294 
PHE CD2  C  Y N 295 
PHE CE1  C  Y N 296 
PHE CE2  C  Y N 297 
PHE CZ   C  Y N 298 
PHE OXT  O  N N 299 
PHE H    H  N N 300 
PHE H2   H  N N 301 
PHE HA   H  N N 302 
PHE HB2  H  N N 303 
PHE HB3  H  N N 304 
PHE HD1  H  N N 305 
PHE HD2  H  N N 306 
PHE HE1  H  N N 307 
PHE HE2  H  N N 308 
PHE HZ   H  N N 309 
PHE HXT  H  N N 310 
PRO N    N  N N 311 
PRO CA   C  N S 312 
PRO C    C  N N 313 
PRO O    O  N N 314 
PRO CB   C  N N 315 
PRO CG   C  N N 316 
PRO CD   C  N N 317 
PRO OXT  O  N N 318 
PRO H    H  N N 319 
PRO HA   H  N N 320 
PRO HB2  H  N N 321 
PRO HB3  H  N N 322 
PRO HG2  H  N N 323 
PRO HG3  H  N N 324 
PRO HD2  H  N N 325 
PRO HD3  H  N N 326 
PRO HXT  H  N N 327 
SER N    N  N N 328 
SER CA   C  N S 329 
SER C    C  N N 330 
SER O    O  N N 331 
SER CB   C  N N 332 
SER OG   O  N N 333 
SER OXT  O  N N 334 
SER H    H  N N 335 
SER H2   H  N N 336 
SER HA   H  N N 337 
SER HB2  H  N N 338 
SER HB3  H  N N 339 
SER HG   H  N N 340 
SER HXT  H  N N 341 
THR N    N  N N 342 
THR CA   C  N S 343 
THR C    C  N N 344 
THR O    O  N N 345 
THR CB   C  N R 346 
THR OG1  O  N N 347 
THR CG2  C  N N 348 
THR OXT  O  N N 349 
THR H    H  N N 350 
THR H2   H  N N 351 
THR HA   H  N N 352 
THR HB   H  N N 353 
THR HG1  H  N N 354 
THR HG21 H  N N 355 
THR HG22 H  N N 356 
THR HG23 H  N N 357 
THR HXT  H  N N 358 
TRP N    N  N N 359 
TRP CA   C  N S 360 
TRP C    C  N N 361 
TRP O    O  N N 362 
TRP CB   C  N N 363 
TRP CG   C  Y N 364 
TRP CD1  C  Y N 365 
TRP CD2  C  Y N 366 
TRP NE1  N  Y N 367 
TRP CE2  C  Y N 368 
TRP CE3  C  Y N 369 
TRP CZ2  C  Y N 370 
TRP CZ3  C  Y N 371 
TRP CH2  C  Y N 372 
TRP OXT  O  N N 373 
TRP H    H  N N 374 
TRP H2   H  N N 375 
TRP HA   H  N N 376 
TRP HB2  H  N N 377 
TRP HB3  H  N N 378 
TRP HD1  H  N N 379 
TRP HE1  H  N N 380 
TRP HE3  H  N N 381 
TRP HZ2  H  N N 382 
TRP HZ3  H  N N 383 
TRP HH2  H  N N 384 
TRP HXT  H  N N 385 
TYR N    N  N N 386 
TYR CA   C  N S 387 
TYR C    C  N N 388 
TYR O    O  N N 389 
TYR CB   C  N N 390 
TYR CG   C  Y N 391 
TYR CD1  C  Y N 392 
TYR CD2  C  Y N 393 
TYR CE1  C  Y N 394 
TYR CE2  C  Y N 395 
TYR CZ   C  Y N 396 
TYR OH   O  N N 397 
TYR OXT  O  N N 398 
TYR H    H  N N 399 
TYR H2   H  N N 400 
TYR HA   H  N N 401 
TYR HB2  H  N N 402 
TYR HB3  H  N N 403 
TYR HD1  H  N N 404 
TYR HD2  H  N N 405 
TYR HE1  H  N N 406 
TYR HE2  H  N N 407 
TYR HH   H  N N 408 
TYR HXT  H  N N 409 
VAL N    N  N N 410 
VAL CA   C  N S 411 
VAL C    C  N N 412 
VAL O    O  N N 413 
VAL CB   C  N N 414 
VAL CG1  C  N N 415 
VAL CG2  C  N N 416 
VAL OXT  O  N N 417 
VAL H    H  N N 418 
VAL H2   H  N N 419 
VAL HA   H  N N 420 
VAL HB   H  N N 421 
VAL HG11 H  N N 422 
VAL HG12 H  N N 423 
VAL HG13 H  N N 424 
VAL HG21 H  N N 425 
VAL HG22 H  N N 426 
VAL HG23 H  N N 427 
VAL HXT  H  N N 428 
# 
loop_
_chem_comp_bond.comp_id 
_chem_comp_bond.atom_id_1 
_chem_comp_bond.atom_id_2 
_chem_comp_bond.value_order 
_chem_comp_bond.pdbx_aromatic_flag 
_chem_comp_bond.pdbx_stereo_config 
_chem_comp_bond.pdbx_ordinal 
1PE OH2 C12  sing N N 1   
1PE OH2 HO2  sing N N 2   
1PE C12 C22  sing N N 3   
1PE C12 H121 sing N N 4   
1PE C12 H122 sing N N 5   
1PE C22 OH3  sing N N 6   
1PE C22 H221 sing N N 7   
1PE C22 H222 sing N N 8   
1PE OH3 C23  sing N N 9   
1PE C13 C23  sing N N 10  
1PE C13 OH4  sing N N 11  
1PE C13 H131 sing N N 12  
1PE C13 H132 sing N N 13  
1PE C23 H231 sing N N 14  
1PE C23 H232 sing N N 15  
1PE OH4 C24  sing N N 16  
1PE C14 C24  sing N N 17  
1PE C14 OH5  sing N N 18  
1PE C14 H141 sing N N 19  
1PE C14 H142 sing N N 20  
1PE C24 H241 sing N N 21  
1PE C24 H242 sing N N 22  
1PE OH5 C25  sing N N 23  
1PE C15 C25  sing N N 24  
1PE C15 OH6  sing N N 25  
1PE C15 H151 sing N N 26  
1PE C15 H152 sing N N 27  
1PE C25 H251 sing N N 28  
1PE C25 H252 sing N N 29  
1PE OH6 C26  sing N N 30  
1PE C16 C26  sing N N 31  
1PE C16 OH7  sing N N 32  
1PE C16 H161 sing N N 33  
1PE C16 H162 sing N N 34  
1PE C26 H261 sing N N 35  
1PE C26 H262 sing N N 36  
1PE OH7 HO7  sing N N 37  
ALA N   CA   sing N N 38  
ALA N   H    sing N N 39  
ALA N   H2   sing N N 40  
ALA CA  C    sing N N 41  
ALA CA  CB   sing N N 42  
ALA CA  HA   sing N N 43  
ALA C   O    doub N N 44  
ALA C   OXT  sing N N 45  
ALA CB  HB1  sing N N 46  
ALA CB  HB2  sing N N 47  
ALA CB  HB3  sing N N 48  
ALA OXT HXT  sing N N 49  
ARG N   CA   sing N N 50  
ARG N   H    sing N N 51  
ARG N   H2   sing N N 52  
ARG CA  C    sing N N 53  
ARG CA  CB   sing N N 54  
ARG CA  HA   sing N N 55  
ARG C   O    doub N N 56  
ARG C   OXT  sing N N 57  
ARG CB  CG   sing N N 58  
ARG CB  HB2  sing N N 59  
ARG CB  HB3  sing N N 60  
ARG CG  CD   sing N N 61  
ARG CG  HG2  sing N N 62  
ARG CG  HG3  sing N N 63  
ARG CD  NE   sing N N 64  
ARG CD  HD2  sing N N 65  
ARG CD  HD3  sing N N 66  
ARG NE  CZ   sing N N 67  
ARG NE  HE   sing N N 68  
ARG CZ  NH1  sing N N 69  
ARG CZ  NH2  doub N N 70  
ARG NH1 HH11 sing N N 71  
ARG NH1 HH12 sing N N 72  
ARG NH2 HH21 sing N N 73  
ARG NH2 HH22 sing N N 74  
ARG OXT HXT  sing N N 75  
ASN N   CA   sing N N 76  
ASN N   H    sing N N 77  
ASN N   H2   sing N N 78  
ASN CA  C    sing N N 79  
ASN CA  CB   sing N N 80  
ASN CA  HA   sing N N 81  
ASN C   O    doub N N 82  
ASN C   OXT  sing N N 83  
ASN CB  CG   sing N N 84  
ASN CB  HB2  sing N N 85  
ASN CB  HB3  sing N N 86  
ASN CG  OD1  doub N N 87  
ASN CG  ND2  sing N N 88  
ASN ND2 HD21 sing N N 89  
ASN ND2 HD22 sing N N 90  
ASN OXT HXT  sing N N 91  
ASP N   CA   sing N N 92  
ASP N   H    sing N N 93  
ASP N   H2   sing N N 94  
ASP CA  C    sing N N 95  
ASP CA  CB   sing N N 96  
ASP CA  HA   sing N N 97  
ASP C   O    doub N N 98  
ASP C   OXT  sing N N 99  
ASP CB  CG   sing N N 100 
ASP CB  HB2  sing N N 101 
ASP CB  HB3  sing N N 102 
ASP CG  OD1  doub N N 103 
ASP CG  OD2  sing N N 104 
ASP OD2 HD2  sing N N 105 
ASP OXT HXT  sing N N 106 
CYS N   CA   sing N N 107 
CYS N   H    sing N N 108 
CYS N   H2   sing N N 109 
CYS CA  C    sing N N 110 
CYS CA  CB   sing N N 111 
CYS CA  HA   sing N N 112 
CYS C   O    doub N N 113 
CYS C   OXT  sing N N 114 
CYS CB  SG   sing N N 115 
CYS CB  HB2  sing N N 116 
CYS CB  HB3  sing N N 117 
CYS SG  HG   sing N N 118 
CYS OXT HXT  sing N N 119 
GLN N   CA   sing N N 120 
GLN N   H    sing N N 121 
GLN N   H2   sing N N 122 
GLN CA  C    sing N N 123 
GLN CA  CB   sing N N 124 
GLN CA  HA   sing N N 125 
GLN C   O    doub N N 126 
GLN C   OXT  sing N N 127 
GLN CB  CG   sing N N 128 
GLN CB  HB2  sing N N 129 
GLN CB  HB3  sing N N 130 
GLN CG  CD   sing N N 131 
GLN CG  HG2  sing N N 132 
GLN CG  HG3  sing N N 133 
GLN CD  OE1  doub N N 134 
GLN CD  NE2  sing N N 135 
GLN NE2 HE21 sing N N 136 
GLN NE2 HE22 sing N N 137 
GLN OXT HXT  sing N N 138 
GLU N   CA   sing N N 139 
GLU N   H    sing N N 140 
GLU N   H2   sing N N 141 
GLU CA  C    sing N N 142 
GLU CA  CB   sing N N 143 
GLU CA  HA   sing N N 144 
GLU C   O    doub N N 145 
GLU C   OXT  sing N N 146 
GLU CB  CG   sing N N 147 
GLU CB  HB2  sing N N 148 
GLU CB  HB3  sing N N 149 
GLU CG  CD   sing N N 150 
GLU CG  HG2  sing N N 151 
GLU CG  HG3  sing N N 152 
GLU CD  OE1  doub N N 153 
GLU CD  OE2  sing N N 154 
GLU OE2 HE2  sing N N 155 
GLU OXT HXT  sing N N 156 
GLY N   CA   sing N N 157 
GLY N   H    sing N N 158 
GLY N   H2   sing N N 159 
GLY CA  C    sing N N 160 
GLY CA  HA2  sing N N 161 
GLY CA  HA3  sing N N 162 
GLY C   O    doub N N 163 
GLY C   OXT  sing N N 164 
GLY OXT HXT  sing N N 165 
HIS N   CA   sing N N 166 
HIS N   H    sing N N 167 
HIS N   H2   sing N N 168 
HIS CA  C    sing N N 169 
HIS CA  CB   sing N N 170 
HIS CA  HA   sing N N 171 
HIS C   O    doub N N 172 
HIS C   OXT  sing N N 173 
HIS CB  CG   sing N N 174 
HIS CB  HB2  sing N N 175 
HIS CB  HB3  sing N N 176 
HIS CG  ND1  sing Y N 177 
HIS CG  CD2  doub Y N 178 
HIS ND1 CE1  doub Y N 179 
HIS ND1 HD1  sing N N 180 
HIS CD2 NE2  sing Y N 181 
HIS CD2 HD2  sing N N 182 
HIS CE1 NE2  sing Y N 183 
HIS CE1 HE1  sing N N 184 
HIS NE2 HE2  sing N N 185 
HIS OXT HXT  sing N N 186 
HOH O   H1   sing N N 187 
HOH O   H2   sing N N 188 
ILE N   CA   sing N N 189 
ILE N   H    sing N N 190 
ILE N   H2   sing N N 191 
ILE CA  C    sing N N 192 
ILE CA  CB   sing N N 193 
ILE CA  HA   sing N N 194 
ILE C   O    doub N N 195 
ILE C   OXT  sing N N 196 
ILE CB  CG1  sing N N 197 
ILE CB  CG2  sing N N 198 
ILE CB  HB   sing N N 199 
ILE CG1 CD1  sing N N 200 
ILE CG1 HG12 sing N N 201 
ILE CG1 HG13 sing N N 202 
ILE CG2 HG21 sing N N 203 
ILE CG2 HG22 sing N N 204 
ILE CG2 HG23 sing N N 205 
ILE CD1 HD11 sing N N 206 
ILE CD1 HD12 sing N N 207 
ILE CD1 HD13 sing N N 208 
ILE OXT HXT  sing N N 209 
LEU N   CA   sing N N 210 
LEU N   H    sing N N 211 
LEU N   H2   sing N N 212 
LEU CA  C    sing N N 213 
LEU CA  CB   sing N N 214 
LEU CA  HA   sing N N 215 
LEU C   O    doub N N 216 
LEU C   OXT  sing N N 217 
LEU CB  CG   sing N N 218 
LEU CB  HB2  sing N N 219 
LEU CB  HB3  sing N N 220 
LEU CG  CD1  sing N N 221 
LEU CG  CD2  sing N N 222 
LEU CG  HG   sing N N 223 
LEU CD1 HD11 sing N N 224 
LEU CD1 HD12 sing N N 225 
LEU CD1 HD13 sing N N 226 
LEU CD2 HD21 sing N N 227 
LEU CD2 HD22 sing N N 228 
LEU CD2 HD23 sing N N 229 
LEU OXT HXT  sing N N 230 
LYS N   CA   sing N N 231 
LYS N   H    sing N N 232 
LYS N   H2   sing N N 233 
LYS CA  C    sing N N 234 
LYS CA  CB   sing N N 235 
LYS CA  HA   sing N N 236 
LYS C   O    doub N N 237 
LYS C   OXT  sing N N 238 
LYS CB  CG   sing N N 239 
LYS CB  HB2  sing N N 240 
LYS CB  HB3  sing N N 241 
LYS CG  CD   sing N N 242 
LYS CG  HG2  sing N N 243 
LYS CG  HG3  sing N N 244 
LYS CD  CE   sing N N 245 
LYS CD  HD2  sing N N 246 
LYS CD  HD3  sing N N 247 
LYS CE  NZ   sing N N 248 
LYS CE  HE2  sing N N 249 
LYS CE  HE3  sing N N 250 
LYS NZ  HZ1  sing N N 251 
LYS NZ  HZ2  sing N N 252 
LYS NZ  HZ3  sing N N 253 
LYS OXT HXT  sing N N 254 
MSE N   CA   sing N N 255 
MSE N   H    sing N N 256 
MSE N   H2   sing N N 257 
MSE CA  C    sing N N 258 
MSE CA  CB   sing N N 259 
MSE CA  HA   sing N N 260 
MSE C   O    doub N N 261 
MSE C   OXT  sing N N 262 
MSE OXT HXT  sing N N 263 
MSE CB  CG   sing N N 264 
MSE CB  HB2  sing N N 265 
MSE CB  HB3  sing N N 266 
MSE CG  SE   sing N N 267 
MSE CG  HG2  sing N N 268 
MSE CG  HG3  sing N N 269 
MSE SE  CE   sing N N 270 
MSE CE  HE1  sing N N 271 
MSE CE  HE2  sing N N 272 
MSE CE  HE3  sing N N 273 
PHE N   CA   sing N N 274 
PHE N   H    sing N N 275 
PHE N   H2   sing N N 276 
PHE CA  C    sing N N 277 
PHE CA  CB   sing N N 278 
PHE CA  HA   sing N N 279 
PHE C   O    doub N N 280 
PHE C   OXT  sing N N 281 
PHE CB  CG   sing N N 282 
PHE CB  HB2  sing N N 283 
PHE CB  HB3  sing N N 284 
PHE CG  CD1  doub Y N 285 
PHE CG  CD2  sing Y N 286 
PHE CD1 CE1  sing Y N 287 
PHE CD1 HD1  sing N N 288 
PHE CD2 CE2  doub Y N 289 
PHE CD2 HD2  sing N N 290 
PHE CE1 CZ   doub Y N 291 
PHE CE1 HE1  sing N N 292 
PHE CE2 CZ   sing Y N 293 
PHE CE2 HE2  sing N N 294 
PHE CZ  HZ   sing N N 295 
PHE OXT HXT  sing N N 296 
PRO N   CA   sing N N 297 
PRO N   CD   sing N N 298 
PRO N   H    sing N N 299 
PRO CA  C    sing N N 300 
PRO CA  CB   sing N N 301 
PRO CA  HA   sing N N 302 
PRO C   O    doub N N 303 
PRO C   OXT  sing N N 304 
PRO CB  CG   sing N N 305 
PRO CB  HB2  sing N N 306 
PRO CB  HB3  sing N N 307 
PRO CG  CD   sing N N 308 
PRO CG  HG2  sing N N 309 
PRO CG  HG3  sing N N 310 
PRO CD  HD2  sing N N 311 
PRO CD  HD3  sing N N 312 
PRO OXT HXT  sing N N 313 
SER N   CA   sing N N 314 
SER N   H    sing N N 315 
SER N   H2   sing N N 316 
SER CA  C    sing N N 317 
SER CA  CB   sing N N 318 
SER CA  HA   sing N N 319 
SER C   O    doub N N 320 
SER C   OXT  sing N N 321 
SER CB  OG   sing N N 322 
SER CB  HB2  sing N N 323 
SER CB  HB3  sing N N 324 
SER OG  HG   sing N N 325 
SER OXT HXT  sing N N 326 
THR N   CA   sing N N 327 
THR N   H    sing N N 328 
THR N   H2   sing N N 329 
THR CA  C    sing N N 330 
THR CA  CB   sing N N 331 
THR CA  HA   sing N N 332 
THR C   O    doub N N 333 
THR C   OXT  sing N N 334 
THR CB  OG1  sing N N 335 
THR CB  CG2  sing N N 336 
THR CB  HB   sing N N 337 
THR OG1 HG1  sing N N 338 
THR CG2 HG21 sing N N 339 
THR CG2 HG22 sing N N 340 
THR CG2 HG23 sing N N 341 
THR OXT HXT  sing N N 342 
TRP N   CA   sing N N 343 
TRP N   H    sing N N 344 
TRP N   H2   sing N N 345 
TRP CA  C    sing N N 346 
TRP CA  CB   sing N N 347 
TRP CA  HA   sing N N 348 
TRP C   O    doub N N 349 
TRP C   OXT  sing N N 350 
TRP CB  CG   sing N N 351 
TRP CB  HB2  sing N N 352 
TRP CB  HB3  sing N N 353 
TRP CG  CD1  doub Y N 354 
TRP CG  CD2  sing Y N 355 
TRP CD1 NE1  sing Y N 356 
TRP CD1 HD1  sing N N 357 
TRP CD2 CE2  doub Y N 358 
TRP CD2 CE3  sing Y N 359 
TRP NE1 CE2  sing Y N 360 
TRP NE1 HE1  sing N N 361 
TRP CE2 CZ2  sing Y N 362 
TRP CE3 CZ3  doub Y N 363 
TRP CE3 HE3  sing N N 364 
TRP CZ2 CH2  doub Y N 365 
TRP CZ2 HZ2  sing N N 366 
TRP CZ3 CH2  sing Y N 367 
TRP CZ3 HZ3  sing N N 368 
TRP CH2 HH2  sing N N 369 
TRP OXT HXT  sing N N 370 
TYR N   CA   sing N N 371 
TYR N   H    sing N N 372 
TYR N   H2   sing N N 373 
TYR CA  C    sing N N 374 
TYR CA  CB   sing N N 375 
TYR CA  HA   sing N N 376 
TYR C   O    doub N N 377 
TYR C   OXT  sing N N 378 
TYR CB  CG   sing N N 379 
TYR CB  HB2  sing N N 380 
TYR CB  HB3  sing N N 381 
TYR CG  CD1  doub Y N 382 
TYR CG  CD2  sing Y N 383 
TYR CD1 CE1  sing Y N 384 
TYR CD1 HD1  sing N N 385 
TYR CD2 CE2  doub Y N 386 
TYR CD2 HD2  sing N N 387 
TYR CE1 CZ   doub Y N 388 
TYR CE1 HE1  sing N N 389 
TYR CE2 CZ   sing Y N 390 
TYR CE2 HE2  sing N N 391 
TYR CZ  OH   sing N N 392 
TYR OH  HH   sing N N 393 
TYR OXT HXT  sing N N 394 
VAL N   CA   sing N N 395 
VAL N   H    sing N N 396 
VAL N   H2   sing N N 397 
VAL CA  C    sing N N 398 
VAL CA  CB   sing N N 399 
VAL CA  HA   sing N N 400 
VAL C   O    doub N N 401 
VAL C   OXT  sing N N 402 
VAL CB  CG1  sing N N 403 
VAL CB  CG2  sing N N 404 
VAL CB  HB   sing N N 405 
VAL CG1 HG11 sing N N 406 
VAL CG1 HG12 sing N N 407 
VAL CG1 HG13 sing N N 408 
VAL CG2 HG21 sing N N 409 
VAL CG2 HG22 sing N N 410 
VAL CG2 HG23 sing N N 411 
VAL OXT HXT  sing N N 412 
# 
_atom_sites.entry_id                    3HZP 
_atom_sites.fract_transf_matrix[1][1]   0.01988795 
_atom_sites.fract_transf_matrix[1][2]   -0.00044316 
_atom_sites.fract_transf_matrix[1][3]   0.00000065 
_atom_sites.fract_transf_matrix[2][1]   0.00985571 
_atom_sites.fract_transf_matrix[2][2]   -0.00419016 
_atom_sites.fract_transf_matrix[2][3]   -0.01676422 
_atom_sites.fract_transf_matrix[3][1]   0.00034086 
_atom_sites.fract_transf_matrix[3][2]   0.01529128 
_atom_sites.fract_transf_matrix[3][3]   -0.00362161 
_atom_sites.fract_transf_vector[1]      0.770594 
_atom_sites.fract_transf_vector[2]      0.217354 
_atom_sites.fract_transf_vector[3]      0.112464 
# 
loop_
_atom_type.symbol 
C  
N  
O  
S  
SE 
# 
loop_
_atom_site.group_PDB 
_atom_site.id 
_atom_site.type_symbol 
_atom_site.label_atom_id 
_atom_site.label_alt_id 
_atom_site.label_comp_id 
_atom_site.label_asym_id 
_atom_site.label_entity_id 
_atom_site.label_seq_id 
_atom_site.pdbx_PDB_ins_code 
_atom_site.Cartn_x 
_atom_site.Cartn_y 
_atom_site.Cartn_z 
_atom_site.occupancy 
_atom_site.B_iso_or_equiv 
_atom_site.pdbx_formal_charge 
_atom_site.auth_seq_id 
_atom_site.auth_comp_id 
_atom_site.auth_asym_id 
_atom_site.auth_atom_id 
_atom_site.pdbx_PDB_model_num 
HETATM 1    N  N   . MSE A 1 2   ? -15.681 -11.898 -9.800  1.00 47.06 ? 1   MSE A N   1 
HETATM 2    C  CA  . MSE A 1 2   ? -15.086 -12.220 -8.465  1.00 47.28 ? 1   MSE A CA  1 
HETATM 3    C  C   . MSE A 1 2   ? -15.473 -11.195 -7.417  1.00 40.24 ? 1   MSE A C   1 
HETATM 4    O  O   . MSE A 1 2   ? -15.933 -10.101 -7.730  1.00 37.73 ? 1   MSE A O   1 
HETATM 5    C  CB  . MSE A 1 2   ? -13.558 -12.341 -8.542  1.00 47.28 ? 1   MSE A CB  1 
HETATM 6    C  CG  . MSE A 1 2   ? -12.955 -11.923 -9.878  1.00 49.47 ? 1   MSE A CG  1 
HETATM 7    SE SE  . MSE A 1 2   ? -11.005 -12.188 -9.853  0.75 60.67 ? 1   MSE A SE  1 
HETATM 8    C  CE  . MSE A 1 2   ? -10.671 -10.849 -8.627  1.00 15.56 ? 1   MSE A CE  1 
ATOM   9    N  N   . SER A 1 3   ? -15.273 -11.560 -6.160  1.00 37.04 ? 2   SER A N   1 
ATOM   10   C  CA  . SER A 1 3   ? -15.727 -10.735 -5.063  1.00 32.31 ? 2   SER A CA  1 
ATOM   11   C  C   . SER A 1 3   ? -14.926 -9.468  -5.020  1.00 32.34 ? 2   SER A C   1 
ATOM   12   O  O   . SER A 1 3   ? -13.791 -9.430  -5.476  1.00 29.85 ? 2   SER A O   1 
ATOM   13   C  CB  . SER A 1 3   ? -15.586 -11.478 -3.732  1.00 32.98 ? 2   SER A CB  1 
ATOM   14   O  OG  . SER A 1 3   ? -14.264 -11.429 -3.258  1.00 35.62 ? 2   SER A OG  1 
ATOM   15   N  N   . SER A 1 4   ? -15.514 -8.410  -4.476  1.00 28.04 ? 3   SER A N   1 
ATOM   16   C  CA  . SER A 1 4   ? -14.767 -7.172  -4.343  1.00 24.72 ? 3   SER A CA  1 
ATOM   17   C  C   . SER A 1 4   ? -13.595 -7.316  -3.436  1.00 22.04 ? 3   SER A C   1 
ATOM   18   O  O   . SER A 1 4   ? -12.577 -6.630  -3.648  1.00 24.67 ? 3   SER A O   1 
ATOM   19   C  CB  . SER A 1 4   ? -15.695 -6.015  -3.900  1.00 28.86 ? 3   SER A CB  1 
ATOM   20   O  OG  . SER A 1 4   ? -16.655 -5.745  -4.920  1.00 31.17 ? 3   SER A OG  1 
ATOM   21   N  N   A LYS A 1 5   ? -13.673 -8.114  -2.386  0.50 21.62 ? 4   LYS A N   1 
ATOM   22   N  N   B LYS A 1 5   ? -13.713 -8.177  -2.436  0.50 21.99 ? 4   LYS A N   1 
ATOM   23   C  CA  A LYS A 1 5   ? -12.495 -8.270  -1.578  0.50 22.80 ? 4   LYS A CA  1 
ATOM   24   C  CA  B LYS A 1 5   ? -12.641 -8.424  -1.506  0.50 22.38 ? 4   LYS A CA  1 
ATOM   25   C  C   A LYS A 1 5   ? -11.427 -8.674  -2.600  0.50 22.91 ? 4   LYS A C   1 
ATOM   26   C  C   B LYS A 1 5   ? -11.394 -8.895  -2.280  0.50 21.88 ? 4   LYS A C   1 
ATOM   27   O  O   A LYS A 1 5   ? -10.519 -7.932  -2.897  0.50 21.84 ? 4   LYS A O   1 
ATOM   28   O  O   B LYS A 1 5   ? -10.283 -8.439  -1.991  0.50 16.65 ? 4   LYS A O   1 
ATOM   29   C  CB  A LYS A 1 5   ? -12.700 -9.293  -0.463  0.50 20.24 ? 4   LYS A CB  1 
ATOM   30   C  CB  B LYS A 1 5   ? -13.086 -9.430  -0.451  0.50 21.42 ? 4   LYS A CB  1 
ATOM   31   C  CG  A LYS A 1 5   ? -11.523 -9.398  0.510   0.50 24.06 ? 4   LYS A CG  1 
ATOM   32   C  CG  B LYS A 1 5   ? -12.092 -9.604  0.654   0.50 23.75 ? 4   LYS A CG  1 
ATOM   33   C  CD  A LYS A 1 5   ? -11.901 -10.115 1.821   0.50 21.87 ? 4   LYS A CD  1 
ATOM   34   C  CD  B LYS A 1 5   ? -12.561 -10.507 1.773   0.50 24.64 ? 4   LYS A CD  1 
ATOM   35   C  CE  A LYS A 1 5   ? -10.741 -10.080 2.828   0.50 21.13 ? 4   LYS A CE  1 
ATOM   36   C  CE  B LYS A 1 5   ? -11.359 -10.902 2.620   0.50 30.73 ? 4   LYS A CE  1 
ATOM   37   N  NZ  A LYS A 1 5   ? -11.045 -10.569 4.227   0.50 23.63 ? 4   LYS A NZ  1 
ATOM   38   N  NZ  B LYS A 1 5   ? -11.739 -11.509 3.921   0.50 27.27 ? 4   LYS A NZ  1 
ATOM   39   N  N   . GLU A 1 6   ? -11.616 -9.808  -3.247  1.00 24.41 ? 5   GLU A N   1 
ATOM   40   C  CA  . GLU A 1 6   ? -10.577 -10.312 -4.171  1.00 22.74 ? 5   GLU A CA  1 
ATOM   41   C  C   . GLU A 1 6   ? -10.008 -9.298  -5.211  1.00 22.51 ? 5   GLU A C   1 
ATOM   42   O  O   . GLU A 1 6   ? -8.799  -9.255  -5.430  1.00 21.27 ? 5   GLU A O   1 
ATOM   43   C  CB  . GLU A 1 6   ? -11.112 -11.576 -4.860  1.00 26.78 ? 5   GLU A CB  1 
ATOM   44   C  CG  . GLU A 1 6   ? -11.353 -12.704 -3.870  1.00 32.10 ? 5   GLU A CG  1 
ATOM   45   N  N   A GLU A 1 7   ? -10.864 -8.483  -5.814  0.50 22.45 ? 6   GLU A N   1 
ATOM   46   N  N   B GLU A 1 7   ? -10.847 -8.464  -5.807  0.50 23.06 ? 6   GLU A N   1 
ATOM   47   C  CA  A GLU A 1 7   ? -10.457 -7.443  -6.754  0.50 20.59 ? 6   GLU A CA  1 
ATOM   48   C  CA  B GLU A 1 7   ? -10.388 -7.471  -6.772  0.50 22.27 ? 6   GLU A CA  1 
ATOM   49   C  C   A GLU A 1 7   ? -9.524  -6.408  -6.074  0.50 20.63 ? 6   GLU A C   1 
ATOM   50   C  C   B GLU A 1 7   ? -9.539  -6.354  -6.106  0.50 21.20 ? 6   GLU A C   1 
ATOM   51   O  O   A GLU A 1 7   ? -8.460  -6.014  -6.594  0.50 19.32 ? 6   GLU A O   1 
ATOM   52   O  O   B GLU A 1 7   ? -8.536  -5.853  -6.670  0.50 18.39 ? 6   GLU A O   1 
ATOM   53   C  CB  A GLU A 1 7   ? -11.695 -6.713  -7.276  0.50 24.31 ? 6   GLU A CB  1 
ATOM   54   C  CB  B GLU A 1 7   ? -11.586 -6.870  -7.495  0.50 26.37 ? 6   GLU A CB  1 
ATOM   55   C  CG  A GLU A 1 7   ? -12.682 -7.592  -8.042  0.50 20.17 ? 6   GLU A CG  1 
ATOM   56   C  CG  B GLU A 1 7   ? -11.197 -5.947  -8.615  0.50 25.56 ? 6   GLU A CG  1 
ATOM   57   C  CD  A GLU A 1 7   ? -13.924 -6.837  -8.482  0.50 21.15 ? 6   GLU A CD  1 
ATOM   58   C  CD  B GLU A 1 7   ? -12.349 -5.562  -9.521  0.50 36.98 ? 6   GLU A CD  1 
ATOM   59   O  OE1 A GLU A 1 7   ? -14.424 -5.987  -7.708  0.50 20.82 ? 6   GLU A OE1 1 
ATOM   60   O  OE1 B GLU A 1 7   ? -13.488 -6.026  -9.302  0.50 30.38 ? 6   GLU A OE1 1 
ATOM   61   O  OE2 A GLU A 1 7   ? -14.410 -7.105  -9.608  0.50 28.73 ? 6   GLU A OE2 1 
ATOM   62   O  OE2 B GLU A 1 7   ? -12.107 -4.768  -10.457 0.50 35.56 ? 6   GLU A OE2 1 
ATOM   63   N  N   . ILE A 1 8   ? -9.957  -5.950  -4.915  1.00 20.33 ? 7   ILE A N   1 
ATOM   64   C  CA  . ILE A 1 8   ? -9.199  -4.962  -4.139  1.00 18.27 ? 7   ILE A CA  1 
ATOM   65   C  C   . ILE A 1 8   ? -7.910  -5.593  -3.587  1.00 17.96 ? 7   ILE A C   1 
ATOM   66   O  O   . ILE A 1 8   ? -6.842  -4.963  -3.632  1.00 16.88 ? 7   ILE A O   1 
ATOM   67   C  CB  . ILE A 1 8   ? -10.126 -4.303  -3.103  1.00 18.22 ? 7   ILE A CB  1 
ATOM   68   C  CG1 . ILE A 1 8   ? -11.087 -3.352  -3.881  1.00 18.39 ? 7   ILE A CG1 1 
ATOM   69   C  CG2 . ILE A 1 8   ? -9.297  -3.631  -1.983  1.00 19.73 ? 7   ILE A CG2 1 
ATOM   70   C  CD1 . ILE A 1 8   ? -12.382 -3.076  -3.170  1.00 25.86 ? 7   ILE A CD1 1 
ATOM   71   N  N   A LEU A 1 9   ? -7.973  -6.850  -3.169  0.50 16.60 ? 8   LEU A N   1 
ATOM   72   N  N   B LEU A 1 9   ? -7.953  -6.832  -3.096  0.50 17.43 ? 8   LEU A N   1 
ATOM   73   C  CA  A LEU A 1 9   ? -6.789  -7.558  -2.759  0.50 17.10 ? 8   LEU A CA  1 
ATOM   74   C  CA  B LEU A 1 9   ? -6.748  -7.465  -2.566  0.50 18.54 ? 8   LEU A CA  1 
ATOM   75   C  C   A LEU A 1 9   ? -5.818  -7.679  -3.932  0.50 13.85 ? 8   LEU A C   1 
ATOM   76   C  C   B LEU A 1 9   ? -5.706  -7.622  -3.665  0.50 16.49 ? 8   LEU A C   1 
ATOM   77   O  O   A LEU A 1 9   ? -4.621  -7.582  -3.740  0.50 13.21 ? 8   LEU A O   1 
ATOM   78   O  O   B LEU A 1 9   ? -4.515  -7.525  -3.405  0.50 17.33 ? 8   LEU A O   1 
ATOM   79   C  CB  A LEU A 1 9   ? -7.129  -8.942  -2.215  0.50 18.67 ? 8   LEU A CB  1 
ATOM   80   C  CB  B LEU A 1 9   ? -7.031  -8.825  -1.925  0.50 19.58 ? 8   LEU A CB  1 
ATOM   81   C  CG  A LEU A 1 9   ? -5.944  -9.725  -1.665  0.50 21.95 ? 8   LEU A CG  1 
ATOM   82   C  CG  B LEU A 1 9   ? -7.707  -8.733  -0.555  0.50 25.19 ? 8   LEU A CG  1 
ATOM   83   N  N   A SER A 1 10  ? -6.321  -7.874  -5.144  0.35 14.70 ? 9   SER A N   1 
ATOM   84   N  N   B SER A 1 10  ? -6.160  -7.862  -4.885  0.35 15.93 ? 9   SER A N   1 
ATOM   85   N  N   C SER A 1 10  ? -6.375  -7.843  -5.158  0.30 15.71 ? 9   SER A N   1 
ATOM   86   C  CA  A SER A 1 10  ? -5.422  -7.987  -6.298  0.35 15.69 ? 9   SER A CA  1 
ATOM   87   C  CA  B SER A 1 10  ? -5.257  -7.987  -6.025  0.35 16.06 ? 9   SER A CA  1 
ATOM   88   C  CA  C SER A 1 10  ? -5.429  -7.977  -6.266  0.30 16.71 ? 9   SER A CA  1 
ATOM   89   C  C   A SER A 1 10  ? -4.648  -6.680  -6.486  0.35 16.39 ? 9   SER A C   1 
ATOM   90   C  C   B SER A 1 10  ? -4.562  -6.651  -6.287  0.35 15.36 ? 9   SER A C   1 
ATOM   91   C  C   C SER A 1 10  ? -4.637  -6.684  -6.428  0.30 16.65 ? 9   SER A C   1 
ATOM   92   O  O   A SER A 1 10  ? -3.478  -6.672  -6.881  0.35 16.51 ? 9   SER A O   1 
ATOM   93   O  O   B SER A 1 10  ? -3.348  -6.586  -6.523  0.35 13.64 ? 9   SER A O   1 
ATOM   94   O  O   C SER A 1 10  ? -3.443  -6.693  -6.736  0.30 17.03 ? 9   SER A O   1 
ATOM   95   C  CB  A SER A 1 10  ? -6.210  -8.313  -7.561  0.35 17.46 ? 9   SER A CB  1 
ATOM   96   C  CB  B SER A 1 10  ? -6.052  -8.419  -7.244  0.35 15.57 ? 9   SER A CB  1 
ATOM   97   C  CB  C SER A 1 10  ? -6.181  -8.294  -7.558  0.30 18.10 ? 9   SER A CB  1 
ATOM   98   O  OG  A SER A 1 10  ? -5.350  -8.385  -8.691  0.35 15.39 ? 9   SER A OG  1 
ATOM   99   O  OG  B SER A 1 10  ? -6.593  -9.717  -7.066  0.35 20.04 ? 9   SER A OG  1 
ATOM   100  O  OG  C SER A 1 10  ? -6.770  -7.130  -8.125  0.30 17.50 ? 9   SER A OG  1 
ATOM   101  N  N   . ILE A 1 11  ? -5.313  -5.556  -6.242  1.00 15.18 ? 10  ILE A N   1 
ATOM   102  C  CA  . ILE A 1 11  ? -4.667  -4.252  -6.363  1.00 15.24 ? 10  ILE A CA  1 
ATOM   103  C  C   . ILE A 1 11  ? -3.599  -4.081  -5.274  1.00 14.55 ? 10  ILE A C   1 
ATOM   104  O  O   . ILE A 1 11  ? -2.472  -3.621  -5.533  1.00 14.39 ? 10  ILE A O   1 
ATOM   105  C  CB  . ILE A 1 11  ? -5.717  -3.101  -6.356  1.00 17.53 ? 10  ILE A CB  1 
ATOM   106  C  CG1 . ILE A 1 11  ? -6.503  -3.181  -7.645  1.00 20.58 ? 10  ILE A CG1 1 
ATOM   107  C  CG2 . ILE A 1 11  ? -5.023  -1.743  -6.223  1.00 19.77 ? 10  ILE A CG2 1 
ATOM   108  C  CD1 . ILE A 1 11  ? -7.877  -2.485  -7.583  1.00 28.76 ? 10  ILE A CD1 1 
ATOM   109  N  N   . LEU A 1 12  ? -3.917  -4.473  -4.048  1.00 13.92 ? 11  LEU A N   1 
ATOM   110  C  CA  . LEU A 1 12  ? -2.953  -4.368  -2.972  1.00 14.67 ? 11  LEU A CA  1 
ATOM   111  C  C   . LEU A 1 12  ? -1.741  -5.275  -3.171  1.00 13.38 ? 11  LEU A C   1 
ATOM   112  O  O   . LEU A 1 12  ? -0.624  -4.903  -2.872  1.00 14.78 ? 11  LEU A O   1 
ATOM   113  C  CB  . LEU A 1 12  ? -3.610  -4.673  -1.634  1.00 15.50 ? 11  LEU A CB  1 
ATOM   114  C  CG  . LEU A 1 12  ? -4.543  -3.585  -1.148  1.00 16.48 ? 11  LEU A CG  1 
ATOM   115  C  CD1 . LEU A 1 12  ? -5.308  -4.023  0.109   1.00 18.05 ? 11  LEU A CD1 1 
ATOM   116  C  CD2 . LEU A 1 12  ? -3.816  -2.247  -0.885  1.00 16.49 ? 11  LEU A CD2 1 
ATOM   117  N  N   . GLU A 1 13  ? -1.936  -6.462  -3.741  1.00 14.44 ? 12  GLU A N   1 
ATOM   118  C  CA  . GLU A 1 13  ? -0.804  -7.320  -4.084  1.00 13.89 ? 12  GLU A CA  1 
ATOM   119  C  C   . GLU A 1 13  ? 0.094   -6.658  -5.109  1.00 15.02 ? 12  GLU A C   1 
ATOM   120  O  O   . GLU A 1 13  ? 1.316   -6.842  -5.090  1.00 15.33 ? 12  GLU A O   1 
ATOM   121  C  CB  . GLU A 1 13  ? -1.329  -8.613  -4.671  1.00 14.88 ? 12  GLU A CB  1 
ATOM   122  C  CG  . GLU A 1 13  ? -1.977  -9.573  -3.686  1.00 15.88 ? 12  GLU A CG  1 
ATOM   123  C  CD  . GLU A 1 13  ? -2.709  -10.743 -4.386  1.00 18.89 ? 12  GLU A CD  1 
ATOM   124  O  OE1 . GLU A 1 13  ? -2.712  -10.873 -5.627  1.00 22.22 ? 12  GLU A OE1 1 
ATOM   125  O  OE2 . GLU A 1 13  ? -3.433  -11.507 -3.712  1.00 22.36 ? 12  GLU A OE2 1 
ATOM   126  N  N   . ALA A 1 14  ? -0.500  -5.909  -6.043  1.00 13.67 ? 13  ALA A N   1 
ATOM   127  C  CA  . ALA A 1 14  ? 0.320   -5.228  -7.013  1.00 14.80 ? 13  ALA A CA  1 
ATOM   128  C  C   . ALA A 1 14  ? 1.118   -4.107  -6.382  1.00 14.71 ? 13  ALA A C   1 
ATOM   129  O  O   . ALA A 1 14  ? 2.266   -3.883  -6.772  1.00 17.60 ? 13  ALA A O   1 
ATOM   130  C  CB  . ALA A 1 14  ? -0.553  -4.665  -8.156  1.00 14.47 ? 13  ALA A CB  1 
ATOM   131  N  N   . PHE A 1 15  ? 0.522   -3.382  -5.452  1.00 14.17 ? 14  PHE A N   1 
ATOM   132  C  CA  . PHE A 1 15  ? 1.259   -2.381  -4.670  1.00 15.42 ? 14  PHE A CA  1 
ATOM   133  C  C   . PHE A 1 15  ? 2.439   -3.012  -3.933  1.00 16.73 ? 14  PHE A C   1 
ATOM   134  O  O   . PHE A 1 15  ? 3.563   -2.455  -3.948  1.00 17.20 ? 14  PHE A O   1 
ATOM   135  C  CB  . PHE A 1 15  ? 0.301   -1.707  -3.688  1.00 17.35 ? 14  PHE A CB  1 
ATOM   136  C  CG  . PHE A 1 15  ? 0.975   -0.895  -2.616  1.00 16.39 ? 14  PHE A CG  1 
ATOM   137  C  CD1 . PHE A 1 15  ? 1.701   0.257   -2.951  1.00 17.67 ? 14  PHE A CD1 1 
ATOM   138  C  CD2 . PHE A 1 15  ? 0.896   -1.290  -1.305  1.00 20.76 ? 14  PHE A CD2 1 
ATOM   139  C  CE1 . PHE A 1 15  ? 2.303   0.967   -1.952  1.00 19.80 ? 14  PHE A CE1 1 
ATOM   140  C  CE2 . PHE A 1 15  ? 1.501   -0.555  -0.307  1.00 21.60 ? 14  PHE A CE2 1 
ATOM   141  C  CZ  . PHE A 1 15  ? 2.211   0.560   -0.653  1.00 18.59 ? 14  PHE A CZ  1 
ATOM   142  N  N   . ALA A 1 16  ? 2.194   -4.168  -3.334  1.00 15.98 ? 15  ALA A N   1 
ATOM   143  C  CA  . ALA A 1 16  ? 3.192   -4.877  -2.517  1.00 17.45 ? 15  ALA A CA  1 
ATOM   144  C  C   . ALA A 1 16  ? 4.018   -5.767  -3.371  1.00 22.30 ? 15  ALA A C   1 
ATOM   145  O  O   . ALA A 1 16  ? 4.037   -6.973  -3.160  1.00 30.09 ? 15  ALA A O   1 
ATOM   146  C  CB  . ALA A 1 16  ? 2.490   -5.694  -1.507  1.00 20.05 ? 15  ALA A CB  1 
ATOM   147  N  N   . SER A 1 17  ? 4.630   -5.195  -4.363  1.00 23.33 ? 16  SER A N   1 
ATOM   148  C  CA  . SER A 1 17  ? 5.460   -5.957  -5.277  1.00 24.66 ? 16  SER A CA  1 
ATOM   149  C  C   . SER A 1 17  ? 6.718   -5.173  -5.489  1.00 23.80 ? 16  SER A C   1 
ATOM   150  O  O   . SER A 1 17  ? 6.755   -3.972  -5.502  1.00 23.48 ? 16  SER A O   1 
ATOM   151  C  CB  . SER A 1 17  ? 4.711   -6.241  -6.562  1.00 28.37 ? 16  SER A CB  1 
ATOM   152  O  OG  . SER A 1 17  ? 4.613   -5.063  -7.304  1.00 36.74 ? 16  SER A OG  1 
ATOM   153  N  N   A THR A 1 18  ? 7.819   -5.890  -5.623  0.50 21.34 ? 17  THR A N   1 
ATOM   154  N  N   B THR A 1 18  ? 7.821   -5.889  -5.629  0.50 22.45 ? 17  THR A N   1 
ATOM   155  C  CA  A THR A 1 18  ? 9.099   -5.257  -5.689  0.50 19.15 ? 17  THR A CA  1 
ATOM   156  C  CA  B THR A 1 18  ? 9.104   -5.254  -5.671  0.50 21.43 ? 17  THR A CA  1 
ATOM   157  C  C   A THR A 1 18  ? 9.313   -4.379  -6.930  0.50 21.65 ? 17  THR A C   1 
ATOM   158  C  C   B THR A 1 18  ? 9.310   -4.376  -6.922  0.50 22.73 ? 17  THR A C   1 
ATOM   159  O  O   A THR A 1 18  ? 9.963   -3.340  -6.870  0.50 27.20 ? 17  THR A O   1 
ATOM   160  O  O   B THR A 1 18  ? 9.956   -3.335  -6.863  0.50 27.94 ? 17  THR A O   1 
ATOM   161  C  CB  A THR A 1 18  ? 10.199  -6.349  -5.618  0.50 21.42 ? 17  THR A CB  1 
ATOM   162  C  CB  B THR A 1 18  ? 10.212  -6.344  -5.617  0.50 23.63 ? 17  THR A CB  1 
ATOM   163  O  OG1 A THR A 1 18  ? 9.856   -7.456  -6.476  0.50 14.40 ? 17  THR A OG1 1 
ATOM   164  O  OG1 B THR A 1 18  ? 11.085  -6.103  -4.514  0.50 26.60 ? 17  THR A OG1 1 
ATOM   165  C  CG2 A THR A 1 18  ? 10.271  -6.857  -4.179  0.50 12.41 ? 17  THR A CG2 1 
ATOM   166  C  CG2 B THR A 1 18  ? 10.976  -6.387  -6.868  0.50 15.40 ? 17  THR A CG2 1 
ATOM   167  N  N   . GLU A 1 19  ? 8.748   -4.801  -8.043  1.00 22.69 ? 18  GLU A N   1 
ATOM   168  C  CA  . GLU A 1 19  ? 8.894   -4.045  -9.285  1.00 24.44 ? 18  GLU A CA  1 
ATOM   169  C  C   . GLU A 1 19  ? 7.885   -2.902  -9.372  1.00 24.19 ? 18  GLU A C   1 
ATOM   170  O  O   . GLU A 1 19  ? 8.174   -1.908  -10.011 1.00 29.20 ? 18  GLU A O   1 
ATOM   171  C  CB  . GLU A 1 19  ? 8.667   -4.948  -10.472 1.00 21.51 ? 18  GLU A CB  1 
ATOM   172  C  CG  . GLU A 1 19  ? 9.848   -5.894  -10.758 1.00 27.01 ? 18  GLU A CG  1 
ATOM   173  C  CD  . GLU A 1 19  ? 9.925   -6.986  -9.730  1.00 26.04 ? 18  GLU A CD  1 
ATOM   174  O  OE1 . GLU A 1 19  ? 8.857   -7.452  -9.298  1.00 26.29 ? 18  GLU A OE1 1 
ATOM   175  O  OE2 . GLU A 1 19  ? 11.046  -7.344  -9.318  1.00 21.10 ? 18  GLU A OE2 1 
ATOM   176  N  N   . ARG A 1 20  ? 6.721   -3.045  -8.740  1.00 20.71 ? 19  ARG A N   1 
ATOM   177  C  CA  . ARG A 1 20  ? 5.642   -2.082  -9.014  1.00 20.38 ? 19  ARG A CA  1 
ATOM   178  C  C   . ARG A 1 20  ? 5.424   -1.057  -7.906  1.00 19.63 ? 19  ARG A C   1 
ATOM   179  O  O   . ARG A 1 20  ? 4.789   -0.028  -8.186  1.00 19.78 ? 19  ARG A O   1 
ATOM   180  C  CB  . ARG A 1 20  ? 4.330   -2.792  -9.302  1.00 21.33 ? 19  ARG A CB  1 
ATOM   181  C  CG  . ARG A 1 20  ? 4.331   -3.679  -10.569 1.00 26.34 ? 19  ARG A CG  1 
ATOM   182  C  CD  . ARG A 1 20  ? 2.898   -3.895  -11.067 1.00 34.75 ? 19  ARG A CD  1 
HETATM 183  N  N   . MSE A 1 21  ? 5.912   -1.286  -6.682  1.00 17.33 ? 20  MSE A N   1 
HETATM 184  C  CA  . MSE A 1 21  ? 5.532   -0.381  -5.578  1.00 16.52 ? 20  MSE A CA  1 
HETATM 185  C  C   . MSE A 1 21  ? 5.811   1.088   -5.871  1.00 17.02 ? 20  MSE A C   1 
HETATM 186  O  O   . MSE A 1 21  ? 4.953   1.937   -5.624  1.00 15.68 ? 20  MSE A O   1 
HETATM 187  C  CB  . MSE A 1 21  ? 6.223   -0.763  -4.266  1.00 16.54 ? 20  MSE A CB  1 
HETATM 188  C  CG  . MSE A 1 21  ? 5.717   0.121   -3.108  1.00 15.51 ? 20  MSE A CG  1 
HETATM 189  SE SE  . MSE A 1 21  ? 6.476   -0.344  -1.389  0.75 16.77 ? 20  MSE A SE  1 
HETATM 190  C  CE  . MSE A 1 21  ? 5.420   -1.926  -1.133  1.00 17.47 ? 20  MSE A CE  1 
ATOM   191  N  N   . GLY A 1 22  ? 7.016   1.411   -6.335  1.00 17.56 ? 21  GLY A N   1 
ATOM   192  C  CA  . GLY A 1 22  ? 7.406   2.800   -6.418  1.00 17.05 ? 21  GLY A CA  1 
ATOM   193  C  C   . GLY A 1 22  ? 6.472   3.663   -7.275  1.00 15.94 ? 21  GLY A C   1 
ATOM   194  O  O   . GLY A 1 22  ? 6.109   4.785   -6.912  1.00 17.71 ? 21  GLY A O   1 
ATOM   195  N  N   A SER A 1 23  ? 6.163   3.178   -8.461  0.50 17.38 ? 22  SER A N   1 
ATOM   196  N  N   B SER A 1 23  ? 6.032   3.102   -8.401  0.50 18.92 ? 22  SER A N   1 
ATOM   197  C  CA  A SER A 1 23  ? 5.409   3.982   -9.404  0.50 16.26 ? 22  SER A CA  1 
ATOM   198  C  CA  B SER A 1 23  ? 5.123   3.806   -9.327  0.50 18.56 ? 22  SER A CA  1 
ATOM   199  C  C   A SER A 1 23  ? 3.925   3.717   -9.320  0.50 14.99 ? 22  SER A C   1 
ATOM   200  C  C   B SER A 1 23  ? 3.642   3.389   -9.172  0.50 18.34 ? 22  SER A C   1 
ATOM   201  O  O   A SER A 1 23  ? 3.162   4.248   -10.128 0.50 14.07 ? 22  SER A O   1 
ATOM   202  O  O   B SER A 1 23  ? 2.770   3.799   -9.948  0.50 17.11 ? 22  SER A O   1 
ATOM   203  C  CB  A SER A 1 23  ? 5.906   3.696   -10.818 0.50 16.57 ? 22  SER A CB  1 
ATOM   204  C  CB  B SER A 1 23  ? 5.584   3.584   -10.772 0.50 20.12 ? 22  SER A CB  1 
ATOM   205  O  OG  A SER A 1 23  ? 7.189   4.233   -10.974 0.50 18.63 ? 22  SER A OG  1 
ATOM   206  O  OG  B SER A 1 23  ? 5.403   2.239   -11.167 0.50 24.29 ? 22  SER A OG  1 
ATOM   207  N  N   A PHE A 1 24  ? 3.526   2.875   -8.366  0.50 14.89 ? 23  PHE A N   1 
ATOM   208  N  N   B PHE A 1 24  ? 3.350   2.556   -8.183  0.50 16.60 ? 23  PHE A N   1 
ATOM   209  C  CA  A PHE A 1 24  ? 2.183   2.304   -8.376  0.50 14.18 ? 23  PHE A CA  1 
ATOM   210  C  CA  B PHE A 1 24  ? 1.992   2.023   -8.050  0.50 15.08 ? 23  PHE A CA  1 
ATOM   211  C  C   A PHE A 1 24  ? 1.084   3.335   -8.327  0.50 14.20 ? 23  PHE A C   1 
ATOM   212  C  C   B PHE A 1 24  ? 0.912   3.127   -8.033  0.50 15.60 ? 23  PHE A C   1 
ATOM   213  O  O   A PHE A 1 24  ? 0.134   3.293   -9.124  0.50 11.55 ? 23  PHE A O   1 
ATOM   214  O  O   B PHE A 1 24  ? -0.194  2.934   -8.583  0.50 13.50 ? 23  PHE A O   1 
ATOM   215  C  CB  A PHE A 1 24  ? 1.994   1.357   -7.207  0.50 15.84 ? 23  PHE A CB  1 
ATOM   216  C  CB  B PHE A 1 24  ? 1.888   1.168   -6.788  0.50 18.08 ? 23  PHE A CB  1 
ATOM   217  C  CG  A PHE A 1 24  ? 0.765   0.532   -7.334  0.50 14.37 ? 23  PHE A CG  1 
ATOM   218  C  CG  B PHE A 1 24  ? 0.484   0.762   -6.436  0.50 15.37 ? 23  PHE A CG  1 
ATOM   219  C  CD1 A PHE A 1 24  ? 0.733   -0.510  -8.242  0.50 18.18 ? 23  PHE A CD1 1 
ATOM   220  C  CD1 B PHE A 1 24  ? -0.138  -0.311  -7.058  0.50 20.77 ? 23  PHE A CD1 1 
ATOM   221  C  CD2 A PHE A 1 24  ? -0.379  0.827   -6.613  0.50 13.77 ? 23  PHE A CD2 1 
ATOM   222  C  CD2 B PHE A 1 24  ? -0.210  1.440   -5.447  0.50 18.50 ? 23  PHE A CD2 1 
ATOM   223  C  CE1 A PHE A 1 24  ? -0.383  -1.257  -8.405  0.50 15.80 ? 23  PHE A CE1 1 
ATOM   224  C  CE1 B PHE A 1 24  ? -1.441  -0.672  -6.702  0.50 16.44 ? 23  PHE A CE1 1 
ATOM   225  C  CE2 A PHE A 1 24  ? -1.523  0.058   -6.773  0.50 17.90 ? 23  PHE A CE2 1 
ATOM   226  C  CE2 B PHE A 1 24  ? -1.494  1.076   -5.103  0.50 19.11 ? 23  PHE A CE2 1 
ATOM   227  C  CZ  A PHE A 1 24  ? -1.525  -0.978  -7.687  0.50 15.50 ? 23  PHE A CZ  1 
ATOM   228  C  CZ  B PHE A 1 24  ? -2.103  0.024   -5.728  0.50 20.82 ? 23  PHE A CZ  1 
ATOM   229  N  N   . PHE A 1 25  ? 1.200   4.248   -7.378  1.00 16.07 ? 24  PHE A N   1 
ATOM   230  C  CA  . PHE A 1 25  ? 0.158   5.267   -7.206  1.00 15.20 ? 24  PHE A CA  1 
ATOM   231  C  C   . PHE A 1 25  ? 0.014   6.123   -8.448  1.00 16.77 ? 24  PHE A C   1 
ATOM   232  O  O   . PHE A 1 25  ? -1.071  6.614   -8.736  1.00 16.60 ? 24  PHE A O   1 
ATOM   233  C  CB  . PHE A 1 25  ? 0.404   6.087   -5.951  1.00 14.36 ? 24  PHE A CB  1 
ATOM   234  C  CG  . PHE A 1 25  ? 0.455   5.282   -4.716  1.00 12.86 ? 24  PHE A CG  1 
ATOM   235  C  CD1 . PHE A 1 25  ? -0.600  4.463   -4.360  1.00 16.11 ? 24  PHE A CD1 1 
ATOM   236  C  CD2 . PHE A 1 25  ? 1.512   5.383   -3.845  1.00 15.12 ? 24  PHE A CD2 1 
ATOM   237  C  CE1 . PHE A 1 25  ? -0.545  3.670   -3.203  1.00 18.41 ? 24  PHE A CE1 1 
ATOM   238  C  CE2 . PHE A 1 25  ? 1.544   4.613   -2.663  1.00 16.63 ? 24  PHE A CE2 1 
ATOM   239  C  CZ  . PHE A 1 25  ? 0.504   3.769   -2.334  1.00 15.60 ? 24  PHE A CZ  1 
ATOM   240  N  N   . LEU A 1 26  ? 1.072   6.295   -9.202  1.00 19.35 ? 25  LEU A N   1 
ATOM   241  C  CA  . LEU A 1 26  ? 0.941   7.039   -10.465 1.00 21.46 ? 25  LEU A CA  1 
ATOM   242  C  C   . LEU A 1 26  ? -0.104  6.443   -11.416 1.00 27.91 ? 25  LEU A C   1 
ATOM   243  O  O   . LEU A 1 26  ? -0.843  7.183   -12.044 1.00 29.52 ? 25  LEU A O   1 
ATOM   244  C  CB  . LEU A 1 26  ? 2.282   7.154   -11.177 1.00 24.73 ? 25  LEU A CB  1 
ATOM   245  C  CG  . LEU A 1 26  ? 3.248   8.108   -10.495 1.00 23.13 ? 25  LEU A CG  1 
ATOM   246  C  CD1 . LEU A 1 26  ? 4.645   7.969   -11.103 1.00 29.73 ? 25  LEU A CD1 1 
ATOM   247  C  CD2 . LEU A 1 26  ? 2.756   9.564   -10.598 1.00 24.48 ? 25  LEU A CD2 1 
ATOM   248  N  N   . ASP A 1 27  ? -0.186  5.118   -11.464 1.00 31.31 ? 26  ASP A N   1 
ATOM   249  C  CA  . ASP A 1 27  ? -1.104  4.405   -12.362 1.00 32.60 ? 26  ASP A CA  1 
ATOM   250  C  C   . ASP A 1 27  ? -2.428  3.942   -11.741 1.00 29.31 ? 26  ASP A C   1 
ATOM   251  O  O   . ASP A 1 27  ? -3.426  3.736   -12.434 1.00 32.19 ? 26  ASP A O   1 
ATOM   252  C  CB  . ASP A 1 27  ? -0.383  3.142   -12.854 1.00 36.38 ? 26  ASP A CB  1 
ATOM   253  C  CG  . ASP A 1 27  ? 1.022   3.428   -13.360 1.00 45.46 ? 26  ASP A CG  1 
ATOM   254  O  OD1 . ASP A 1 27  ? 1.180   4.341   -14.207 1.00 61.22 ? 26  ASP A OD1 1 
ATOM   255  O  OD2 . ASP A 1 27  ? 1.966   2.738   -12.912 1.00 57.54 ? 26  ASP A OD2 1 
ATOM   256  N  N   A ASN A 1 28  ? -2.444  3.769   -10.439 0.50 23.22 ? 27  ASN A N   1 
ATOM   257  N  N   B ASN A 1 28  ? -2.440  3.730   -10.438 0.50 23.06 ? 27  ASN A N   1 
ATOM   258  C  CA  A ASN A 1 28  ? -3.562  3.108   -9.825  0.50 23.26 ? 27  ASN A CA  1 
ATOM   259  C  CA  B ASN A 1 28  ? -3.565  3.067   -9.812  0.50 22.96 ? 27  ASN A CA  1 
ATOM   260  C  C   A ASN A 1 28  ? -4.329  3.953   -8.853  0.50 21.85 ? 27  ASN A C   1 
ATOM   261  C  C   B ASN A 1 28  ? -4.236  3.874   -8.718  0.50 20.93 ? 27  ASN A C   1 
ATOM   262  O  O   A ASN A 1 28  ? -5.398  3.564   -8.392  0.50 24.70 ? 27  ASN A O   1 
ATOM   263  O  O   B ASN A 1 28  ? -5.117  3.352   -7.999  0.50 18.05 ? 27  ASN A O   1 
ATOM   264  C  CB  A ASN A 1 28  ? -3.064  1.841   -9.140  0.50 23.76 ? 27  ASN A CB  1 
ATOM   265  C  CB  B ASN A 1 28  ? -3.109  1.730   -9.215  0.50 24.12 ? 27  ASN A CB  1 
ATOM   266  C  CG  A ASN A 1 28  ? -2.608  0.822   -10.141 0.50 28.31 ? 27  ASN A CG  1 
ATOM   267  C  CG  B ASN A 1 28  ? -2.365  0.860   -10.219 0.50 30.52 ? 27  ASN A CG  1 
ATOM   268  O  OD1 A ASN A 1 28  ? -3.399  -0.027  -10.553 0.50 29.72 ? 27  ASN A OD1 1 
ATOM   269  O  OD1 B ASN A 1 28  ? -2.620  0.904   -11.433 0.50 31.84 ? 27  ASN A OD1 1 
ATOM   270  N  ND2 A ASN A 1 28  ? -1.350  0.946   -10.610 0.50 19.80 ? 27  ASN A ND2 1 
ATOM   271  N  ND2 B ASN A 1 28  ? -1.445  0.048   -9.710  0.50 34.64 ? 27  ASN A ND2 1 
ATOM   272  N  N   . ALA A 1 29  ? -3.784  5.110   -8.513  1.00 17.10 ? 28  ALA A N   1 
ATOM   273  C  CA  . ALA A 1 29  ? -4.391  5.915   -7.511  1.00 17.00 ? 28  ALA A CA  1 
ATOM   274  C  C   . ALA A 1 29  ? -5.220  7.007   -8.158  1.00 15.79 ? 28  ALA A C   1 
ATOM   275  O  O   . ALA A 1 29  ? -4.944  7.437   -9.291  1.00 14.92 ? 28  ALA A O   1 
ATOM   276  C  CB  . ALA A 1 29  ? -3.344  6.505   -6.544  1.00 16.03 ? 28  ALA A CB  1 
ATOM   277  N  N   . THR A 1 30  ? -6.210  7.450   -7.405  1.00 14.59 ? 29  THR A N   1 
ATOM   278  C  CA  . THR A 1 30  ? -7.039  8.572   -7.802  1.00 14.15 ? 29  THR A CA  1 
ATOM   279  C  C   . THR A 1 30  ? -6.202  9.845   -7.721  1.00 15.56 ? 29  THR A C   1 
ATOM   280  O  O   . THR A 1 30  ? -5.182  9.907   -7.042  1.00 14.90 ? 29  THR A O   1 
ATOM   281  C  CB  . THR A 1 30  ? -8.231  8.751   -6.861  1.00 15.94 ? 29  THR A CB  1 
ATOM   282  O  OG1 . THR A 1 30  ? -7.752  9.012   -5.535  1.00 18.72 ? 29  THR A OG1 1 
ATOM   283  C  CG2 . THR A 1 30  ? -9.113  7.511   -6.818  1.00 20.57 ? 29  THR A CG2 1 
ATOM   284  N  N   . ALA A 1 31  ? -6.609  10.879  -8.441  1.00 13.48 ? 30  ALA A N   1 
ATOM   285  C  CA  . ALA A 1 31  ? -5.847  12.118  -8.478  1.00 14.79 ? 30  ALA A CA  1 
ATOM   286  C  C   . ALA A 1 31  ? -5.657  12.765  -7.134  1.00 16.57 ? 30  ALA A C   1 
ATOM   287  O  O   . ALA A 1 31  ? -4.672  13.493  -6.935  1.00 18.94 ? 30  ALA A O   1 
ATOM   288  C  CB  . ALA A 1 31  ? -6.543  13.137  -9.407  1.00 17.22 ? 30  ALA A CB  1 
ATOM   289  N  N   . ASP A 1 32  ? -6.624  12.609  -6.265  1.00 16.66 ? 31  ASP A N   1 
ATOM   290  C  CA  . ASP A 1 32  ? -6.551  13.244  -4.935  1.00 20.28 ? 31  ASP A CA  1 
ATOM   291  C  C   . ASP A 1 32  ? -6.018  12.311  -3.833  1.00 17.59 ? 31  ASP A C   1 
ATOM   292  O  O   . ASP A 1 32  ? -6.086  12.617  -2.651  1.00 18.91 ? 31  ASP A O   1 
ATOM   293  C  CB  . ASP A 1 32  ? -7.891  13.863  -4.586  1.00 22.57 ? 31  ASP A CB  1 
ATOM   294  C  CG  . ASP A 1 32  ? -8.963  12.861  -4.417  1.00 25.13 ? 31  ASP A CG  1 
ATOM   295  O  OD1 . ASP A 1 32  ? -8.882  11.726  -4.957  1.00 28.42 ? 31  ASP A OD1 1 
ATOM   296  O  OD2 . ASP A 1 32  ? -9.975  13.242  -3.792  1.00 41.74 ? 31  ASP A OD2 1 
ATOM   297  N  N   . PHE A 1 33  ? -5.499  11.168  -4.243  1.00 14.03 ? 32  PHE A N   1 
ATOM   298  C  CA  . PHE A 1 33  ? -4.802  10.262  -3.329  1.00 13.67 ? 32  PHE A CA  1 
ATOM   299  C  C   . PHE A 1 33  ? -3.640  10.960  -2.644  1.00 13.86 ? 32  PHE A C   1 
ATOM   300  O  O   . PHE A 1 33  ? -2.882  11.680  -3.271  1.00 14.73 ? 32  PHE A O   1 
ATOM   301  C  CB  . PHE A 1 33  ? -4.231  9.101   -4.129  1.00 14.02 ? 32  PHE A CB  1 
ATOM   302  C  CG  . PHE A 1 33  ? -3.275  8.233   -3.345  1.00 13.62 ? 32  PHE A CG  1 
ATOM   303  C  CD1 . PHE A 1 33  ? -3.734  7.198   -2.588  1.00 14.94 ? 32  PHE A CD1 1 
ATOM   304  C  CD2 . PHE A 1 33  ? -1.917  8.455   -3.384  1.00 12.49 ? 32  PHE A CD2 1 
ATOM   305  C  CE1 . PHE A 1 33  ? -2.881  6.424   -1.831  1.00 14.89 ? 32  PHE A CE1 1 
ATOM   306  C  CE2 . PHE A 1 33  ? -1.047  7.669   -2.612  1.00 14.03 ? 32  PHE A CE2 1 
ATOM   307  C  CZ  . PHE A 1 33  ? -1.514  6.657   -1.870  1.00 13.73 ? 32  PHE A CZ  1 
ATOM   308  N  N   . LEU A 1 34  ? -3.480  10.661  -1.353  1.00 13.58 ? 33  LEU A N   1 
ATOM   309  C  CA  . LEU A 1 34  ? -2.237  10.912  -0.641  1.00 12.35 ? 33  LEU A CA  1 
ATOM   310  C  C   . LEU A 1 34  ? -1.879  9.686   0.182   1.00 12.57 ? 33  LEU A C   1 
ATOM   311  O  O   . LEU A 1 34  ? -2.749  8.927   0.599   1.00 12.99 ? 33  LEU A O   1 
ATOM   312  C  CB  . LEU A 1 34  ? -2.330  12.132  0.270   1.00 13.85 ? 33  LEU A CB  1 
ATOM   313  C  CG  . LEU A 1 34  ? -2.586  13.457  -0.385  1.00 12.78 ? 33  LEU A CG  1 
ATOM   314  C  CD1 . LEU A 1 34  ? -2.938  14.560  0.630   1.00 13.48 ? 33  LEU A CD1 1 
ATOM   315  C  CD2 . LEU A 1 34  ? -1.400  13.921  -1.234  1.00 13.70 ? 33  LEU A CD2 1 
ATOM   316  N  N   . PHE A 1 35  ? -0.587  9.536   0.411   1.00 11.49 ? 34  PHE A N   1 
ATOM   317  C  CA  . PHE A 1 35  ? 0.011   8.513   1.256   1.00 11.87 ? 34  PHE A CA  1 
ATOM   318  C  C   . PHE A 1 35  ? 0.499   9.191   2.520   1.00 12.01 ? 34  PHE A C   1 
ATOM   319  O  O   . PHE A 1 35  ? 1.325   10.119  2.441   1.00 12.61 ? 34  PHE A O   1 
ATOM   320  C  CB  . PHE A 1 35  ? 1.207   7.872   0.510   1.00 13.05 ? 34  PHE A CB  1 
ATOM   321  C  CG  . PHE A 1 35  ? 1.930   6.820   1.286   1.00 13.88 ? 34  PHE A CG  1 
ATOM   322  C  CD1 . PHE A 1 35  ? 1.528   5.507   1.216   1.00 13.43 ? 34  PHE A CD1 1 
ATOM   323  C  CD2 . PHE A 1 35  ? 3.030   7.154   2.068   1.00 14.99 ? 34  PHE A CD2 1 
ATOM   324  C  CE1 . PHE A 1 35  ? 2.204   4.522   1.933   1.00 16.71 ? 34  PHE A CE1 1 
ATOM   325  C  CE2 . PHE A 1 35  ? 3.728   6.153   2.766   1.00 15.93 ? 34  PHE A CE2 1 
ATOM   326  C  CZ  . PHE A 1 35  ? 3.311   4.875   2.671   1.00 15.11 ? 34  PHE A CZ  1 
ATOM   327  N  N   . ILE A 1 36  ? -0.039  8.799   3.669   1.00 11.27 ? 35  ILE A N   1 
ATOM   328  C  CA  . ILE A 1 36  ? 0.294   9.413   4.958   1.00 11.51 ? 35  ILE A CA  1 
ATOM   329  C  C   . ILE A 1 36  ? 1.362   8.599   5.633   1.00 11.31 ? 35  ILE A C   1 
ATOM   330  O  O   . ILE A 1 36  ? 1.156   7.454   5.979   1.00 12.36 ? 35  ILE A O   1 
ATOM   331  C  CB  . ILE A 1 36  ? -0.935  9.593   5.852   1.00 12.28 ? 35  ILE A CB  1 
ATOM   332  C  CG1 . ILE A 1 36  ? -2.056  10.336  5.121   1.00 13.34 ? 35  ILE A CG1 1 
ATOM   333  C  CG2 . ILE A 1 36  ? -0.552  10.332  7.130   1.00 12.15 ? 35  ILE A CG2 1 
ATOM   334  C  CD1 . ILE A 1 36  ? -1.641  11.678  4.476   1.00 13.22 ? 35  ILE A CD1 1 
ATOM   335  N  N   . ARG A 1 37  ? 2.545   9.201   5.742   1.00 12.45 ? 36  ARG A N   1 
ATOM   336  C  CA  . ARG A 1 37  ? 3.696   8.591   6.395   1.00 12.21 ? 36  ARG A CA  1 
ATOM   337  C  C   . ARG A 1 37  ? 3.486   8.473   7.905   1.00 12.63 ? 36  ARG A C   1 
ATOM   338  O  O   . ARG A 1 37  ? 2.583   9.134   8.481   1.00 11.57 ? 36  ARG A O   1 
ATOM   339  C  CB  . ARG A 1 37  ? 4.929   9.424   6.103   1.00 12.16 ? 36  ARG A CB  1 
ATOM   340  C  CG  . ARG A 1 37  ? 5.344   9.398   4.648   1.00 13.53 ? 36  ARG A CG  1 
ATOM   341  C  CD  . ARG A 1 37  ? 6.519   10.366  4.397   1.00 15.86 ? 36  ARG A CD  1 
ATOM   342  N  NE  . ARG A 1 37  ? 6.020   11.698  4.141   1.00 15.10 ? 36  ARG A NE  1 
ATOM   343  C  CZ  . ARG A 1 37  ? 6.766   12.721  3.725   1.00 16.18 ? 36  ARG A CZ  1 
ATOM   344  N  NH1 . ARG A 1 37  ? 8.076   12.571  3.606   1.00 19.34 ? 36  ARG A NH1 1 
ATOM   345  N  NH2 . ARG A 1 37  ? 6.189   13.887  3.434   1.00 15.29 ? 36  ARG A NH2 1 
ATOM   346  N  N   . PRO A 1 38  ? 4.332   7.684   8.578   1.00 11.87 ? 37  PRO A N   1 
ATOM   347  C  CA  . PRO A 1 38  ? 4.185   7.543   10.024  1.00 12.78 ? 37  PRO A CA  1 
ATOM   348  C  C   . PRO A 1 38  ? 4.230   8.869   10.778  1.00 12.68 ? 37  PRO A C   1 
ATOM   349  O  O   . PRO A 1 38  ? 3.592   8.990   11.838  1.00 11.96 ? 37  PRO A O   1 
ATOM   350  C  CB  . PRO A 1 38  ? 5.381   6.659   10.405  1.00 13.23 ? 37  PRO A CB  1 
ATOM   351  C  CG  . PRO A 1 38  ? 5.573   5.792   9.190   1.00 12.29 ? 37  PRO A CG  1 
ATOM   352  C  CD  . PRO A 1 38  ? 5.369   6.764   8.070   1.00 12.85 ? 37  PRO A CD  1 
ATOM   353  N  N   . SER A 1 39  ? 4.975   9.858   10.281  1.00 12.00 ? 38  SER A N   1 
ATOM   354  C  CA  . SER A 1 39  ? 5.006   11.183  10.825  1.00 10.60 ? 38  SER A CA  1 
ATOM   355  C  C   . SER A 1 39  ? 3.701   11.962  10.718  1.00 11.59 ? 38  SER A C   1 
ATOM   356  O  O   . SER A 1 39  ? 3.557   12.997  11.388  1.00 12.14 ? 38  SER A O   1 
ATOM   357  C  CB  . SER A 1 39  ? 6.052   11.971  10.052  1.00 12.71 ? 38  SER A CB  1 
ATOM   358  O  OG  . SER A 1 39  ? 5.684   12.015  8.690   1.00 13.27 ? 38  SER A OG  1 
ATOM   359  N  N   . GLY A 1 40  ? 2.803   11.510  9.853   1.00 12.19 ? 39  GLY A N   1 
ATOM   360  C  CA  . GLY A 1 40  ? 1.616   12.264  9.500   1.00 10.91 ? 39  GLY A CA  1 
ATOM   361  C  C   . GLY A 1 40  ? 1.772   13.099  8.247   1.00 11.50 ? 39  GLY A C   1 
ATOM   362  O  O   . GLY A 1 40  ? 0.829   13.709  7.763   1.00 12.40 ? 39  GLY A O   1 
ATOM   363  N  N   . ASN A 1 41  ? 3.015   13.188  7.740   1.00 11.92 ? 40  ASN A N   1 
ATOM   364  C  CA  . ASN A 1 41  ? 3.276   14.067  6.608   1.00 11.91 ? 40  ASN A CA  1 
ATOM   365  C  C   . ASN A 1 41  ? 2.874   13.384  5.288   1.00 10.72 ? 40  ASN A C   1 
ATOM   366  O  O   . ASN A 1 41  ? 3.239   12.226  5.044   1.00 12.03 ? 40  ASN A O   1 
ATOM   367  C  CB  . ASN A 1 41  ? 4.749   14.413  6.604   1.00 11.84 ? 40  ASN A CB  1 
ATOM   368  C  CG  . ASN A 1 41  ? 5.117   15.236  7.788   1.00 14.43 ? 40  ASN A CG  1 
ATOM   369  O  OD1 . ASN A 1 41  ? 4.250   15.903  8.370   1.00 14.94 ? 40  ASN A OD1 1 
ATOM   370  N  ND2 . ASN A 1 41  ? 6.403   15.254  8.134   1.00 15.44 ? 40  ASN A ND2 1 
ATOM   371  N  N   . PRO A 1 42  ? 2.078   14.061  4.470   1.00 12.58 ? 41  PRO A N   1 
ATOM   372  C  CA  . PRO A 1 42  ? 1.622   13.450  3.224   1.00 12.79 ? 41  PRO A CA  1 
ATOM   373  C  C   . PRO A 1 42  ? 2.659   13.396  2.137   1.00 12.98 ? 41  PRO A C   1 
ATOM   374  O  O   . PRO A 1 42  ? 3.548   14.268  2.062   1.00 12.96 ? 41  PRO A O   1 
ATOM   375  C  CB  . PRO A 1 42  ? 0.474   14.379  2.807   1.00 13.78 ? 41  PRO A CB  1 
ATOM   376  C  CG  . PRO A 1 42  ? 0.826   15.714  3.359   1.00 13.77 ? 41  PRO A CG  1 
ATOM   377  C  CD  . PRO A 1 42  ? 1.480   15.394  4.694   1.00 12.11 ? 41  PRO A CD  1 
ATOM   378  N  N   . LEU A 1 43  ? 2.509   12.390  1.278   1.00 12.49 ? 42  LEU A N   1 
ATOM   379  C  CA  . LEU A 1 43  ? 3.191   12.334  -0.029  1.00 12.57 ? 42  LEU A CA  1 
ATOM   380  C  C   . LEU A 1 43  ? 2.152   12.081  -1.094  1.00 13.72 ? 42  LEU A C   1 
ATOM   381  O  O   . LEU A 1 43  ? 1.242   11.283  -0.900  1.00 14.19 ? 42  LEU A O   1 
ATOM   382  C  CB  . LEU A 1 43  ? 4.161   11.171  -0.061  1.00 16.15 ? 42  LEU A CB  1 
ATOM   383  C  CG  . LEU A 1 43  ? 5.447   11.261  0.724   1.00 18.62 ? 42  LEU A CG  1 
ATOM   384  C  CD1 . LEU A 1 43  ? 6.188   9.907   0.628   1.00 18.71 ? 42  LEU A CD1 1 
ATOM   385  C  CD2 . LEU A 1 43  ? 6.317   12.431  0.156   1.00 17.59 ? 42  LEU A CD2 1 
ATOM   386  N  N   . ASP A 1 44  ? 2.281   12.755  -2.229  1.00 13.53 ? 43  ASP A N   1 
ATOM   387  C  CA  . ASP A 1 44  ? 1.445   12.399  -3.364  1.00 14.40 ? 43  ASP A CA  1 
ATOM   388  C  C   . ASP A 1 44  ? 2.091   11.259  -4.184  1.00 13.06 ? 43  ASP A C   1 
ATOM   389  O  O   . ASP A 1 44  ? 3.140   10.707  -3.820  1.00 13.34 ? 43  ASP A O   1 
ATOM   390  C  CB  . ASP A 1 44  ? 1.081   13.640  -4.197  1.00 16.15 ? 43  ASP A CB  1 
ATOM   391  C  CG  . ASP A 1 44  ? 2.254   14.277  -4.908  1.00 22.03 ? 43  ASP A CG  1 
ATOM   392  O  OD1 . ASP A 1 44  ? 3.339   13.716  -4.980  1.00 18.78 ? 43  ASP A OD1 1 
ATOM   393  O  OD2 . ASP A 1 44  ? 2.078   15.418  -5.401  1.00 24.54 ? 43  ASP A OD2 1 
ATOM   394  N  N   . ALA A 1 45  ? 1.429   10.841  -5.269  1.00 13.43 ? 44  ALA A N   1 
ATOM   395  C  CA  . ALA A 1 45  ? 1.923   9.682   -6.017  1.00 13.25 ? 44  ALA A CA  1 
ATOM   396  C  C   . ALA A 1 45  ? 3.349   9.907   -6.512  1.00 14.45 ? 44  ALA A C   1 
ATOM   397  O  O   . ALA A 1 45  ? 4.184   8.996   -6.481  1.00 14.56 ? 44  ALA A O   1 
ATOM   398  C  CB  . ALA A 1 45  ? 1.000   9.374   -7.193  1.00 14.59 ? 44  ALA A CB  1 
ATOM   399  N  N   . LYS A 1 46  ? 3.655   11.110  -6.964  1.00 12.99 ? 45  LYS A N   1 
ATOM   400  C  CA  . LYS A 1 46  ? 4.995   11.402  -7.467  1.00 14.03 ? 45  LYS A CA  1 
ATOM   401  C  C   . LYS A 1 46  ? 6.009   11.462  -6.338  1.00 14.66 ? 45  LYS A C   1 
ATOM   402  O  O   . LYS A 1 46  ? 7.113   10.944  -6.468  1.00 16.11 ? 45  LYS A O   1 
ATOM   403  C  CB  . LYS A 1 46  ? 4.976   12.697  -8.295  1.00 16.90 ? 45  LYS A CB  1 
ATOM   404  C  CG  . LYS A 1 46  ? 6.313   13.082  -8.893  1.00 20.01 ? 45  LYS A CG  1 
ATOM   405  C  CD  . LYS A 1 46  ? 6.934   11.937  -9.625  1.00 24.40 ? 45  LYS A CD  1 
ATOM   406  N  N   . GLY A 1 47  ? 5.628   12.075  -5.234  1.00 15.11 ? 46  GLY A N   1 
ATOM   407  C  CA  . GLY A 1 47  ? 6.473   12.093  -4.047  1.00 15.37 ? 46  GLY A CA  1 
ATOM   408  C  C   . GLY A 1 47  ? 6.822   10.700  -3.575  1.00 16.28 ? 46  GLY A C   1 
ATOM   409  O  O   . GLY A 1 47  ? 7.970   10.416  -3.169  1.00 17.47 ? 46  GLY A O   1 
ATOM   410  N  N   . PHE A 1 48  ? 5.841   9.801   -3.621  1.00 15.11 ? 47  PHE A N   1 
ATOM   411  C  CA  . PHE A 1 48  ? 6.078   8.416   -3.221  1.00 15.21 ? 47  PHE A CA  1 
ATOM   412  C  C   . PHE A 1 48  ? 7.081   7.758   -4.184  1.00 15.85 ? 47  PHE A C   1 
ATOM   413  O  O   . PHE A 1 48  ? 8.016   7.085   -3.766  1.00 16.41 ? 47  PHE A O   1 
ATOM   414  C  CB  . PHE A 1 48  ? 4.760   7.654   -3.150  1.00 14.06 ? 47  PHE A CB  1 
ATOM   415  C  CG  . PHE A 1 48  ? 4.893   6.258   -2.598  1.00 13.18 ? 47  PHE A CG  1 
ATOM   416  C  CD1 . PHE A 1 48  ? 4.805   6.052   -1.259  1.00 13.85 ? 47  PHE A CD1 1 
ATOM   417  C  CD2 . PHE A 1 48  ? 5.063   5.185   -3.432  1.00 14.68 ? 47  PHE A CD2 1 
ATOM   418  C  CE1 . PHE A 1 48  ? 4.913   4.803   -0.720  1.00 15.76 ? 47  PHE A CE1 1 
ATOM   419  C  CE2 . PHE A 1 48  ? 5.169   3.912   -2.922  1.00 14.33 ? 47  PHE A CE2 1 
ATOM   420  C  CZ  . PHE A 1 48  ? 5.107   3.714   -1.556  1.00 14.66 ? 47  PHE A CZ  1 
ATOM   421  N  N   . GLU A 1 49  ? 6.894   7.967   -5.480  1.00 15.04 ? 48  GLU A N   1 
ATOM   422  C  CA  . GLU A 1 49  ? 7.784   7.374   -6.441  1.00 17.25 ? 48  GLU A CA  1 
ATOM   423  C  C   . GLU A 1 49  ? 9.195   7.931   -6.258  1.00 18.35 ? 48  GLU A C   1 
ATOM   424  O  O   . GLU A 1 49  ? 10.164  7.203   -6.423  1.00 18.74 ? 48  GLU A O   1 
ATOM   425  C  CB  . GLU A 1 49  ? 7.299   7.646   -7.855  1.00 17.65 ? 48  GLU A CB  1 
ATOM   426  C  CG  . GLU A 1 49  ? 8.102   6.905   -8.927  1.00 19.76 ? 48  GLU A CG  1 
ATOM   427  C  CD  . GLU A 1 49  ? 7.912   7.488   -10.312 1.00 26.21 ? 48  GLU A CD  1 
ATOM   428  O  OE1 . GLU A 1 49  ? 8.109   8.706   -10.469 1.00 28.72 ? 48  GLU A OE1 1 
ATOM   429  O  OE2 . GLU A 1 49  ? 7.563   6.714   -11.219 1.00 26.20 ? 48  GLU A OE2 1 
ATOM   430  N  N   . ASN A 1 50  ? 9.287   9.209   -5.916  1.00 16.55 ? 49  ASN A N   1 
ATOM   431  C  CA  . ASN A 1 50  ? 10.609  9.862   -5.755  1.00 19.25 ? 49  ASN A CA  1 
ATOM   432  C  C   . ASN A 1 50  ? 11.425  9.227   -4.637  1.00 22.67 ? 49  ASN A C   1 
ATOM   433  O  O   . ASN A 1 50  ? 12.664  9.196   -4.683  1.00 21.67 ? 49  ASN A O   1 
ATOM   434  C  CB  . ASN A 1 50  ? 10.470  11.360  -5.504  1.00 20.74 ? 49  ASN A CB  1 
ATOM   435  C  CG  . ASN A 1 50  ? 10.114  12.156  -6.759  1.00 16.34 ? 49  ASN A CG  1 
ATOM   436  O  OD1 . ASN A 1 50  ? 10.181  11.665  -7.885  1.00 21.71 ? 49  ASN A OD1 1 
ATOM   437  N  ND2 . ASN A 1 50  ? 9.699   13.387  -6.545  1.00 25.22 ? 49  ASN A ND2 1 
HETATM 438  N  N   A MSE A 1 51  ? 10.740  8.687   -3.643  0.50 22.39 ? 50  MSE A N   1 
HETATM 439  N  N   B MSE A 1 51  ? 10.721  8.710   -3.639  0.50 24.75 ? 50  MSE A N   1 
HETATM 440  C  CA  A MSE A 1 51  ? 11.402  8.106   -2.509  0.50 24.68 ? 50  MSE A CA  1 
HETATM 441  C  CA  B MSE A 1 51  ? 11.332  8.097   -2.487  0.50 28.99 ? 50  MSE A CA  1 
HETATM 442  C  C   A MSE A 1 51  ? 12.106  6.853   -2.976  0.50 27.78 ? 50  MSE A C   1 
HETATM 443  C  C   B MSE A 1 51  ? 12.075  6.860   -2.955  0.50 29.98 ? 50  MSE A C   1 
HETATM 444  O  O   A MSE A 1 51  ? 13.256  6.582   -2.620  0.50 26.62 ? 50  MSE A O   1 
HETATM 445  O  O   B MSE A 1 51  ? 13.225  6.615   -2.579  0.50 29.05 ? 50  MSE A O   1 
HETATM 446  C  CB  A MSE A 1 51  ? 10.341  7.778   -1.461  0.50 26.42 ? 50  MSE A CB  1 
HETATM 447  C  CB  B MSE A 1 51  ? 10.210  7.719   -1.508  0.50 30.39 ? 50  MSE A CB  1 
HETATM 448  C  CG  A MSE A 1 51  ? 10.849  7.341   -0.137  0.50 28.39 ? 50  MSE A CG  1 
HETATM 449  C  CG  B MSE A 1 51  ? 10.624  7.355   -0.117  0.50 32.39 ? 50  MSE A CG  1 
HETATM 450  SE SE  A MSE A 1 51  ? 9.393   7.391   1.118   0.38 22.85 ? 50  MSE A SE  1 
HETATM 451  SE SE  B MSE A 1 51  ? 9.338   6.116   0.644   0.37 35.57 ? 50  MSE A SE  1 
HETATM 452  C  CE  A MSE A 1 51  ? 8.082   6.457   0.124   0.50 11.10 ? 50  MSE A CE  1 
HETATM 453  C  CE  B MSE A 1 51  ? 7.809   7.129   0.542   0.50 26.12 ? 50  MSE A CE  1 
ATOM   454  N  N   . TRP A 1 52  ? 11.398  6.085   -3.799  1.00 32.22 ? 51  TRP A N   1 
ATOM   455  C  CA  . TRP A 1 52  ? 11.878  4.785   -4.236  1.00 35.55 ? 51  TRP A CA  1 
ATOM   456  C  C   . TRP A 1 52  ? 12.831  4.918   -5.391  1.00 38.42 ? 51  TRP A C   1 
ATOM   457  O  O   . TRP A 1 52  ? 13.505  3.958   -5.742  1.00 40.99 ? 51  TRP A O   1 
ATOM   458  C  CB  . TRP A 1 52  ? 10.691  3.859   -4.585  1.00 32.07 ? 51  TRP A CB  1 
ATOM   459  C  CG  . TRP A 1 52  ? 9.972   3.433   -3.404  1.00 31.53 ? 51  TRP A CG  1 
ATOM   460  C  CD1 . TRP A 1 52  ? 8.759   3.869   -2.967  1.00 20.83 ? 51  TRP A CD1 1 
ATOM   461  C  CD2 . TRP A 1 52  ? 10.422  2.477   -2.445  1.00 31.89 ? 51  TRP A CD2 1 
ATOM   462  N  NE1 . TRP A 1 52  ? 8.422   3.233   -1.797  1.00 33.26 ? 51  TRP A NE1 1 
ATOM   463  C  CE2 . TRP A 1 52  ? 9.429   2.377   -1.454  1.00 30.84 ? 51  TRP A CE2 1 
ATOM   464  C  CE3 . TRP A 1 52  ? 11.571  1.687   -2.332  1.00 26.23 ? 51  TRP A CE3 1 
ATOM   465  C  CZ2 . TRP A 1 52  ? 9.549   1.532   -0.362  1.00 30.98 ? 51  TRP A CZ2 1 
ATOM   466  C  CZ3 . TRP A 1 52  ? 11.687  0.854   -1.256  1.00 27.20 ? 51  TRP A CZ3 1 
ATOM   467  C  CH2 . TRP A 1 52  ? 10.690  0.783   -0.280  1.00 29.01 ? 51  TRP A CH2 1 
ATOM   468  N  N   . SER A 1 53  ? 12.901  6.109   -5.976  1.00 43.29 ? 52  SER A N   1 
ATOM   469  C  CA  . SER A 1 53  ? 13.769  6.344   -7.120  1.00 45.70 ? 52  SER A CA  1 
ATOM   470  C  C   . SER A 1 53  ? 15.188  6.614   -6.648  1.00 49.04 ? 52  SER A C   1 
ATOM   471  O  O   . SER A 1 53  ? 16.128  6.623   -7.442  1.00 50.07 ? 52  SER A O   1 
ATOM   472  C  CB  . SER A 1 53  ? 13.264  7.529   -7.967  1.00 45.37 ? 52  SER A CB  1 
ATOM   473  O  OG  . SER A 1 53  ? 13.792  8.784   -7.534  1.00 45.98 ? 52  SER A OG  1 
ATOM   474  N  N   . SER A 1 54  ? 15.340  6.831   -5.349  1.00 50.44 ? 53  SER A N   1 
ATOM   475  C  CA  . SER A 1 54  ? 16.594  7.334   -4.800  1.00 51.87 ? 53  SER A CA  1 
ATOM   476  C  C   . SER A 1 54  ? 17.847  6.581   -5.250  1.00 50.13 ? 53  SER A C   1 
ATOM   477  O  O   . SER A 1 54  ? 18.825  7.203   -5.669  1.00 51.50 ? 53  SER A O   1 
ATOM   478  C  CB  . SER A 1 54  ? 16.506  7.350   -3.283  1.00 52.43 ? 53  SER A CB  1 
ATOM   479  O  OG  . SER A 1 54  ? 15.523  8.292   -2.881  1.00 59.25 ? 53  SER A OG  1 
ATOM   480  N  N   . GLY A 1 55  ? 17.800  5.253   -5.177  1.00 46.69 ? 54  GLY A N   1 
ATOM   481  C  CA  . GLY A 1 55  ? 18.972  4.416   -5.410  1.00 42.70 ? 54  GLY A CA  1 
ATOM   482  C  C   . GLY A 1 55  ? 19.450  3.832   -4.093  1.00 38.95 ? 54  GLY A C   1 
ATOM   483  O  O   . GLY A 1 55  ? 19.877  2.679   -4.024  1.00 40.33 ? 54  GLY A O   1 
ATOM   484  N  N   . ASP A 1 56  ? 19.371  4.645   -3.046  1.00 34.25 ? 55  ASP A N   1 
ATOM   485  C  CA  . ASP A 1 56  ? 19.754  4.251   -1.706  1.00 32.33 ? 55  ASP A CA  1 
ATOM   486  C  C   . ASP A 1 56  ? 18.682  3.375   -1.057  1.00 27.92 ? 55  ASP A C   1 
ATOM   487  O  O   . ASP A 1 56  ? 18.950  2.748   -0.062  1.00 25.18 ? 55  ASP A O   1 
ATOM   488  C  CB  . ASP A 1 56  ? 19.918  5.488   -0.811  1.00 33.41 ? 55  ASP A CB  1 
ATOM   489  C  CG  . ASP A 1 56  ? 21.124  6.318   -1.165  1.00 41.00 ? 55  ASP A CG  1 
ATOM   490  O  OD1 . ASP A 1 56  ? 22.166  5.739   -1.539  1.00 48.39 ? 55  ASP A OD1 1 
ATOM   491  O  OD2 . ASP A 1 56  ? 21.033  7.554   -1.034  1.00 50.82 ? 55  ASP A OD2 1 
ATOM   492  N  N   . LEU A 1 57  ? 17.467  3.390   -1.590  1.00 26.44 ? 56  LEU A N   1 
ATOM   493  C  CA  . LEU A 1 57  ? 16.363  2.643   -0.989  1.00 25.23 ? 56  LEU A CA  1 
ATOM   494  C  C   . LEU A 1 57  ? 15.863  1.549   -1.948  1.00 24.77 ? 56  LEU A C   1 
ATOM   495  O  O   . LEU A 1 57  ? 15.369  1.840   -3.031  1.00 24.98 ? 56  LEU A O   1 
ATOM   496  C  CB  . LEU A 1 57  ? 15.241  3.618   -0.609  1.00 26.17 ? 56  LEU A CB  1 
ATOM   497  C  CG  . LEU A 1 57  ? 14.002  3.004   0.027   1.00 26.62 ? 56  LEU A CG  1 
ATOM   498  C  CD1 . LEU A 1 57  ? 14.305  2.403   1.402   1.00 27.61 ? 56  LEU A CD1 1 
ATOM   499  C  CD2 . LEU A 1 57  ? 12.869  4.041   0.113   1.00 24.65 ? 56  LEU A CD2 1 
ATOM   500  N  N   . VAL A 1 58  ? 16.000  0.281   -1.550  1.00 21.61 ? 57  VAL A N   1 
ATOM   501  C  CA  . VAL A 1 58  ? 15.653  -0.828  -2.429  1.00 19.81 ? 57  VAL A CA  1 
ATOM   502  C  C   . VAL A 1 58  ? 14.695  -1.786  -1.704  1.00 18.73 ? 57  VAL A C   1 
ATOM   503  O  O   . VAL A 1 58  ? 14.995  -2.206  -0.602  1.00 18.35 ? 57  VAL A O   1 
ATOM   504  C  CB  . VAL A 1 58  ? 16.905  -1.588  -2.846  1.00 19.65 ? 57  VAL A CB  1 
ATOM   505  C  CG1 . VAL A 1 58  ? 16.552  -2.809  -3.673  1.00 23.89 ? 57  VAL A CG1 1 
ATOM   506  C  CG2 . VAL A 1 58  ? 17.856  -0.639  -3.645  1.00 24.51 ? 57  VAL A CG2 1 
ATOM   507  N  N   . LEU A 1 59  ? 13.561  -2.116  -2.321  1.00 16.44 ? 58  LEU A N   1 
ATOM   508  C  CA  . LEU A 1 59  ? 12.618  -3.071  -1.745  1.00 16.36 ? 58  LEU A CA  1 
ATOM   509  C  C   . LEU A 1 59  ? 13.061  -4.459  -2.146  1.00 14.82 ? 58  LEU A C   1 
ATOM   510  O  O   . LEU A 1 59  ? 13.217  -4.732  -3.328  1.00 17.02 ? 58  LEU A O   1 
ATOM   511  C  CB  . LEU A 1 59  ? 11.221  -2.793  -2.285  1.00 17.67 ? 58  LEU A CB  1 
ATOM   512  C  CG  . LEU A 1 59  ? 10.047  -3.514  -1.647  1.00 16.82 ? 58  LEU A CG  1 
ATOM   513  C  CD1 . LEU A 1 59  ? 9.921   -3.157  -0.176  1.00 17.90 ? 58  LEU A CD1 1 
ATOM   514  C  CD2 . LEU A 1 59  ? 8.771   -3.191  -2.456  1.00 19.02 ? 58  LEU A CD2 1 
ATOM   515  N  N   A GLU A 1 60  ? 13.246  -5.320  -1.146  0.35 13.35 ? 59  GLU A N   1 
ATOM   516  N  N   B GLU A 1 60  ? 13.252  -5.336  -1.164  0.35 14.04 ? 59  GLU A N   1 
ATOM   517  N  N   C GLU A 1 60  ? 13.227  -5.338  -1.166  0.30 14.22 ? 59  GLU A N   1 
ATOM   518  C  CA  A GLU A 1 60  ? 13.678  -6.715  -1.318  0.35 11.65 ? 59  GLU A CA  1 
ATOM   519  C  CA  B GLU A 1 60  ? 13.660  -6.724  -1.413  0.35 13.10 ? 59  GLU A CA  1 
ATOM   520  C  CA  C GLU A 1 60  ? 13.648  -6.716  -1.413  0.30 13.43 ? 59  GLU A CA  1 
ATOM   521  C  C   A GLU A 1 60  ? 12.488  -7.677  -1.378  0.35 11.91 ? 59  GLU A C   1 
ATOM   522  C  C   B GLU A 1 60  ? 12.487  -7.708  -1.369  0.35 12.75 ? 59  GLU A C   1 
ATOM   523  C  C   C GLU A 1 60  ? 12.482  -7.704  -1.374  0.30 12.92 ? 59  GLU A C   1 
ATOM   524  O  O   A GLU A 1 60  ? 12.519  -8.673  -2.125  0.35 12.41 ? 59  GLU A O   1 
ATOM   525  O  O   B GLU A 1 60  ? 12.522  -8.750  -2.045  0.35 13.25 ? 59  GLU A O   1 
ATOM   526  O  O   C GLU A 1 60  ? 12.518  -8.742  -2.052  0.30 13.32 ? 59  GLU A O   1 
ATOM   527  C  CB  A GLU A 1 60  ? 14.596  -7.129  -0.159  0.35 11.52 ? 59  GLU A CB  1 
ATOM   528  C  CB  B GLU A 1 60  ? 14.755  -7.147  -0.429  0.35 13.58 ? 59  GLU A CB  1 
ATOM   529  C  CB  C GLU A 1 60  ? 14.718  -7.114  -0.403  0.30 13.77 ? 59  GLU A CB  1 
ATOM   530  C  CG  A GLU A 1 60  ? 15.755  -6.142  0.142   0.35 15.23 ? 59  GLU A CG  1 
ATOM   531  C  CG  B GLU A 1 60  ? 16.022  -6.281  -0.536  0.35 13.95 ? 59  GLU A CG  1 
ATOM   532  C  CG  C GLU A 1 60  ? 16.016  -6.322  -0.578  0.30 14.12 ? 59  GLU A CG  1 
ATOM   533  C  CD  A GLU A 1 60  ? 16.829  -6.087  -0.945  0.35 17.64 ? 59  GLU A CD  1 
ATOM   534  C  CD  B GLU A 1 60  ? 17.284  -6.948  0.016   0.35 15.43 ? 59  GLU A CD  1 
ATOM   535  C  CD  C GLU A 1 60  ? 16.969  -6.491  0.591   0.30 16.00 ? 59  GLU A CD  1 
ATOM   536  O  OE1 A GLU A 1 60  ? 16.728  -6.808  -1.962  0.35 21.42 ? 59  GLU A OE1 1 
ATOM   537  O  OE1 B GLU A 1 60  ? 18.298  -6.973  -0.710  0.35 17.74 ? 59  GLU A OE1 1 
ATOM   538  O  OE1 C GLU A 1 60  ? 17.935  -7.276  0.456   0.30 16.28 ? 59  GLU A OE1 1 
ATOM   539  O  OE2 A GLU A 1 60  ? 17.795  -5.300  -0.768  0.35 23.11 ? 59  GLU A OE2 1 
ATOM   540  O  OE2 B GLU A 1 60  ? 17.297  -7.426  1.177   0.35 16.29 ? 59  GLU A OE2 1 
ATOM   541  O  OE2 C GLU A 1 60  ? 16.742  -5.860  1.649   0.30 16.52 ? 59  GLU A OE2 1 
ATOM   542  N  N   . SER A 1 61  ? 11.455  -7.379  -0.589  1.00 12.22 ? 60  SER A N   1 
ATOM   543  C  CA  . SER A 1 61  ? 10.199  -8.157  -0.590  1.00 12.54 ? 60  SER A CA  1 
ATOM   544  C  C   . SER A 1 61  ? 9.123   -7.325  0.035   1.00 14.19 ? 60  SER A C   1 
ATOM   545  O  O   . SER A 1 61  ? 9.405   -6.506  0.903   1.00 13.84 ? 60  SER A O   1 
ATOM   546  C  CB  . SER A 1 61  ? 10.329  -9.517  0.089   1.00 15.01 ? 60  SER A CB  1 
ATOM   547  O  OG  . SER A 1 61  ? 10.681  -9.387  1.444   1.00 14.48 ? 60  SER A OG  1 
ATOM   548  N  N   . ALA A 1 62  ? 7.878   -7.571  -0.352  1.00 14.54 ? 61  ALA A N   1 
ATOM   549  C  CA  . ALA A 1 62  ? 6.733   -6.980  0.316   1.00 14.21 ? 61  ALA A CA  1 
ATOM   550  C  C   . ALA A 1 62  ? 5.561   -7.931  0.168   1.00 14.66 ? 61  ALA A C   1 
ATOM   551  O  O   . ALA A 1 62  ? 5.389   -8.585  -0.855  1.00 18.60 ? 61  ALA A O   1 
ATOM   552  C  CB  . ALA A 1 62  ? 6.351   -5.605  -0.292  1.00 18.04 ? 61  ALA A CB  1 
ATOM   553  N  N   . GLU A 1 63  ? 4.780   -8.049  1.214   1.00 15.85 ? 62  GLU A N   1 
ATOM   554  C  CA  . GLU A 1 63  ? 3.626   -8.921  1.141   1.00 17.17 ? 62  GLU A CA  1 
ATOM   555  C  C   . GLU A 1 63  ? 2.461   -8.374  1.931   1.00 17.85 ? 62  GLU A C   1 
ATOM   556  O  O   . GLU A 1 63  ? 2.639   -7.637  2.916   1.00 18.68 ? 62  GLU A O   1 
ATOM   557  C  CB  . GLU A 1 63  ? 3.972   -10.265 1.701   1.00 19.98 ? 62  GLU A CB  1 
ATOM   558  C  CG  . GLU A 1 63  ? 4.327   -10.246 3.109   1.00 19.24 ? 62  GLU A CG  1 
ATOM   559  C  CD  . GLU A 1 63  ? 4.453   -11.642 3.731   1.00 26.06 ? 62  GLU A CD  1 
ATOM   560  O  OE1 . GLU A 1 63  ? 5.120   -12.543 3.142   1.00 27.02 ? 62  GLU A OE1 1 
ATOM   561  O  OE2 . GLU A 1 63  ? 3.936   -11.837 4.860   1.00 25.50 ? 62  GLU A OE2 1 
ATOM   562  N  N   . ILE A 1 64  ? 1.263   -8.732  1.497   1.00 16.84 ? 63  ILE A N   1 
ATOM   563  C  CA  . ILE A 1 64  ? 0.051   -8.476  2.294   1.00 15.64 ? 63  ILE A CA  1 
ATOM   564  C  C   . ILE A 1 64  ? -0.008  -9.614  3.324   1.00 16.93 ? 63  ILE A C   1 
ATOM   565  O  O   . ILE A 1 64  ? -0.532  -10.703 3.048   1.00 17.42 ? 63  ILE A O   1 
ATOM   566  C  CB  . ILE A 1 64  ? -1.221  -8.374  1.407   1.00 15.32 ? 63  ILE A CB  1 
ATOM   567  C  CG1 . ILE A 1 64  ? -1.066  -7.327  0.272   1.00 17.63 ? 63  ILE A CG1 1 
ATOM   568  C  CG2 . ILE A 1 64  ? -2.430  -8.030  2.297   1.00 17.70 ? 63  ILE A CG2 1 
ATOM   569  C  CD1 . ILE A 1 64  ? -0.741  -5.861  0.724   1.00 19.19 ? 63  ILE A CD1 1 
ATOM   570  N  N   . THR A 1 65  ? 0.559   -9.408  4.497   1.00 15.73 ? 64  THR A N   1 
ATOM   571  C  CA  . THR A 1 65  ? 0.681   -10.427 5.508   1.00 16.26 ? 64  THR A CA  1 
ATOM   572  C  C   . THR A 1 65  ? -0.675  -10.873 6.066   1.00 16.65 ? 64  THR A C   1 
ATOM   573  O  O   . THR A 1 65  ? -0.947  -12.063 6.247   1.00 17.87 ? 64  THR A O   1 
ATOM   574  C  CB  . THR A 1 65  ? 1.592   -9.961  6.638   1.00 20.53 ? 64  THR A CB  1 
ATOM   575  O  OG1 . THR A 1 65  ? 2.865   -9.616  6.059   1.00 19.45 ? 64  THR A OG1 1 
ATOM   576  C  CG2 . THR A 1 65  ? 1.796   -11.036 7.669   1.00 22.60 ? 64  THR A CG2 1 
ATOM   577  N  N   . LYS A 1 66  ? -1.521  -9.899  6.378   1.00 14.88 ? 65  LYS A N   1 
ATOM   578  C  CA  . LYS A 1 66  ? -2.803  -10.200 6.996   1.00 15.00 ? 65  LYS A CA  1 
ATOM   579  C  C   . LYS A 1 66  ? -3.747  -9.053  6.755   1.00 14.36 ? 65  LYS A C   1 
ATOM   580  O  O   . LYS A 1 66  ? -3.359  -7.891  6.968   1.00 15.06 ? 65  LYS A O   1 
ATOM   581  C  CB  . LYS A 1 66  ? -2.665  -10.407 8.522   1.00 16.25 ? 65  LYS A CB  1 
ATOM   582  C  CG  . LYS A 1 66  ? -3.961  -10.881 9.214   1.00 17.72 ? 65  LYS A CG  1 
ATOM   583  C  CD  . LYS A 1 66  ? -4.359  -12.246 8.774   1.00 24.87 ? 65  LYS A CD  1 
ATOM   584  C  CE  . LYS A 1 66  ? -5.756  -12.615 9.273   1.00 38.54 ? 65  LYS A CE  1 
ATOM   585  N  NZ  . LYS A 1 66  ? -5.868  -12.460 10.723  1.00 42.22 ? 65  LYS A NZ  1 
ATOM   586  N  N   . VAL A 1 67  ? -4.957  -9.375  6.316   1.00 14.40 ? 66  VAL A N   1 
ATOM   587  C  CA  . VAL A 1 67  ? -6.031  -8.419  6.193   1.00 14.22 ? 66  VAL A CA  1 
ATOM   588  C  C   . VAL A 1 67  ? -6.855  -8.475  7.461   1.00 15.48 ? 66  VAL A C   1 
ATOM   589  O  O   . VAL A 1 67  ? -7.377  -9.529  7.841   1.00 17.11 ? 66  VAL A O   1 
ATOM   590  C  CB  . VAL A 1 67  ? -6.892  -8.658  4.945   1.00 15.26 ? 66  VAL A CB  1 
ATOM   591  C  CG1 . VAL A 1 67  ? -8.108  -7.748  4.929   1.00 15.26 ? 66  VAL A CG1 1 
ATOM   592  C  CG2 . VAL A 1 67  ? -6.045  -8.511  3.674   1.00 17.62 ? 66  VAL A CG2 1 
ATOM   593  N  N   . HIS A 1 68  ? -6.964  -7.339  8.120   1.00 12.40 ? 67  HIS A N   1 
ATOM   594  C  CA  . HIS A 1 68  ? -7.709  -7.208  9.383   1.00 11.96 ? 67  HIS A CA  1 
ATOM   595  C  C   . HIS A 1 68  ? -9.106  -6.722  9.190   1.00 14.75 ? 67  HIS A C   1 
ATOM   596  O  O   . HIS A 1 68  ? -9.958  -7.003  10.047  1.00 14.63 ? 67  HIS A O   1 
ATOM   597  C  CB  . HIS A 1 68  ? -6.972  -6.243  10.293  1.00 13.07 ? 67  HIS A CB  1 
ATOM   598  C  CG  . HIS A 1 68  ? -5.556  -6.632  10.514  1.00 13.30 ? 67  HIS A CG  1 
ATOM   599  N  ND1 . HIS A 1 68  ? -5.192  -7.826  11.117  1.00 16.58 ? 67  HIS A ND1 1 
ATOM   600  C  CD2 . HIS A 1 68  ? -4.410  -5.996  10.203  1.00 13.60 ? 67  HIS A CD2 1 
ATOM   601  C  CE1 . HIS A 1 68  ? -3.873  -7.880  11.173  1.00 16.69 ? 67  HIS A CE1 1 
ATOM   602  N  NE2 . HIS A 1 68  ? -3.377  -6.806  10.603  1.00 14.54 ? 67  HIS A NE2 1 
ATOM   603  N  N   . LYS A 1 69  ? -9.372  -5.973  8.125   1.00 14.21 ? 68  LYS A N   1 
ATOM   604  C  CA  . LYS A 1 69  ? -10.717 -5.436  7.879   1.00 14.91 ? 68  LYS A CA  1 
ATOM   605  C  C   . LYS A 1 69  ? -10.888 -5.285  6.385   1.00 13.50 ? 68  LYS A C   1 
ATOM   606  O  O   . LYS A 1 69  ? -9.991  -4.764  5.702   1.00 13.81 ? 68  LYS A O   1 
ATOM   607  C  CB  . LYS A 1 69  ? -10.910 -4.071  8.546   1.00 16.27 ? 68  LYS A CB  1 
ATOM   608  C  CG  . LYS A 1 69  ? -12.283 -3.471  8.374   1.00 17.09 ? 68  LYS A CG  1 
ATOM   609  C  CD  . LYS A 1 69  ? -12.448 -2.177  9.125   1.00 20.69 ? 68  LYS A CD  1 
ATOM   610  C  CE  . LYS A 1 69  ? -13.840 -1.648  9.051   1.00 27.75 ? 68  LYS A CE  1 
ATOM   611  N  NZ  . LYS A 1 69  ? -14.841 -2.586  9.651   1.00 23.85 ? 68  LYS A NZ  1 
ATOM   612  N  N   . PHE A 1 70  ? -12.012 -5.746  5.868   1.00 13.02 ? 69  PHE A N   1 
ATOM   613  C  CA  . PHE A 1 70  ? -12.389 -5.428  4.505   1.00 13.07 ? 69  PHE A CA  1 
ATOM   614  C  C   . PHE A 1 70  ? -13.879 -5.208  4.490   1.00 14.01 ? 69  PHE A C   1 
ATOM   615  O  O   . PHE A 1 70  ? -14.614 -6.075  4.967   1.00 16.01 ? 69  PHE A O   1 
ATOM   616  C  CB  . PHE A 1 70  ? -12.067 -6.537  3.468   1.00 14.50 ? 69  PHE A CB  1 
ATOM   617  C  CG  . PHE A 1 70  ? -12.625 -6.179  2.140   1.00 14.30 ? 69  PHE A CG  1 
ATOM   618  C  CD1 . PHE A 1 70  ? -11.933 -5.327  1.300   1.00 16.69 ? 69  PHE A CD1 1 
ATOM   619  C  CD2 . PHE A 1 70  ? -13.901 -6.582  1.778   1.00 15.39 ? 69  PHE A CD2 1 
ATOM   620  C  CE1 . PHE A 1 70  ? -12.556 -4.872  0.124   1.00 16.81 ? 69  PHE A CE1 1 
ATOM   621  C  CE2 . PHE A 1 70  ? -14.487 -6.144  0.597   1.00 17.56 ? 69  PHE A CE2 1 
ATOM   622  C  CZ  . PHE A 1 70  ? -13.820 -5.313  -0.209  1.00 15.40 ? 69  PHE A CZ  1 
ATOM   623  N  N   . GLU A 1 71  ? -14.338 -4.107  3.905   1.00 13.20 ? 70  GLU A N   1 
ATOM   624  C  CA  . GLU A 1 71  ? -15.750 -3.993  3.615   1.00 13.40 ? 70  GLU A CA  1 
ATOM   625  C  C   . GLU A 1 71  ? -16.000 -2.977  2.536   1.00 13.02 ? 70  GLU A C   1 
ATOM   626  O  O   . GLU A 1 71  ? -15.286 -1.986  2.413   1.00 13.54 ? 70  GLU A O   1 
ATOM   627  C  CB  . GLU A 1 71  ? -16.570 -3.645  4.853   1.00 17.92 ? 70  GLU A CB  1 
ATOM   628  C  CG  . GLU A 1 71  ? -16.333 -2.362  5.445   1.00 17.75 ? 70  GLU A CG  1 
ATOM   629  C  CD  . GLU A 1 71  ? -17.267 -2.078  6.668   1.00 23.57 ? 70  GLU A CD  1 
ATOM   630  O  OE1 . GLU A 1 71  ? -18.455 -2.444  6.659   1.00 30.31 ? 70  GLU A OE1 1 
ATOM   631  O  OE2 . GLU A 1 71  ? -16.804 -1.409  7.582   1.00 28.69 ? 70  GLU A OE2 1 
ATOM   632  N  N   . LEU A 1 72  ? -17.028 -3.243  1.749   1.00 12.88 ? 71  LEU A N   1 
ATOM   633  C  CA  . LEU A 1 72  ? -17.551 -2.243  0.829   1.00 13.61 ? 71  LEU A CA  1 
ATOM   634  C  C   . LEU A 1 72  ? -18.217 -1.135  1.609   1.00 16.26 ? 71  LEU A C   1 
ATOM   635  O  O   . LEU A 1 72  ? -18.840 -1.414  2.650   1.00 17.31 ? 71  LEU A O   1 
ATOM   636  C  CB  . LEU A 1 72  ? -18.556 -2.848  -0.132  1.00 14.40 ? 71  LEU A CB  1 
ATOM   637  C  CG  . LEU A 1 72  ? -18.009 -3.784  -1.168  1.00 13.93 ? 71  LEU A CG  1 
ATOM   638  C  CD1 . LEU A 1 72  ? -19.167 -4.379  -1.994  1.00 16.68 ? 71  LEU A CD1 1 
ATOM   639  C  CD2 . LEU A 1 72  ? -16.994 -3.103  -2.143  1.00 16.38 ? 71  LEU A CD2 1 
ATOM   640  N  N   . LEU A 1 73  ? -18.091 0.086   1.112   1.00 15.17 ? 72  LEU A N   1 
ATOM   641  C  CA  . LEU A 1 73  ? -18.725 1.275   1.673   1.00 15.89 ? 72  LEU A CA  1 
ATOM   642  C  C   . LEU A 1 73  ? -19.607 1.772   0.543   1.00 20.14 ? 72  LEU A C   1 
ATOM   643  O  O   . LEU A 1 73  ? -19.199 2.559   -0.301  1.00 19.21 ? 72  LEU A O   1 
ATOM   644  C  CB  . LEU A 1 73  ? -17.666 2.261   2.067   1.00 14.81 ? 72  LEU A CB  1 
ATOM   645  C  CG  . LEU A 1 73  ? -16.678 1.793   3.148   1.00 15.68 ? 72  LEU A CG  1 
ATOM   646  C  CD1 . LEU A 1 73  ? -15.542 2.769   3.373   1.00 16.66 ? 72  LEU A CD1 1 
ATOM   647  C  CD2 . LEU A 1 73  ? -17.425 1.457   4.468   1.00 18.19 ? 72  LEU A CD2 1 
ATOM   648  N  N   . GLY A 1 74  ? -20.797 1.213   0.481   1.00 25.79 ? 73  GLY A N   1 
ATOM   649  C  CA  . GLY A 1 74  ? -21.612 1.295   -0.701  1.00 26.74 ? 73  GLY A CA  1 
ATOM   650  C  C   . GLY A 1 74  ? -21.005 0.462   -1.774  1.00 26.44 ? 73  GLY A C   1 
ATOM   651  O  O   . GLY A 1 74  ? -20.073 -0.312  -1.561  1.00 27.70 ? 73  GLY A O   1 
ATOM   652  N  N   A SER A 1 75  ? -21.483 0.709   -2.977  0.50 25.65 ? 74  SER A N   1 
ATOM   653  N  N   B SER A 1 75  ? -21.506 0.602   -2.996  0.50 25.61 ? 74  SER A N   1 
ATOM   654  C  CA  A SER A 1 75  ? -21.187 -0.112  -4.088  0.50 22.56 ? 74  SER A CA  1 
ATOM   655  C  CA  B SER A 1 75  ? -21.059 -0.256  -4.055  0.50 23.40 ? 74  SER A CA  1 
ATOM   656  C  C   A SER A 1 75  ? -19.835 0.253   -4.722  0.50 20.08 ? 74  SER A C   1 
ATOM   657  C  C   B SER A 1 75  ? -19.750 0.221   -4.696  0.50 20.26 ? 74  SER A C   1 
ATOM   658  O  O   A SER A 1 75  ? -19.199 -0.581  -5.356  0.50 22.48 ? 74  SER A O   1 
ATOM   659  O  O   B SER A 1 75  ? -19.062 -0.570  -5.339  0.50 23.91 ? 74  SER A O   1 
ATOM   660  C  CB  A SER A 1 75  ? -22.336 0.086   -5.080  0.50 24.71 ? 74  SER A CB  1 
ATOM   661  C  CB  B SER A 1 75  ? -22.133 -0.360  -5.136  0.50 26.85 ? 74  SER A CB  1 
ATOM   662  O  OG  A SER A 1 75  ? -23.568 0.106   -4.356  0.50 25.06 ? 74  SER A OG  1 
ATOM   663  O  OG  B SER A 1 75  ? -21.762 -1.352  -6.056  0.50 27.21 ? 74  SER A OG  1 
ATOM   664  N  N   . ASN A 1 76  ? -19.419 1.492   -4.503  1.00 20.62 ? 75  ASN A N   1 
ATOM   665  C  CA  . ASN A 1 76  ? -18.298 2.098   -5.234  1.00 18.04 ? 75  ASN A CA  1 
ATOM   666  C  C   . ASN A 1 76  ? -17.144 2.583   -4.391  1.00 15.97 ? 75  ASN A C   1 
ATOM   667  O  O   . ASN A 1 76  ? -16.325 3.383   -4.844  1.00 14.49 ? 75  ASN A O   1 
ATOM   668  C  CB  . ASN A 1 76  ? -18.814 3.277   -6.078  1.00 18.94 ? 75  ASN A CB  1 
ATOM   669  C  CG  . ASN A 1 76  ? -19.811 2.853   -7.112  1.00 23.81 ? 75  ASN A CG  1 
ATOM   670  O  OD1 . ASN A 1 76  ? -19.637 1.848   -7.777  1.00 24.10 ? 75  ASN A OD1 1 
ATOM   671  N  ND2 . ASN A 1 76  ? -20.867 3.638   -7.265  1.00 34.71 ? 75  ASN A ND2 1 
ATOM   672  N  N   . ALA A 1 77  ? -17.082 2.127   -3.135  1.00 14.15 ? 76  ALA A N   1 
ATOM   673  C  CA  . ALA A 1 77  ? -15.952 2.422   -2.282  1.00 13.66 ? 76  ALA A CA  1 
ATOM   674  C  C   . ALA A 1 77  ? -15.701 1.243   -1.345  1.00 12.89 ? 76  ALA A C   1 
ATOM   675  O  O   . ALA A 1 77  ? -16.541 0.382   -1.207  1.00 12.79 ? 76  ALA A O   1 
ATOM   676  C  CB  . ALA A 1 77  ? -16.162 3.737   -1.493  1.00 16.40 ? 76  ALA A CB  1 
ATOM   677  N  N   . ALA A 1 78  ? -14.550 1.258   -0.709  1.00 12.83 ? 77  ALA A N   1 
ATOM   678  C  CA  . ALA A 1 78  ? -14.185 0.193   0.217   1.00 11.90 ? 77  ALA A CA  1 
ATOM   679  C  C   . ALA A 1 78  ? -13.095 0.623   1.138   1.00 12.53 ? 77  ALA A C   1 
ATOM   680  O  O   . ALA A 1 78  ? -12.295 1.519   0.832   1.00 13.70 ? 77  ALA A O   1 
ATOM   681  C  CB  . ALA A 1 78  ? -13.739 -1.061  -0.540  1.00 13.37 ? 77  ALA A CB  1 
ATOM   682  N  N   . ILE A 1 79  ? -13.016 -0.067  2.271   1.00 13.15 ? 78  ILE A N   1 
ATOM   683  C  CA  . ILE A 1 79  ? -11.923 0.054   3.202   1.00 13.14 ? 78  ILE A CA  1 
ATOM   684  C  C   . ILE A 1 79  ? -11.219 -1.306  3.300   1.00 12.47 ? 78  ILE A C   1 
ATOM   685  O  O   . ILE A 1 79  ? -11.882 -2.324  3.422   1.00 12.83 ? 78  ILE A O   1 
ATOM   686  C  CB  . ILE A 1 79  ? -12.377 0.556   4.608   1.00 14.25 ? 78  ILE A CB  1 
ATOM   687  C  CG1 . ILE A 1 79  ? -11.186 0.530   5.567   1.00 14.24 ? 78  ILE A CG1 1 
ATOM   688  C  CG2 . ILE A 1 79  ? -13.576 -0.237  5.192   1.00 13.75 ? 78  ILE A CG2 1 
ATOM   689  C  CD1 . ILE A 1 79  ? -11.460 1.361   6.869   1.00 17.89 ? 78  ILE A CD1 1 
ATOM   690  N  N   . CYS A 1 80  ? -9.885  -1.273  3.326   1.00 12.59 ? 79  CYS A N   1 
ATOM   691  C  CA  . CYS A 1 80  ? -9.097  -2.453  3.614   1.00 13.11 ? 79  CYS A CA  1 
ATOM   692  C  C   . CYS A 1 80  ? -7.974  -2.072  4.556   1.00 12.54 ? 79  CYS A C   1 
ATOM   693  O  O   . CYS A 1 80  ? -7.148  -1.187  4.237   1.00 13.49 ? 79  CYS A O   1 
ATOM   694  C  CB  . CYS A 1 80  ? -8.576  -3.111  2.329   1.00 13.87 ? 79  CYS A CB  1 
ATOM   695  S  SG  . CYS A 1 80  ? -7.726  -4.677  2.643   1.00 15.39 ? 79  CYS A SG  1 
ATOM   696  N  N   . VAL A 1 81  ? -7.927  -2.738  5.692   1.00 12.99 ? 80  VAL A N   1 
ATOM   697  C  CA  . VAL A 1 81  ? -6.883  -2.559  6.681   1.00 13.09 ? 80  VAL A CA  1 
ATOM   698  C  C   . VAL A 1 81  ? -6.034  -3.794  6.714   1.00 13.27 ? 80  VAL A C   1 
ATOM   699  O  O   . VAL A 1 81  ? -6.578  -4.899  6.800   1.00 13.45 ? 80  VAL A O   1 
ATOM   700  C  CB  . VAL A 1 81  ? -7.488  -2.284  8.086   1.00 13.12 ? 80  VAL A CB  1 
ATOM   701  C  CG1 . VAL A 1 81  ? -6.368  -2.176  9.159   1.00 14.76 ? 80  VAL A CG1 1 
ATOM   702  C  CG2 . VAL A 1 81  ? -8.390  -1.017  8.065   1.00 13.42 ? 80  VAL A CG2 1 
ATOM   703  N  N   . PHE A 1 82  ? -4.716  -3.642  6.651   1.00 12.72 ? 81  PHE A N   1 
ATOM   704  C  CA  . PHE A 1 82  ? -3.831  -4.780  6.586   1.00 13.15 ? 81  PHE A CA  1 
ATOM   705  C  C   . PHE A 1 82  ? -2.498  -4.500  7.196   1.00 14.34 ? 81  PHE A C   1 
ATOM   706  O  O   . PHE A 1 82  ? -2.124  -3.347  7.439   1.00 14.73 ? 81  PHE A O   1 
ATOM   707  C  CB  . PHE A 1 82  ? -3.678  -5.215  5.097   1.00 14.00 ? 81  PHE A CB  1 
ATOM   708  C  CG  . PHE A 1 82  ? -3.113  -4.150  4.200   1.00 13.20 ? 81  PHE A CG  1 
ATOM   709  C  CD1 . PHE A 1 82  ? -3.934  -3.185  3.656   1.00 12.90 ? 81  PHE A CD1 1 
ATOM   710  C  CD2 . PHE A 1 82  ? -1.757  -4.107  3.895   1.00 15.15 ? 81  PHE A CD2 1 
ATOM   711  C  CE1 . PHE A 1 82  ? -3.430  -2.197  2.839   1.00 15.10 ? 81  PHE A CE1 1 
ATOM   712  C  CE2 . PHE A 1 82  ? -1.257  -3.093  3.089   1.00 14.99 ? 81  PHE A CE2 1 
ATOM   713  C  CZ  . PHE A 1 82  ? -2.074  -2.175  2.556   1.00 15.05 ? 81  PHE A CZ  1 
ATOM   714  N  N   . THR A 1 83  ? -1.761  -5.569  7.490   1.00 13.86 ? 82  THR A N   1 
ATOM   715  C  CA  . THR A 1 83  ? -0.362  -5.487  7.873   1.00 14.33 ? 82  THR A CA  1 
ATOM   716  C  C   . THR A 1 83  ? 0.454   -5.787  6.643   1.00 15.30 ? 82  THR A C   1 
ATOM   717  O  O   . THR A 1 83  ? 0.198   -6.773  5.938   1.00 15.56 ? 82  THR A O   1 
ATOM   718  C  CB  . THR A 1 83  ? -0.032  -6.508  8.941   1.00 14.82 ? 82  THR A CB  1 
ATOM   719  O  OG1 . THR A 1 83  ? -0.761  -6.203  10.126  1.00 15.06 ? 82  THR A OG1 1 
ATOM   720  C  CG2 . THR A 1 83  ? 1.481   -6.460  9.271   1.00 17.02 ? 82  THR A CG2 1 
ATOM   721  N  N   . LEU A 1 84  ? 1.386   -4.899  6.346   1.00 15.55 ? 83  LEU A N   1 
ATOM   722  C  CA  . LEU A 1 84  ? 2.271   -5.007  5.184   1.00 16.55 ? 83  LEU A CA  1 
ATOM   723  C  C   . LEU A 1 84  ? 3.630   -5.445  5.706   1.00 18.87 ? 83  LEU A C   1 
ATOM   724  O  O   . LEU A 1 84  ? 4.245   -4.748  6.515   1.00 21.02 ? 83  LEU A O   1 
ATOM   725  C  CB  . LEU A 1 84  ? 2.397   -3.664  4.497   1.00 16.69 ? 83  LEU A CB  1 
ATOM   726  C  CG  . LEU A 1 84  ? 3.320   -3.629  3.281   1.00 21.98 ? 83  LEU A CG  1 
ATOM   727  C  CD1 . LEU A 1 84  ? 2.671   -4.343  2.171   1.00 22.56 ? 83  LEU A CD1 1 
ATOM   728  C  CD2 . LEU A 1 84  ? 3.651   -2.150  2.885   1.00 22.08 ? 83  LEU A CD2 1 
ATOM   729  N  N   . GLY A 1 85  ? 4.117   -6.604  5.308   1.00 15.22 ? 84  GLY A N   1 
ATOM   730  C  CA  . GLY A 1 85  ? 5.428   -7.076  5.761   1.00 16.20 ? 84  GLY A CA  1 
ATOM   731  C  C   . GLY A 1 85  ? 6.449   -6.893  4.660   1.00 17.04 ? 84  GLY A C   1 
ATOM   732  O  O   . GLY A 1 85  ? 6.262   -7.443  3.577   1.00 19.90 ? 84  GLY A O   1 
ATOM   733  N  N   . SER A 1 86  ? 7.485   -6.079  4.898   1.00 15.94 ? 85  SER A N   1 
ATOM   734  C  CA  . SER A 1 86  ? 8.485   -5.801  3.899   1.00 15.58 ? 85  SER A CA  1 
ATOM   735  C  C   . SER A 1 86  ? 9.876   -5.973  4.424   1.00 14.81 ? 85  SER A C   1 
ATOM   736  O  O   . SER A 1 86  ? 10.131  -5.871  5.627   1.00 15.49 ? 85  SER A O   1 
ATOM   737  C  CB  . SER A 1 86  ? 8.402   -4.375  3.380   1.00 16.98 ? 85  SER A CB  1 
ATOM   738  O  OG  . SER A 1 86  ? 7.125   -4.130  2.856   1.00 21.77 ? 85  SER A OG  1 
ATOM   739  N  N   . LYS A 1 87  ? 10.788  -6.239  3.485   1.00 14.62 ? 86  LYS A N   1 
ATOM   740  C  CA  . LYS A 1 87  ? 12.203  -6.162  3.731   1.00 13.67 ? 86  LYS A CA  1 
ATOM   741  C  C   . LYS A 1 87  ? 12.793  -5.166  2.760   1.00 13.63 ? 86  LYS A C   1 
ATOM   742  O  O   . LYS A 1 87  ? 12.484  -5.219  1.585   1.00 13.39 ? 86  LYS A O   1 
ATOM   743  C  CB  . LYS A 1 87  ? 12.860  -7.542  3.538   1.00 12.79 ? 86  LYS A CB  1 
ATOM   744  C  CG  . LYS A 1 87  ? 12.339  -8.598  4.489   1.00 15.68 ? 86  LYS A CG  1 
ATOM   745  C  CD  . LYS A 1 87  ? 13.002  -9.965  4.290   1.00 19.44 ? 86  LYS A CD  1 
ATOM   746  C  CE  . LYS A 1 87  ? 12.614  -10.928 5.384   1.00 23.46 ? 86  LYS A CE  1 
ATOM   747  N  NZ  . LYS A 1 87  ? 13.394  -10.631 6.657   1.00 27.16 ? 86  LYS A NZ  1 
ATOM   748  N  N   . PHE A 1 88  ? 13.612  -4.231  3.246   1.00 14.78 ? 87  PHE A N   1 
ATOM   749  C  CA  . PHE A 1 88  ? 14.201  -3.269  2.358   1.00 14.38 ? 87  PHE A CA  1 
ATOM   750  C  C   . PHE A 1 88  ? 15.599  -2.952  2.801   1.00 15.37 ? 87  PHE A C   1 
ATOM   751  O  O   . PHE A 1 88  ? 15.952  -3.171  3.939   1.00 17.33 ? 87  PHE A O   1 
ATOM   752  C  CB  . PHE A 1 88  ? 13.341  -2.021  2.291   1.00 17.84 ? 87  PHE A CB  1 
ATOM   753  C  CG  . PHE A 1 88  ? 13.310  -1.223  3.548   1.00 18.82 ? 87  PHE A CG  1 
ATOM   754  C  CD1 . PHE A 1 88  ? 12.381  -1.496  4.540   1.00 24.61 ? 87  PHE A CD1 1 
ATOM   755  C  CD2 . PHE A 1 88  ? 14.158  -0.155  3.717   1.00 19.96 ? 87  PHE A CD2 1 
ATOM   756  C  CE1 . PHE A 1 88  ? 12.336  -0.736  5.706   1.00 30.09 ? 87  PHE A CE1 1 
ATOM   757  C  CE2 . PHE A 1 88  ? 14.125  0.603   4.870   1.00 26.01 ? 87  PHE A CE2 1 
ATOM   758  C  CZ  . PHE A 1 88  ? 13.206  0.318   5.865   1.00 28.76 ? 87  PHE A CZ  1 
ATOM   759  N  N   A THR A 1 89  ? 16.403  -2.494  1.866   0.50 13.68 ? 88  THR A N   1 
ATOM   760  N  N   B THR A 1 89  ? 16.397  -2.443  1.897   0.50 15.13 ? 88  THR A N   1 
ATOM   761  C  CA  A THR A 1 89  ? 17.749  -2.030  2.145   0.50 14.24 ? 88  THR A CA  1 
ATOM   762  C  CA  B THR A 1 89  ? 17.731  -2.024  2.250   0.50 16.49 ? 88  THR A CA  1 
ATOM   763  C  C   A THR A 1 89  ? 17.700  -0.498  2.084   0.50 17.02 ? 88  THR A C   1 
ATOM   764  C  C   B THR A 1 89  ? 17.850  -0.530  2.013   0.50 18.89 ? 88  THR A C   1 
ATOM   765  O  O   A THR A 1 89  ? 17.026  0.088   1.233   0.50 16.77 ? 88  THR A O   1 
ATOM   766  O  O   B THR A 1 89  ? 17.500  -0.019  0.941   0.50 17.04 ? 88  THR A O   1 
ATOM   767  C  CB  A THR A 1 89  ? 18.775  -2.620  1.138   0.50 14.17 ? 88  THR A CB  1 
ATOM   768  C  CB  B THR A 1 89  ? 18.775  -2.755  1.437   0.50 18.00 ? 88  THR A CB  1 
ATOM   769  O  OG1 A THR A 1 89  ? 18.940  -4.018  1.402   0.50 17.81 ? 88  THR A OG1 1 
ATOM   770  O  OG1 B THR A 1 89  ? 18.548  -2.504  0.048   0.50 20.55 ? 88  THR A OG1 1 
ATOM   771  C  CG2 A THR A 1 89  ? 20.149  -1.932  1.258   0.50 14.84 ? 88  THR A CG2 1 
ATOM   772  C  CG2 B THR A 1 89  ? 18.703  -4.234  1.731   0.50 17.45 ? 88  THR A CG2 1 
ATOM   773  N  N   . TYR A 1 90  ? 18.395  0.151   3.013   1.00 20.52 ? 89  TYR A N   1 
ATOM   774  C  CA  . TYR A 1 90  ? 18.491  1.608   2.981   1.00 26.69 ? 89  TYR A CA  1 
ATOM   775  C  C   . TYR A 1 90  ? 19.905  1.996   3.305   1.00 28.87 ? 89  TYR A C   1 
ATOM   776  O  O   . TYR A 1 90  ? 20.420  1.623   4.363   1.00 30.54 ? 89  TYR A O   1 
ATOM   777  C  CB  . TYR A 1 90  ? 17.538  2.217   4.007   1.00 29.07 ? 89  TYR A CB  1 
ATOM   778  C  CG  . TYR A 1 90  ? 17.562  3.734   4.068   1.00 35.58 ? 89  TYR A CG  1 
ATOM   779  C  CD1 . TYR A 1 90  ? 17.184  4.504   2.977   1.00 39.15 ? 89  TYR A CD1 1 
ATOM   780  C  CD2 . TYR A 1 90  ? 17.936  4.388   5.233   1.00 44.40 ? 89  TYR A CD2 1 
ATOM   781  C  CE1 . TYR A 1 90  ? 17.194  5.894   3.038   1.00 44.49 ? 89  TYR A CE1 1 
ATOM   782  C  CE2 . TYR A 1 90  ? 17.942  5.770   5.310   1.00 45.57 ? 89  TYR A CE2 1 
ATOM   783  C  CZ  . TYR A 1 90  ? 17.569  6.519   4.215   1.00 44.86 ? 89  TYR A CZ  1 
ATOM   784  O  OH  . TYR A 1 90  ? 17.583  7.901   4.298   1.00 45.48 ? 89  TYR A OH  1 
ATOM   785  N  N   . LYS A 1 91  ? 20.551  2.659   2.353   1.00 31.94 ? 90  LYS A N   1 
ATOM   786  C  CA  . LYS A 1 91  ? 21.877  3.208   2.564   1.00 35.41 ? 90  LYS A CA  1 
ATOM   787  C  C   . LYS A 1 91  ? 22.733  2.189   3.275   1.00 37.10 ? 90  LYS A C   1 
ATOM   788  O  O   . LYS A 1 91  ? 23.333  2.489   4.305   1.00 38.31 ? 90  LYS A O   1 
ATOM   789  C  CB  . LYS A 1 91  ? 21.794  4.502   3.392   1.00 36.39 ? 90  LYS A CB  1 
ATOM   790  N  N   . GLY A 1 92  ? 22.752  0.964   2.752   1.00 35.81 ? 91  GLY A N   1 
ATOM   791  C  CA  . GLY A 1 92  ? 23.666  -0.048  3.250   1.00 36.63 ? 91  GLY A CA  1 
ATOM   792  C  C   . GLY A 1 92  ? 23.196  -0.976  4.366   1.00 38.47 ? 91  GLY A C   1 
ATOM   793  O  O   . GLY A 1 92  ? 23.979  -1.809  4.814   1.00 41.77 ? 91  GLY A O   1 
ATOM   794  N  N   . THR A 1 93  ? 21.952  -0.863  4.839   1.00 34.28 ? 92  THR A N   1 
ATOM   795  C  CA  . THR A 1 93  ? 21.472  -1.789  5.881   1.00 33.60 ? 92  THR A CA  1 
ATOM   796  C  C   . THR A 1 93  ? 20.101  -2.385  5.549   1.00 26.50 ? 92  THR A C   1 
ATOM   797  O  O   . THR A 1 93  ? 19.253  -1.678  5.019   1.00 24.02 ? 92  THR A O   1 
ATOM   798  C  CB  . THR A 1 93  ? 21.378  -1.110  7.250   1.00 35.81 ? 92  THR A CB  1 
ATOM   799  O  OG1 . THR A 1 93  ? 20.533  0.048   7.161   1.00 44.08 ? 92  THR A OG1 1 
ATOM   800  C  CG2 . THR A 1 93  ? 22.753  -0.679  7.731   1.00 37.29 ? 92  THR A CG2 1 
ATOM   801  N  N   . GLN A 1 94  ? 19.927  -3.684  5.814   1.00 26.57 ? 93  GLN A N   1 
ATOM   802  C  CA  . GLN A 1 94  ? 18.626  -4.332  5.659   1.00 26.79 ? 93  GLN A CA  1 
ATOM   803  C  C   . GLN A 1 94  ? 17.768  -4.080  6.876   1.00 26.65 ? 93  GLN A C   1 
ATOM   804  O  O   . GLN A 1 94  ? 18.234  -4.101  8.022   1.00 26.77 ? 93  GLN A O   1 
ATOM   805  C  CB  . GLN A 1 94  ? 18.687  -5.852  5.436   1.00 29.57 ? 93  GLN A CB  1 
ATOM   806  C  CG  . GLN A 1 94  ? 17.402  -6.403  4.693   1.00 39.49 ? 93  GLN A CG  1 
ATOM   807  C  CD  . GLN A 1 94  ? 16.763  -7.631  5.351   1.00 46.63 ? 93  GLN A CD  1 
ATOM   808  O  OE1 . GLN A 1 94  ? 16.998  -8.772  4.932   1.00 47.33 ? 93  GLN A OE1 1 
ATOM   809  N  NE2 . GLN A 1 94  ? 15.943  -7.396  6.385   1.00 45.09 ? 93  GLN A NE2 1 
ATOM   810  N  N   . ASN A 1 95  ? 16.498  -3.868  6.596   1.00 22.53 ? 94  ASN A N   1 
ATOM   811  C  CA  . ASN A 1 95  ? 15.483  -3.621  7.599   1.00 24.74 ? 94  ASN A CA  1 
ATOM   812  C  C   . ASN A 1 95  ? 14.243  -4.452  7.325   1.00 22.15 ? 94  ASN A C   1 
ATOM   813  O  O   . ASN A 1 95  ? 13.913  -4.684  6.177   1.00 19.63 ? 94  ASN A O   1 
ATOM   814  C  CB  . ASN A 1 95  ? 15.054  -2.173  7.491   1.00 27.01 ? 94  ASN A CB  1 
ATOM   815  C  CG  . ASN A 1 95  ? 16.155  -1.220  7.825   1.00 34.75 ? 94  ASN A CG  1 
ATOM   816  O  OD1 . ASN A 1 95  ? 16.415  -0.960  9.002   1.00 41.92 ? 94  ASN A OD1 1 
ATOM   817  N  ND2 . ASN A 1 95  ? 16.822  -0.690  6.792   1.00 33.27 ? 94  ASN A ND2 1 
ATOM   818  N  N   . ASP A 1 96  ? 13.566  -4.869  8.386   1.00 18.67 ? 95  ASP A N   1 
ATOM   819  C  CA  . ASP A 1 96  ? 12.237  -5.435  8.321   1.00 17.36 ? 95  ASP A CA  1 
ATOM   820  C  C   . ASP A 1 96  ? 11.274  -4.287  8.649   1.00 18.17 ? 95  ASP A C   1 
ATOM   821  O  O   . ASP A 1 96  ? 11.624  -3.362  9.409   1.00 19.51 ? 95  ASP A O   1 
ATOM   822  C  CB  . ASP A 1 96  ? 12.051  -6.563  9.342   1.00 21.29 ? 95  ASP A CB  1 
ATOM   823  C  CG  . ASP A 1 96  ? 12.865  -7.820  9.009   1.00 30.01 ? 95  ASP A CG  1 
ATOM   824  O  OD1 . ASP A 1 96  ? 13.019  -8.148  7.834   1.00 27.48 ? 95  ASP A OD1 1 
ATOM   825  O  OD2 . ASP A 1 96  ? 13.334  -8.488  9.950   1.00 38.66 ? 95  ASP A OD2 1 
ATOM   826  N  N   . ASP A 1 97  ? 10.080  -4.342  8.079   1.00 15.40 ? 96  ASP A N   1 
ATOM   827  C  CA  . ASP A 1 97  ? 9.095   -3.299  8.271   1.00 15.16 ? 96  ASP A CA  1 
ATOM   828  C  C   . ASP A 1 97  ? 7.736   -3.983  8.361   1.00 15.38 ? 96  ASP A C   1 
ATOM   829  O  O   . ASP A 1 97  ? 7.365   -4.791  7.488   1.00 16.57 ? 96  ASP A O   1 
ATOM   830  C  CB  . ASP A 1 97  ? 9.150   -2.357  7.060   1.00 15.68 ? 96  ASP A CB  1 
ATOM   831  C  CG  . ASP A 1 97  ? 8.283   -1.146  7.204   1.00 16.66 ? 96  ASP A CG  1 
ATOM   832  O  OD1 . ASP A 1 97  ? 8.378   -0.415  8.205   1.00 16.15 ? 96  ASP A OD1 1 
ATOM   833  O  OD2 . ASP A 1 97  ? 7.531   -0.895  6.241   1.00 18.20 ? 96  ASP A OD2 1 
ATOM   834  N  N   . LEU A 1 98  ? 6.969   -3.637  9.383   1.00 14.33 ? 97  LEU A N   1 
ATOM   835  C  CA  . LEU A 1 98  ? 5.700   -4.288  9.655   1.00 14.96 ? 97  LEU A CA  1 
ATOM   836  C  C   . LEU A 1 98  ? 4.657   -3.294  10.150  1.00 14.41 ? 97  LEU A C   1 
ATOM   837  O  O   . LEU A 1 98  ? 4.295   -3.334  11.341  1.00 15.94 ? 97  LEU A O   1 
ATOM   838  C  CB  . LEU A 1 98  ? 5.920   -5.404  10.690  1.00 17.07 ? 97  LEU A CB  1 
ATOM   839  C  CG  . LEU A 1 98  ? 4.817   -6.423  10.771  1.00 17.07 ? 97  LEU A CG  1 
ATOM   840  C  CD1 . LEU A 1 98  ? 4.790   -7.323  9.515   1.00 18.27 ? 97  LEU A CD1 1 
ATOM   841  C  CD2 . LEU A 1 98  ? 5.043   -7.271  12.041  1.00 18.15 ? 97  LEU A CD2 1 
ATOM   842  N  N   . PRO A 1 99  ? 4.231   -2.350  9.295   1.00 13.92 ? 98  PRO A N   1 
ATOM   843  C  CA  . PRO A 1 99  ? 3.194   -1.388  9.705   1.00 13.51 ? 98  PRO A CA  1 
ATOM   844  C  C   . PRO A 1 99  ? 1.773   -1.964  9.589   1.00 13.77 ? 98  PRO A C   1 
ATOM   845  O  O   . PRO A 1 99  ? 1.484   -2.891  8.809   1.00 15.00 ? 98  PRO A O   1 
ATOM   846  C  CB  . PRO A 1 99  ? 3.334   -0.265  8.704   1.00 13.29 ? 98  PRO A CB  1 
ATOM   847  C  CG  . PRO A 1 99  ? 3.820   -0.972  7.455   1.00 14.29 ? 98  PRO A CG  1 
ATOM   848  C  CD  . PRO A 1 99  ? 4.738   -2.016  7.960   1.00 13.83 ? 98  PRO A CD  1 
ATOM   849  N  N   . THR A 1 100 ? 0.868   -1.309  10.298  1.00 13.02 ? 99  THR A N   1 
ATOM   850  C  CA  . THR A 1 100 ? -0.562  -1.330  10.010  1.00 12.02 ? 99  THR A CA  1 
ATOM   851  C  C   . THR A 1 100 ? -0.901  -0.241  9.002   1.00 12.74 ? 99  THR A C   1 
ATOM   852  O  O   . THR A 1 100 ? -0.459  0.917   9.155   1.00 12.74 ? 99  THR A O   1 
ATOM   853  C  CB  . THR A 1 100 ? -1.381  -1.058  11.285  1.00 13.23 ? 99  THR A CB  1 
ATOM   854  O  OG1 . THR A 1 100 ? -1.100  -2.098  12.232  1.00 13.73 ? 99  THR A OG1 1 
ATOM   855  C  CG2 . THR A 1 100 ? -2.911  -1.027  11.002  1.00 14.22 ? 99  THR A CG2 1 
ATOM   856  N  N   . VAL A 1 101 ? -1.652  -0.630  7.974   1.00 12.69 ? 100 VAL A N   1 
ATOM   857  C  CA  . VAL A 1 101 ? -2.047  0.269   6.907   1.00 13.19 ? 100 VAL A CA  1 
ATOM   858  C  C   . VAL A 1 101 ? -3.544  0.322   6.728   1.00 12.91 ? 100 VAL A C   1 
ATOM   859  O  O   . VAL A 1 101 ? -4.195  -0.725  6.651   1.00 13.20 ? 100 VAL A O   1 
ATOM   860  C  CB  . VAL A 1 101 ? -1.418  -0.196  5.559   1.00 13.31 ? 100 VAL A CB  1 
ATOM   861  C  CG1 . VAL A 1 101 ? -1.750  0.765   4.462   1.00 15.05 ? 100 VAL A CG1 1 
ATOM   862  C  CG2 . VAL A 1 101 ? 0.096   -0.410  5.725   1.00 14.30 ? 100 VAL A CG2 1 
ATOM   863  N  N   . THR A 1 102 ? -4.105  1.529   6.724   1.00 13.52 ? 101 THR A N   1 
ATOM   864  C  CA  . THR A 1 102 ? -5.519  1.769   6.405   1.00 12.31 ? 101 THR A CA  1 
ATOM   865  C  C   . THR A 1 102 ? -5.560  2.281   4.980   1.00 13.64 ? 101 THR A C   1 
ATOM   866  O  O   . THR A 1 102 ? -4.923  3.297   4.656   1.00 14.65 ? 101 THR A O   1 
ATOM   867  C  CB  . THR A 1 102 ? -6.140  2.788   7.338   1.00 12.76 ? 101 THR A CB  1 
ATOM   868  O  OG1 . THR A 1 102 ? -6.139  2.288   8.668   1.00 13.64 ? 101 THR A OG1 1 
ATOM   869  C  CG2 . THR A 1 102 ? -7.574  3.135   6.895   1.00 15.22 ? 101 THR A CG2 1 
ATOM   870  N  N   . SER A 1 103 ? -6.255  1.561   4.099   1.00 13.32 ? 102 SER A N   1 
ATOM   871  C  CA  . SER A 1 103 ? -6.396  1.970   2.692   1.00 13.86 ? 102 SER A CA  1 
ATOM   872  C  C   . SER A 1 103 ? -7.861  2.126   2.361   1.00 13.70 ? 102 SER A C   1 
ATOM   873  O  O   . SER A 1 103 ? -8.714  1.387   2.890   1.00 14.28 ? 102 SER A O   1 
ATOM   874  C  CB  . SER A 1 103 ? -5.705  0.981   1.768   1.00 15.67 ? 102 SER A CB  1 
ATOM   875  O  OG  . SER A 1 103 ? -6.343  -0.323  1.749   1.00 16.60 ? 102 SER A OG  1 
ATOM   876  N  N   . ILE A 1 104 ? -8.166  3.070   1.484   1.00 14.20 ? 103 ILE A N   1 
ATOM   877  C  CA  . ILE A 1 104 ? -9.507  3.319   1.006   1.00 13.37 ? 103 ILE A CA  1 
ATOM   878  C  C   . ILE A 1 104 ? -9.458  3.262   -0.523  1.00 13.70 ? 103 ILE A C   1 
ATOM   879  O  O   . ILE A 1 104 ? -8.480  3.725   -1.126  1.00 14.78 ? 103 ILE A O   1 
ATOM   880  C  CB  . ILE A 1 104 ? -10.033 4.677   1.448   1.00 14.24 ? 103 ILE A CB  1 
ATOM   881  C  CG1 . ILE A 1 104 ? -9.928  4.829   2.964   1.00 19.68 ? 103 ILE A CG1 1 
ATOM   882  C  CG2 . ILE A 1 104 ? -11.405 4.943   0.886   1.00 17.17 ? 103 ILE A CG2 1 
ATOM   883  C  CD1 . ILE A 1 104 ? -10.758 3.863   3.690   1.00 21.45 ? 103 ILE A CD1 1 
ATOM   884  N  N   . PHE A 1 105 ? -10.471 2.649   -1.125  1.00 12.88 ? 104 PHE A N   1 
ATOM   885  C  CA  . PHE A 1 105 ? -10.600 2.450   -2.559  1.00 12.32 ? 104 PHE A CA  1 
ATOM   886  C  C   . PHE A 1 105 ? -11.908 3.074   -3.044  1.00 13.72 ? 104 PHE A C   1 
ATOM   887  O  O   . PHE A 1 105 ? -12.902 3.099   -2.305  1.00 13.54 ? 104 PHE A O   1 
ATOM   888  C  CB  . PHE A 1 105 ? -10.615 0.951   -2.855  1.00 12.80 ? 104 PHE A CB  1 
ATOM   889  C  CG  . PHE A 1 105 ? -9.270  0.310   -2.690  1.00 14.73 ? 104 PHE A CG  1 
ATOM   890  C  CD1 . PHE A 1 105 ? -8.767  -0.041  -1.472  1.00 19.65 ? 104 PHE A CD1 1 
ATOM   891  C  CD2 . PHE A 1 105 ? -8.527  0.070   -3.830  1.00 19.42 ? 104 PHE A CD2 1 
ATOM   892  C  CE1 . PHE A 1 105 ? -7.419  -0.589  -1.433  1.00 18.71 ? 104 PHE A CE1 1 
ATOM   893  C  CE2 . PHE A 1 105 ? -7.307  -0.466  -3.785  1.00 25.51 ? 104 PHE A CE2 1 
ATOM   894  C  CZ  . PHE A 1 105 ? -6.762  -0.777  -2.608  1.00 17.01 ? 104 PHE A CZ  1 
ATOM   895  N  N   . LYS A 1 106 ? -11.892 3.561   -4.288  1.00 12.86 ? 105 LYS A N   1 
ATOM   896  C  CA  . LYS A 1 106 ? -13.077 4.052   -4.952  1.00 13.44 ? 105 LYS A CA  1 
ATOM   897  C  C   . LYS A 1 106 ? -13.118 3.540   -6.349  1.00 12.99 ? 105 LYS A C   1 
ATOM   898  O  O   . LYS A 1 106 ? -12.077 3.358   -6.991  1.00 13.27 ? 105 LYS A O   1 
ATOM   899  C  CB  . LYS A 1 106 ? -13.074 5.595   -4.967  1.00 16.34 ? 105 LYS A CB  1 
ATOM   900  C  CG  . LYS A 1 106 ? -13.291 6.221   -3.581  1.00 15.32 ? 105 LYS A CG  1 
ATOM   901  C  CD  . LYS A 1 106 ? -13.690 7.692   -3.671  1.00 19.85 ? 105 LYS A CD  1 
ATOM   902  C  CE  . LYS A 1 106 ? -12.553 8.469   -4.303  1.00 22.89 ? 105 LYS A CE  1 
ATOM   903  N  NZ  . LYS A 1 106 ? -12.818 9.996   -4.283  1.00 25.52 ? 105 LYS A NZ  1 
ATOM   904  N  N   . LYS A 1 107 ? -14.323 3.314   -6.866  1.00 12.61 ? 106 LYS A N   1 
ATOM   905  C  CA  . LYS A 1 107 ? -14.488 2.958   -8.262  1.00 14.68 ? 106 LYS A CA  1 
ATOM   906  C  C   . LYS A 1 107 ? -14.618 4.231   -9.097  1.00 15.68 ? 106 LYS A C   1 
ATOM   907  O  O   . LYS A 1 107 ? -15.426 5.149   -8.767  1.00 17.69 ? 106 LYS A O   1 
ATOM   908  C  CB  . LYS A 1 107 ? -15.745 2.113   -8.425  1.00 18.59 ? 106 LYS A CB  1 
ATOM   909  C  CG  . LYS A 1 107 ? -15.503 0.699   -8.556  1.00 24.30 ? 106 LYS A CG  1 
ATOM   910  C  CD  . LYS A 1 107 ? -16.751 -0.065  -9.032  1.00 32.71 ? 106 LYS A CD  1 
ATOM   911  C  CE  . LYS A 1 107 ? -16.694 -1.496  -8.560  1.00 36.14 ? 106 LYS A CE  1 
ATOM   912  N  NZ  . LYS A 1 107 ? -17.707 -2.371  -9.220  1.00 35.75 ? 106 LYS A NZ  1 
ATOM   913  N  N   . ILE A 1 108 ? -13.811 4.330   -10.135 1.00 14.02 ? 107 ILE A N   1 
ATOM   914  C  CA  . ILE A 1 108 ? -13.817 5.483   -11.031 1.00 13.50 ? 107 ILE A CA  1 
ATOM   915  C  C   . ILE A 1 108 ? -13.968 4.875   -12.414 1.00 13.32 ? 107 ILE A C   1 
ATOM   916  O  O   . ILE A 1 108 ? -13.190 3.999   -12.812 1.00 12.47 ? 107 ILE A O   1 
ATOM   917  C  CB  . ILE A 1 108 ? -12.504 6.245   -10.949 1.00 16.01 ? 107 ILE A CB  1 
ATOM   918  C  CG1 . ILE A 1 108 ? -12.201 6.717   -9.501  1.00 27.72 ? 107 ILE A CG1 1 
ATOM   919  C  CG2 . ILE A 1 108 ? -12.480 7.388   -11.956 1.00 18.31 ? 107 ILE A CG2 1 
ATOM   920  C  CD1 . ILE A 1 108 ? -13.286 7.523   -8.874  1.00 34.01 ? 107 ILE A CD1 1 
ATOM   921  N  N   . ASP A 1 109 ? -14.980 5.292   -13.167 1.00 11.64 ? 108 ASP A N   1 
ATOM   922  C  CA  . ASP A 1 109 ? -15.248 4.701   -14.488 1.00 10.98 ? 108 ASP A CA  1 
ATOM   923  C  C   . ASP A 1 109 ? -15.222 3.166   -14.424 1.00 12.51 ? 108 ASP A C   1 
ATOM   924  O  O   . ASP A 1 109 ? -14.631 2.507   -15.260 1.00 12.84 ? 108 ASP A O   1 
ATOM   925  C  CB  . ASP A 1 109 ? -14.239 5.216   -15.532 1.00 11.80 ? 108 ASP A CB  1 
ATOM   926  C  CG  . ASP A 1 109 ? -14.565 4.793   -16.938 1.00 11.53 ? 108 ASP A CG  1 
ATOM   927  O  OD1 . ASP A 1 109 ? -15.741 4.651   -17.291 1.00 11.78 ? 108 ASP A OD1 1 
ATOM   928  O  OD2 . ASP A 1 109 ? -13.595 4.617   -17.736 1.00 15.26 ? 108 ASP A OD2 1 
ATOM   929  N  N   . GLU A 1 110 ? -15.872 2.643   -13.382 1.00 12.94 ? 109 GLU A N   1 
ATOM   930  C  CA  . GLU A 1 110 ? -16.111 1.212   -13.197 1.00 15.32 ? 109 GLU A CA  1 
ATOM   931  C  C   . GLU A 1 110 ? -14.866 0.416   -12.837 1.00 15.40 ? 109 GLU A C   1 
ATOM   932  O  O   . GLU A 1 110 ? -14.905 -0.820  -12.852 1.00 19.37 ? 109 GLU A O   1 
ATOM   933  C  CB  . GLU A 1 110 ? -16.840 0.594   -14.399 1.00 18.11 ? 109 GLU A CB  1 
ATOM   934  C  CG  . GLU A 1 110 ? -18.166 1.272   -14.658 1.00 19.31 ? 109 GLU A CG  1 
ATOM   935  C  CD  . GLU A 1 110 ? -18.993 0.623   -15.744 1.00 25.01 ? 109 GLU A CD  1 
ATOM   936  O  OE1 . GLU A 1 110 ? -18.425 0.074   -16.702 1.00 24.06 ? 109 GLU A OE1 1 
ATOM   937  O  OE2 . GLU A 1 110 ? -20.224 0.730   -15.645 1.00 38.98 ? 109 GLU A OE2 1 
ATOM   938  N  N   . LYS A 1 111 ? -13.780 1.098   -12.498 1.00 13.05 ? 110 LYS A N   1 
ATOM   939  C  CA  . LYS A 1 111 ? -12.532 0.460   -12.122 1.00 14.73 ? 110 LYS A CA  1 
ATOM   940  C  C   . LYS A 1 111 ? -12.100 0.871   -10.746 1.00 13.34 ? 110 LYS A C   1 
ATOM   941  O  O   . LYS A 1 111 ? -12.143 2.046   -10.372 1.00 13.44 ? 110 LYS A O   1 
ATOM   942  C  CB  . LYS A 1 111 ? -11.437 0.829   -13.120 1.00 18.58 ? 110 LYS A CB  1 
ATOM   943  C  CG  . LYS A 1 111 ? -11.766 0.421   -14.552 1.00 30.02 ? 110 LYS A CG  1 
ATOM   944  C  CD  . LYS A 1 111 ? -10.899 1.160   -15.553 1.00 39.80 ? 110 LYS A CD  1 
ATOM   945  N  N   . TRP A 1 112 ? -11.651 -0.098  -9.944  1.00 12.68 ? 111 TRP A N   1 
ATOM   946  C  CA  . TRP A 1 112 ? -11.168 0.182   -8.621  1.00 12.85 ? 111 TRP A CA  1 
ATOM   947  C  C   . TRP A 1 112 ? -9.827  0.895   -8.641  1.00 13.85 ? 111 TRP A C   1 
ATOM   948  O  O   . TRP A 1 112 ? -8.898  0.467   -9.346  1.00 14.56 ? 111 TRP A O   1 
ATOM   949  C  CB  . TRP A 1 112 ? -11.041 -1.120  -7.795  1.00 12.52 ? 111 TRP A CB  1 
ATOM   950  C  CG  . TRP A 1 112 ? -12.324 -1.683  -7.371  1.00 13.52 ? 111 TRP A CG  1 
ATOM   951  C  CD1 . TRP A 1 112 ? -12.912 -2.833  -7.829  1.00 18.32 ? 111 TRP A CD1 1 
ATOM   952  C  CD2 . TRP A 1 112 ? -13.203 -1.179  -6.366  1.00 11.89 ? 111 TRP A CD2 1 
ATOM   953  N  NE1 . TRP A 1 112 ? -14.105 -3.048  -7.198  1.00 22.53 ? 111 TRP A NE1 1 
ATOM   954  C  CE2 . TRP A 1 112 ? -14.306 -2.049  -6.282  1.00 17.63 ? 111 TRP A CE2 1 
ATOM   955  C  CE3 . TRP A 1 112 ? -13.176 -0.069  -5.547  1.00 13.13 ? 111 TRP A CE3 1 
ATOM   956  C  CZ2 . TRP A 1 112 ? -15.353 -1.835  -5.401  1.00 19.84 ? 111 TRP A CZ2 1 
ATOM   957  C  CZ3 . TRP A 1 112 ? -14.183 0.120   -4.672  1.00 14.04 ? 111 TRP A CZ3 1 
ATOM   958  C  CH2 . TRP A 1 112 ? -15.262 -0.744  -4.605  1.00 16.24 ? 111 TRP A CH2 1 
ATOM   959  N  N   . LYS A 1 113 ? -9.714  1.938   -7.828  1.00 14.59 ? 112 LYS A N   1 
ATOM   960  C  CA  . LYS A 1 113 ? -8.484  2.691   -7.656  1.00 14.47 ? 112 LYS A CA  1 
ATOM   961  C  C   . LYS A 1 113 ? -8.252  2.960   -6.174  1.00 15.49 ? 112 LYS A C   1 
ATOM   962  O  O   . LYS A 1 113 ? -9.185  3.101   -5.403  1.00 14.04 ? 112 LYS A O   1 
ATOM   963  C  CB  . LYS A 1 113 ? -8.525  4.034   -8.412  1.00 16.96 ? 112 LYS A CB  1 
ATOM   964  C  CG  . LYS A 1 113 ? -8.662  3.835   -9.906  1.00 20.07 ? 112 LYS A CG  1 
ATOM   965  C  CD  . LYS A 1 113 ? -8.583  5.129   -10.658 1.00 25.61 ? 112 LYS A CD  1 
ATOM   966  C  CE  . LYS A 1 113 ? -7.161  5.621   -10.782 1.00 28.13 ? 112 LYS A CE  1 
ATOM   967  N  NZ  . LYS A 1 113 ? -6.974  6.699   -11.845 1.00 28.96 ? 112 LYS A NZ  1 
ATOM   968  N  N   A VAL A 1 114 ? -6.994  2.992   -5.763  0.50 15.80 ? 113 VAL A N   1 
ATOM   969  N  N   B VAL A 1 114 ? -6.977  3.111   -5.804  0.50 15.99 ? 113 VAL A N   1 
ATOM   970  C  CA  A VAL A 1 114 ? -6.696  3.347   -4.381  0.50 15.85 ? 113 VAL A CA  1 
ATOM   971  C  CA  B VAL A 1 114 ? -6.613  3.542   -4.444  0.50 15.97 ? 113 VAL A CA  1 
ATOM   972  C  C   A VAL A 1 114 ? -6.857  4.875   -4.232  0.50 15.79 ? 113 VAL A C   1 
ATOM   973  C  C   B VAL A 1 114 ? -6.873  5.016   -4.249  0.50 16.67 ? 113 VAL A C   1 
ATOM   974  O  O   A VAL A 1 114 ? -6.372  5.628   -5.094  0.50 17.47 ? 113 VAL A O   1 
ATOM   975  O  O   B VAL A 1 114 ? -6.425  5.898   -5.013  0.50 15.67 ? 113 VAL A O   1 
ATOM   976  C  CB  A VAL A 1 114 ? -5.326  2.795   -3.954  0.50 17.59 ? 113 VAL A CB  1 
ATOM   977  C  CB  B VAL A 1 114 ? -5.155  3.299   -4.107  0.50 17.94 ? 113 VAL A CB  1 
ATOM   978  C  CG1 A VAL A 1 114 ? -4.164  3.432   -4.752  0.50 14.70 ? 113 VAL A CG1 1 
ATOM   979  C  CG1 B VAL A 1 114 ? -4.895  3.561   -2.584  0.50 14.31 ? 113 VAL A CG1 1 
ATOM   980  C  CG2 A VAL A 1 114 ? -5.135  2.978   -2.456  0.50 17.98 ? 113 VAL A CG2 1 
ATOM   981  C  CG2 B VAL A 1 114 ? -4.765  1.885   -4.502  0.50 18.97 ? 113 VAL A CG2 1 
ATOM   982  N  N   . ALA A 1 115 ? -7.616  5.303   -3.212  1.00 15.51 ? 114 ALA A N   1 
ATOM   983  C  CA  . ALA A 1 115 ? -8.007  6.654   -2.931  1.00 14.47 ? 114 ALA A CA  1 
ATOM   984  C  C   . ALA A 1 115 ? -7.259  7.263   -1.761  1.00 14.79 ? 114 ALA A C   1 
ATOM   985  O  O   . ALA A 1 115 ? -7.199  8.493   -1.644  1.00 14.55 ? 114 ALA A O   1 
ATOM   986  C  CB  . ALA A 1 115 ? -9.517  6.739   -2.675  1.00 17.68 ? 114 ALA A CB  1 
ATOM   987  N  N   . TRP A 1 116 ? -6.742  6.434   -0.862  1.00 14.53 ? 115 TRP A N   1 
ATOM   988  C  CA  . TRP A 1 116 ? -6.119  6.956   0.369   1.00 15.36 ? 115 TRP A CA  1 
ATOM   989  C  C   . TRP A 1 116 ? -5.339  5.837   1.013   1.00 14.22 ? 115 TRP A C   1 
ATOM   990  O  O   . TRP A 1 116 ? -5.736  4.678   0.986   1.00 14.48 ? 115 TRP A O   1 
ATOM   991  C  CB  . TRP A 1 116 ? -7.170  7.466   1.358   1.00 14.61 ? 115 TRP A CB  1 
ATOM   992  C  CG  . TRP A 1 116 ? -6.605  8.279   2.420   1.00 14.87 ? 115 TRP A CG  1 
ATOM   993  C  CD1 . TRP A 1 116 ? -6.373  7.902   3.713   1.00 16.10 ? 115 TRP A CD1 1 
ATOM   994  C  CD2 . TRP A 1 116 ? -6.209  9.646   2.322   1.00 14.06 ? 115 TRP A CD2 1 
ATOM   995  N  NE1 . TRP A 1 116 ? -5.810  8.948   4.411   1.00 15.98 ? 115 TRP A NE1 1 
ATOM   996  C  CE2 . TRP A 1 116 ? -5.699  10.027  3.593   1.00 15.34 ? 115 TRP A CE2 1 
ATOM   997  C  CE3 . TRP A 1 116 ? -6.227  10.580  1.294   1.00 15.27 ? 115 TRP A CE3 1 
ATOM   998  C  CZ2 . TRP A 1 116 ? -5.221  11.287  3.839   1.00 14.93 ? 115 TRP A CZ2 1 
ATOM   999  C  CZ3 . TRP A 1 116 ? -5.756  11.857  1.547   1.00 14.96 ? 115 TRP A CZ3 1 
ATOM   1000 C  CH2 . TRP A 1 116 ? -5.268  12.188  2.824   1.00 14.92 ? 115 TRP A CH2 1 
HETATM 1001 N  N   A MSE A 1 117 ? -4.218  6.164   1.632   0.67 12.52 ? 116 MSE A N   1 
HETATM 1002 N  N   B MSE A 1 117 ? -4.235  6.201   1.636   0.33 13.76 ? 116 MSE A N   1 
HETATM 1003 C  CA  A MSE A 1 117 ? -3.472  5.178   2.416   0.67 12.53 ? 116 MSE A CA  1 
HETATM 1004 C  CA  B MSE A 1 117 ? -3.517  5.274   2.473   0.33 14.62 ? 116 MSE A CA  1 
HETATM 1005 C  C   A MSE A 1 117 ? -2.687  5.884   3.536   0.67 14.28 ? 116 MSE A C   1 
HETATM 1006 C  C   B MSE A 1 117 ? -2.848  6.026   3.601   0.33 13.69 ? 116 MSE A C   1 
HETATM 1007 O  O   A MSE A 1 117 ? -1.969  6.836   3.251   0.67 13.15 ? 116 MSE A O   1 
HETATM 1008 O  O   B MSE A 1 117 ? -2.390  7.155   3.410   0.33 12.73 ? 116 MSE A O   1 
HETATM 1009 C  CB  A MSE A 1 117 ? -2.508  4.401   1.533   0.67 14.21 ? 116 MSE A CB  1 
HETATM 1010 C  CB  B MSE A 1 117 ? -2.454  4.549   1.680   0.33 14.50 ? 116 MSE A CB  1 
HETATM 1011 C  CG  A MSE A 1 117 ? -1.711  3.321   2.263   0.67 12.79 ? 116 MSE A CG  1 
HETATM 1012 C  CG  B MSE A 1 117 ? -2.872  3.193   1.187   0.33 18.77 ? 116 MSE A CG  1 
HETATM 1013 SE SE  A MSE A 1 117 ? -0.556  2.255   1.120   0.50 12.81 ? 116 MSE A SE  1 
HETATM 1014 SE SE  B MSE A 1 117 ? -1.298  2.213   0.617   0.25 17.77 ? 116 MSE A SE  1 
HETATM 1015 C  CE  A MSE A 1 117 ? -2.005  1.331   0.175   0.67 14.11 ? 116 MSE A CE  1 
HETATM 1016 C  CE  B MSE A 1 117 ? -2.011  1.137   -0.742  0.33 17.79 ? 116 MSE A CE  1 
ATOM   1017 N  N   . GLN A 1 118 ? -2.839  5.392   4.768   1.00 12.52 ? 117 GLN A N   1 
ATOM   1018 C  CA  . GLN A 1 118 ? -2.052  5.835   5.898   1.00 11.95 ? 117 GLN A CA  1 
ATOM   1019 C  C   . GLN A 1 118 ? -1.382  4.634   6.518   1.00 13.16 ? 117 GLN A C   1 
ATOM   1020 O  O   . GLN A 1 118 ? -2.023  3.616   6.774   1.00 13.21 ? 117 GLN A O   1 
ATOM   1021 C  CB  . GLN A 1 118 ? -2.933  6.563   6.934   1.00 12.45 ? 117 GLN A CB  1 
ATOM   1022 C  CG  . GLN A 1 118 ? -2.159  7.013   8.189   1.00 11.51 ? 117 GLN A CG  1 
ATOM   1023 C  CD  . GLN A 1 118 ? -2.816  8.091   9.015   1.00 14.51 ? 117 GLN A CD  1 
ATOM   1024 O  OE1 . GLN A 1 118 ? -3.869  8.617   8.644   1.00 17.43 ? 117 GLN A OE1 1 
ATOM   1025 N  NE2 . GLN A 1 118 ? -2.180  8.474   10.102  1.00 12.32 ? 117 GLN A NE2 1 
ATOM   1026 N  N   . ARG A 1 119 ? -0.098  4.771   6.802   1.00 12.30 ? 118 ARG A N   1 
ATOM   1027 C  CA  . ARG A 1 119 ? 0.673   3.727   7.453   1.00 11.63 ? 118 ARG A CA  1 
ATOM   1028 C  C   . ARG A 1 119 ? 1.233   4.144   8.792   1.00 11.91 ? 118 ARG A C   1 
ATOM   1029 O  O   . ARG A 1 119 ? 1.554   5.310   9.011   1.00 12.28 ? 118 ARG A O   1 
ATOM   1030 C  CB  . ARG A 1 119 ? 1.824   3.210   6.578   1.00 12.37 ? 118 ARG A CB  1 
ATOM   1031 C  CG  . ARG A 1 119 ? 2.901   4.221   6.256   1.00 13.78 ? 118 ARG A CG  1 
ATOM   1032 C  CD  . ARG A 1 119 ? 4.224   3.551   5.883   1.00 13.17 ? 118 ARG A CD  1 
ATOM   1033 N  NE  . ARG A 1 119 ? 4.844   2.957   7.044   1.00 12.33 ? 118 ARG A NE  1 
ATOM   1034 C  CZ  . ARG A 1 119 ? 5.813   2.056   7.019   1.00 13.90 ? 118 ARG A CZ  1 
ATOM   1035 N  NH1 . ARG A 1 119 ? 6.318   1.644   5.869   1.00 15.05 ? 118 ARG A NH1 1 
ATOM   1036 N  NH2 . ARG A 1 119 ? 6.279   1.564   8.149   1.00 14.90 ? 118 ARG A NH2 1 
ATOM   1037 N  N   . SER A 1 120 ? 1.424   3.154   9.655   1.00 12.11 ? 119 SER A N   1 
ATOM   1038 C  CA  . SER A 1 120 ? 2.013   3.349   10.968  1.00 11.69 ? 119 SER A CA  1 
ATOM   1039 C  C   . SER A 1 120 ? 3.533   3.187   10.895  1.00 11.86 ? 119 SER A C   1 
ATOM   1040 O  O   . SER A 1 120 ? 4.075   2.846   9.855   1.00 13.19 ? 119 SER A O   1 
ATOM   1041 C  CB  . SER A 1 120 ? 1.446   2.345   11.975  1.00 11.90 ? 119 SER A CB  1 
ATOM   1042 O  OG  . SER A 1 120 ? 1.918   1.011   11.720  1.00 12.24 ? 119 SER A OG  1 
ATOM   1043 N  N   A SER A 1 121 ? 4.194   3.344   12.031  0.50 12.11 ? 120 SER A N   1 
ATOM   1044 N  N   B SER A 1 121 ? 4.228   3.363   12.014  0.50 11.90 ? 120 SER A N   1 
ATOM   1045 C  CA  A SER A 1 121 ? 5.565   2.885   12.154  0.50 13.36 ? 120 SER A CA  1 
ATOM   1046 C  CA  B SER A 1 121 ? 5.622   2.925   12.066  0.50 12.91 ? 120 SER A CA  1 
ATOM   1047 C  C   A SER A 1 121 ? 5.623   1.359   11.898  0.50 12.51 ? 120 SER A C   1 
ATOM   1048 C  C   B SER A 1 121 ? 5.654   1.393   11.961  0.50 13.21 ? 120 SER A C   1 
ATOM   1049 O  O   A SER A 1 121 ? 4.612   0.618   11.905  0.50 11.03 ? 120 SER A O   1 
ATOM   1050 O  O   B SER A 1 121 ? 4.665   0.689   12.186  0.50 14.46 ? 120 SER A O   1 
ATOM   1051 C  CB  A SER A 1 121 ? 6.125   3.308   13.521  0.50 13.03 ? 120 SER A CB  1 
ATOM   1052 C  CB  B SER A 1 121 ? 6.327   3.451   13.324  0.50 12.54 ? 120 SER A CB  1 
ATOM   1053 O  OG  A SER A 1 121 ? 6.286   4.728   13.599  0.50 15.64 ? 120 SER A OG  1 
ATOM   1054 O  OG  B SER A 1 121 ? 5.661   3.060   14.511  0.50 14.78 ? 120 SER A OG  1 
ATOM   1055 N  N   . GLY A 1 122 ? 6.828   0.883   11.609  1.00 14.67 ? 121 GLY A N   1 
ATOM   1056 C  CA  . GLY A 1 122 ? 6.975   -0.488  11.148  1.00 14.41 ? 121 GLY A CA  1 
ATOM   1057 C  C   . GLY A 1 122 ? 7.316   -1.551  12.161  1.00 15.24 ? 121 GLY A C   1 
ATOM   1058 O  O   . GLY A 1 122 ? 7.824   -2.597  11.764  1.00 15.64 ? 121 GLY A O   1 
ATOM   1059 N  N   . GLN A 1 123 ? 6.994   -1.331  13.427  1.00 15.58 ? 122 GLN A N   1 
ATOM   1060 C  CA  . GLN A 1 123 ? 7.273   -2.321  14.493  1.00 14.35 ? 122 GLN A CA  1 
ATOM   1061 C  C   . GLN A 1 123 ? 6.002   -2.729  15.244  1.00 14.48 ? 122 GLN A C   1 
ATOM   1062 O  O   . GLN A 1 123 ? 5.984   -2.822  16.463  1.00 16.53 ? 122 GLN A O   1 
ATOM   1063 C  CB  . GLN A 1 123 ? 8.336   -1.770  15.456  1.00 17.21 ? 122 GLN A CB  1 
ATOM   1064 C  CG  . GLN A 1 123 ? 9.672   -1.407  14.750  1.00 20.42 ? 122 GLN A CG  1 
ATOM   1065 C  CD  . GLN A 1 123 ? 9.629   -0.076  13.963  1.00 27.39 ? 122 GLN A CD  1 
ATOM   1066 O  OE1 . GLN A 1 123 ? 9.082   0.932   14.430  1.00 31.80 ? 122 GLN A OE1 1 
ATOM   1067 N  NE2 . GLN A 1 123 ? 10.202  -0.077  12.760  1.00 30.99 ? 122 GLN A NE2 1 
ATOM   1068 N  N   . SER A 1 124 ? 4.921   -2.907  14.500  1.00 15.45 ? 123 SER A N   1 
ATOM   1069 C  CA  . SER A 1 124 ? 3.656   -3.306  15.113  1.00 13.53 ? 123 SER A CA  1 
ATOM   1070 C  C   . SER A 1 124 ? 3.737   -4.710  15.720  1.00 14.86 ? 123 SER A C   1 
ATOM   1071 O  O   . SER A 1 124 ? 4.566   -5.551  15.330  1.00 15.92 ? 123 SER A O   1 
ATOM   1072 C  CB  . SER A 1 124 ? 2.502   -3.225  14.107  1.00 15.18 ? 123 SER A CB  1 
ATOM   1073 O  OG  . SER A 1 124 ? 2.520   -4.275  13.148  1.00 15.46 ? 123 SER A OG  1 
ATOM   1074 N  N   . ASP A 1 125 ? 2.830   -4.960  16.654  1.00 15.61 ? 124 ASP A N   1 
ATOM   1075 C  CA  . ASP A 1 125 ? 2.760   -6.224  17.391  1.00 17.89 ? 124 ASP A CA  1 
ATOM   1076 C  C   . ASP A 1 125 ? 1.569   -7.018  16.855  1.00 17.39 ? 124 ASP A C   1 
ATOM   1077 O  O   . ASP A 1 125 ? 0.425   -6.739  17.186  1.00 17.75 ? 124 ASP A O   1 
ATOM   1078 C  CB  . ASP A 1 125 ? 2.557   -5.951  18.857  1.00 17.31 ? 124 ASP A CB  1 
ATOM   1079 C  CG  . ASP A 1 125 ? 2.504   -7.228  19.688  1.00 20.71 ? 124 ASP A CG  1 
ATOM   1080 O  OD1 . ASP A 1 125 ? 2.524   -8.350  19.121  1.00 20.65 ? 124 ASP A OD1 1 
ATOM   1081 O  OD2 . ASP A 1 125 ? 2.426   -7.082  20.916  1.00 26.49 ? 124 ASP A OD2 1 
HETATM 1082 N  N   A MSE A 1 126 ? 1.873   -8.012  16.025  0.50 19.39 ? 125 MSE A N   1 
HETATM 1083 N  N   B MSE A 1 126 ? 1.838   -7.999  16.005  0.50 20.31 ? 125 MSE A N   1 
HETATM 1084 C  CA  A MSE A 1 126 ? 0.867   -8.859  15.394  0.50 20.95 ? 125 MSE A CA  1 
HETATM 1085 C  CA  B MSE A 1 126 ? 0.757   -8.732  15.370  0.50 23.41 ? 125 MSE A CA  1 
HETATM 1086 C  C   A MSE A 1 126 ? -0.043  -9.531  16.383  0.50 22.26 ? 125 MSE A C   1 
HETATM 1087 C  C   B MSE A 1 126 ? -0.027  -9.605  16.350  0.50 23.04 ? 125 MSE A C   1 
HETATM 1088 O  O   A MSE A 1 126 ? -1.221  -9.784  16.090  0.50 23.50 ? 125 MSE A O   1 
HETATM 1089 O  O   B MSE A 1 126 ? -1.121  -10.065 16.011  0.50 23.67 ? 125 MSE A O   1 
HETATM 1090 C  CB  A MSE A 1 126 ? 1.556   -9.954  14.586  0.50 22.49 ? 125 MSE A CB  1 
HETATM 1091 C  CB  B MSE A 1 126 ? 1.284   -9.572  14.205  0.50 23.61 ? 125 MSE A CB  1 
HETATM 1092 C  CG  A MSE A 1 126 ? 2.295   -9.417  13.419  0.50 21.17 ? 125 MSE A CG  1 
HETATM 1093 C  CG  B MSE A 1 126 ? 1.750   -8.752  13.037  0.50 30.19 ? 125 MSE A CG  1 
HETATM 1094 SE SE  A MSE A 1 126 ? 1.151   -8.135  12.472  0.38 25.23 ? 125 MSE A SE  1 
HETATM 1095 SE SE  B MSE A 1 126 ? 1.844   -9.797  11.427  0.37 29.28 ? 125 MSE A SE  1 
HETATM 1096 C  CE  A MSE A 1 126 ? -0.207  -9.329  11.984  0.50 8.35  ? 125 MSE A CE  1 
HETATM 1097 C  CE  B MSE A 1 126 ? 0.140   -9.645  10.907  0.50 16.71 ? 125 MSE A CE  1 
ATOM   1098 N  N   . THR A 1 127 ? 0.492   -9.829  17.555  1.00 21.63 ? 126 THR A N   1 
ATOM   1099 C  CA  . THR A 1 127 ? -0.286  -10.567 18.562  1.00 23.15 ? 126 THR A CA  1 
ATOM   1100 C  C   . THR A 1 127 ? -1.526  -9.828  19.044  1.00 22.29 ? 126 THR A C   1 
ATOM   1101 O  O   . THR A 1 127 ? -2.399  -10.427 19.659  1.00 23.99 ? 126 THR A O   1 
ATOM   1102 C  CB  . THR A 1 127 ? 0.527   -10.993 19.795  1.00 24.75 ? 126 THR A CB  1 
ATOM   1103 O  OG1 . THR A 1 127 ? 0.844   -9.876  20.634  1.00 25.70 ? 126 THR A OG1 1 
ATOM   1104 C  CG2 . THR A 1 127 ? 1.787   -11.729 19.398  1.00 26.98 ? 126 THR A CG2 1 
ATOM   1105 N  N   . LEU A 1 128 ? -1.633  -8.528  18.767  1.00 18.08 ? 127 LEU A N   1 
ATOM   1106 C  CA  . LEU A 1 128 ? -2.745  -7.756  19.227  1.00 17.77 ? 127 LEU A CA  1 
ATOM   1107 C  C   . LEU A 1 128 ? -3.988  -7.860  18.361  1.00 22.00 ? 127 LEU A C   1 
ATOM   1108 O  O   . LEU A 1 128 ? -5.039  -7.367  18.750  1.00 26.35 ? 127 LEU A O   1 
ATOM   1109 C  CB  . LEU A 1 128 ? -2.349  -6.280  19.343  1.00 18.80 ? 127 LEU A CB  1 
ATOM   1110 C  CG  . LEU A 1 128 ? -1.217  -5.978  20.310  1.00 21.09 ? 127 LEU A CG  1 
ATOM   1111 C  CD1 . LEU A 1 128 ? -0.865  -4.499  20.180  1.00 26.48 ? 127 LEU A CD1 1 
ATOM   1112 C  CD2 . LEU A 1 128 ? -1.632  -6.304  21.743  1.00 27.30 ? 127 LEU A CD2 1 
ATOM   1113 N  N   . TRP A 1 129 ? -3.866  -8.484  17.206  1.00 22.32 ? 128 TRP A N   1 
ATOM   1114 C  CA  . TRP A 1 129 ? -4.970  -8.601  16.270  1.00 24.83 ? 128 TRP A CA  1 
ATOM   1115 C  C   . TRP A 1 129 ? -5.738  -9.890  16.542  1.00 30.26 ? 128 TRP A C   1 
ATOM   1116 O  O   . TRP A 1 129 ? -5.126  -10.830 17.040  1.00 29.86 ? 128 TRP A O   1 
ATOM   1117 C  CB  . TRP A 1 129 ? -4.431  -8.615  14.866  1.00 26.27 ? 128 TRP A CB  1 
ATOM   1118 C  CG  . TRP A 1 129 ? -3.863  -7.296  14.414  1.00 21.13 ? 128 TRP A CG  1 
ATOM   1119 C  CD1 . TRP A 1 129 ? -2.556  -6.975  14.256  1.00 21.03 ? 128 TRP A CD1 1 
ATOM   1120 C  CD2 . TRP A 1 129 ? -4.605  -6.145  14.016  1.00 16.69 ? 128 TRP A CD2 1 
ATOM   1121 N  NE1 . TRP A 1 129 ? -2.430  -5.706  13.805  1.00 19.13 ? 128 TRP A NE1 1 
ATOM   1122 C  CE2 . TRP A 1 129 ? -3.670  -5.162  13.656  1.00 17.05 ? 128 TRP A CE2 1 
ATOM   1123 C  CE3 . TRP A 1 129 ? -5.960  -5.840  13.937  1.00 17.36 ? 128 TRP A CE3 1 
ATOM   1124 C  CZ2 . TRP A 1 129 ? -4.040  -3.923  13.203  1.00 18.45 ? 128 TRP A CZ2 1 
ATOM   1125 C  CZ3 . TRP A 1 129 ? -6.321  -4.627  13.504  1.00 18.63 ? 128 TRP A CZ3 1 
ATOM   1126 C  CH2 . TRP A 1 129 ? -5.367  -3.664  13.140  1.00 18.89 ? 128 TRP A CH2 1 
HETATM 1127 O  OH2 . 1PE B 2 .   ? 13.361  4.688   5.320   1.00 59.52 ? 131 1PE A OH2 1 
HETATM 1128 C  C12 . 1PE B 2 .   ? 12.781  5.410   4.226   1.00 60.42 ? 131 1PE A C12 1 
HETATM 1129 C  C22 . 1PE B 2 .   ? 11.340  4.965   4.004   1.00 58.42 ? 131 1PE A C22 1 
HETATM 1130 O  OH3 . 1PE B 2 .   ? 11.114  3.662   4.556   1.00 60.11 ? 131 1PE A OH3 1 
HETATM 1131 C  C13 . 1PE B 2 .   ? 10.134  1.465   4.328   1.00 51.38 ? 131 1PE A C13 1 
HETATM 1132 C  C23 . 1PE B 2 .   ? 10.487  2.772   3.629   1.00 48.28 ? 131 1PE A C23 1 
HETATM 1133 O  OH4 . 1PE B 2 .   ? 9.621   0.507   3.396   1.00 45.58 ? 131 1PE A OH4 1 
HETATM 1134 C  C14 . 1PE B 2 .   ? 7.593   -0.200  2.339   1.00 41.91 ? 131 1PE A C14 1 
HETATM 1135 C  C24 . 1PE B 2 .   ? 8.423   0.978   2.800   1.00 40.56 ? 131 1PE A C24 1 
HETATM 1136 O  OH5 . 1PE B 2 .   ? 6.297   0.064   2.813   1.00 34.41 ? 131 1PE A OH5 1 
HETATM 1137 C  C15 . 1PE B 2 .   ? 5.309   2.252   2.862   1.00 21.56 ? 131 1PE A C15 1 
HETATM 1138 C  C25 . 1PE B 2 .   ? 5.590   1.035   2.037   1.00 28.83 ? 131 1PE A C25 1 
HETATM 1139 O  OH6 . 1PE B 2 .   ? 6.445   2.851   3.431   1.00 33.02 ? 131 1PE A OH6 1 
HETATM 1140 C  C16 . 1PE B 2 .   ? 7.699   4.771   4.056   1.00 36.72 ? 131 1PE A C16 1 
HETATM 1141 C  C26 . 1PE B 2 .   ? 7.015   4.045   2.903   1.00 26.43 ? 131 1PE A C26 1 
HETATM 1142 O  OH7 . 1PE B 2 .   ? 6.930   5.812   4.709   1.00 26.30 ? 131 1PE A OH7 1 
HETATM 1143 O  O   . HOH C 3 .   ? 2.207   6.526   12.628  0.50 14.19 ? 132 HOH A O   1 
HETATM 1144 O  O   . HOH C 3 .   ? 5.108   13.227  13.663  1.00 14.81 ? 133 HOH A O   1 
HETATM 1145 O  O   . HOH C 3 .   ? 0.009   -4.593  12.098  1.00 15.83 ? 134 HOH A O   1 
HETATM 1146 O  O   . HOH C 3 .   ? 3.679   6.177   -7.077  1.00 16.04 ? 135 HOH A O   1 
HETATM 1147 O  O   . HOH C 3 .   ? 0.586   7.581   10.153  1.00 18.04 ? 136 HOH A O   1 
HETATM 1148 O  O   . HOH C 3 .   ? 6.064   -2.793  5.018   1.00 18.18 ? 137 HOH A O   1 
HETATM 1149 O  O   . HOH C 3 .   ? 7.582   9.240   8.633   1.00 18.49 ? 138 HOH A O   1 
HETATM 1150 O  O   . HOH C 3 .   ? 8.304   -9.294  2.812   1.00 19.23 ? 139 HOH A O   1 
HETATM 1151 O  O   . HOH C 3 .   ? 4.874   6.569   14.121  0.50 20.43 ? 140 HOH A O   1 
HETATM 1152 O  O   . HOH C 3 .   ? -1.268  11.579  -5.673  1.00 20.80 ? 141 HOH A O   1 
HETATM 1153 O  O   . HOH C 3 .   ? 0.073   -14.386 5.260   1.00 20.90 ? 142 HOH A O   1 
HETATM 1154 O  O   . HOH C 3 .   ? 10.702  -12.151 2.416   1.00 21.96 ? 143 HOH A O   1 
HETATM 1155 O  O   . HOH C 3 .   ? -11.460 -2.711  -11.148 1.00 23.81 ? 144 HOH A O   1 
HETATM 1156 O  O   . HOH C 3 .   ? 9.048   2.532   11.105  1.00 24.31 ? 145 HOH A O   1 
HETATM 1157 O  O   . HOH C 3 .   ? -2.459  10.108  -7.655  1.00 24.84 ? 146 HOH A O   1 
HETATM 1158 O  O   . HOH C 3 .   ? 1.560   -9.952  -1.019  1.00 25.10 ? 147 HOH A O   1 
HETATM 1159 O  O   . HOH C 3 .   ? 4.515   14.645  -2.226  1.00 25.11 ? 148 HOH A O   1 
HETATM 1160 O  O   . HOH C 3 .   ? -20.646 -0.866  4.513   1.00 25.16 ? 149 HOH A O   1 
HETATM 1161 O  O   . HOH C 3 .   ? -10.725 4.351   -14.149 1.00 25.47 ? 150 HOH A O   1 
HETATM 1162 O  O   . HOH C 3 .   ? 5.036   -9.027  -3.052  1.00 26.10 ? 151 HOH A O   1 
HETATM 1163 O  O   . HOH C 3 .   ? -16.318 6.598   -6.657  1.00 26.63 ? 152 HOH A O   1 
HETATM 1164 O  O   . HOH C 3 .   ? -7.093  -9.549  12.155  1.00 26.67 ? 153 HOH A O   1 
HETATM 1165 O  O   . HOH C 3 .   ? 4.821   -2.566  18.951  1.00 26.77 ? 154 HOH A O   1 
HETATM 1166 O  O   . HOH C 3 .   ? 1.569   12.994  -7.977  1.00 27.25 ? 155 HOH A O   1 
HETATM 1167 O  O   . HOH C 3 .   ? 4.694   -8.372  15.556  1.00 27.58 ? 156 HOH A O   1 
HETATM 1168 O  O   . HOH C 3 .   ? 2.413   -8.872  -3.422  1.00 27.89 ? 157 HOH A O   1 
HETATM 1169 O  O   . HOH C 3 .   ? 7.855   0.947   -9.558  1.00 27.91 ? 158 HOH A O   1 
HETATM 1170 O  O   . HOH C 3 .   ? -11.110 4.054   -17.056 1.00 28.08 ? 159 HOH A O   1 
HETATM 1171 O  O   . HOH C 3 .   ? -10.218 -5.325  12.364  1.00 28.26 ? 160 HOH A O   1 
HETATM 1172 O  O   . HOH C 3 .   ? -9.214  10.208  -2.702  1.00 28.44 ? 161 HOH A O   1 
HETATM 1173 O  O   . HOH C 3 .   ? -3.236  14.048  -4.597  1.00 28.64 ? 162 HOH A O   1 
HETATM 1174 O  O   . HOH C 3 .   ? -18.139 4.976   -9.400  1.00 29.38 ? 163 HOH A O   1 
HETATM 1175 O  O   . HOH C 3 .   ? 5.496   5.151   16.330  1.00 30.15 ? 164 HOH A O   1 
HETATM 1176 O  O   . HOH C 3 .   ? 13.221  -5.502  -8.044  1.00 30.19 ? 165 HOH A O   1 
HETATM 1177 O  O   . HOH C 3 .   ? 13.096  -1.262  -5.025  1.00 30.32 ? 166 HOH A O   1 
HETATM 1178 O  O   . HOH C 3 .   ? 4.003   0.452   -10.777 1.00 30.70 ? 167 HOH A O   1 
HETATM 1179 O  O   . HOH C 3 .   ? 9.250   -0.337  -7.002  1.00 31.10 ? 168 HOH A O   1 
HETATM 1180 O  O   . HOH C 3 .   ? 15.307  2.543   -5.292  1.00 31.77 ? 169 HOH A O   1 
HETATM 1181 O  O   . HOH C 3 .   ? 8.872   -9.403  -7.384  1.00 33.06 ? 170 HOH A O   1 
HETATM 1182 O  O   . HOH C 3 .   ? 7.540   -8.435  -5.531  1.00 33.08 ? 171 HOH A O   1 
HETATM 1183 O  O   . HOH C 3 .   ? 7.607   -9.095  -2.777  1.00 33.20 ? 172 HOH A O   1 
HETATM 1184 O  O   . HOH C 3 .   ? -10.985 10.649  -6.343  1.00 33.25 ? 173 HOH A O   1 
HETATM 1185 O  O   . HOH C 3 .   ? 14.807  -4.123  10.894  1.00 33.77 ? 174 HOH A O   1 
HETATM 1186 O  O   . HOH C 3 .   ? 8.381   9.059   11.182  1.00 34.11 ? 175 HOH A O   1 
HETATM 1187 O  O   . HOH C 3 .   ? 9.775   10.718  4.852   1.00 34.13 ? 176 HOH A O   1 
HETATM 1188 O  O   . HOH C 3 .   ? 7.135   -11.422 1.371   1.00 34.30 ? 177 HOH A O   1 
HETATM 1189 O  O   . HOH C 3 .   ? -7.488  -11.471 -5.498  1.00 35.38 ? 178 HOH A O   1 
HETATM 1190 O  O   . HOH C 3 .   ? 4.247   16.314  0.234   1.00 35.67 ? 179 HOH A O   1 
HETATM 1191 O  O   . HOH C 3 .   ? -15.106 9.341   -6.761  1.00 36.38 ? 180 HOH A O   1 
HETATM 1192 O  O   . HOH C 3 .   ? -14.253 4.151   -20.251 1.00 36.96 ? 181 HOH A O   1 
HETATM 1193 O  O   . HOH C 3 .   ? -7.003  14.435  -0.919  1.00 37.04 ? 182 HOH A O   1 
HETATM 1194 O  O   . HOH C 3 .   ? 9.345   -5.126  12.505  1.00 37.10 ? 183 HOH A O   1 
HETATM 1195 O  O   . HOH C 3 .   ? -12.496 12.913  -4.706  1.00 37.63 ? 184 HOH A O   1 
HETATM 1196 O  O   . HOH C 3 .   ? -9.357  -7.096  14.092  1.00 37.75 ? 185 HOH A O   1 
HETATM 1197 O  O   . HOH C 3 .   ? 8.593   5.284   11.410  1.00 38.20 ? 186 HOH A O   1 
HETATM 1198 O  O   . HOH C 3 .   ? -17.172 -2.269  -11.863 1.00 38.72 ? 187 HOH A O   1 
HETATM 1199 O  O   . HOH C 3 .   ? 8.116   15.963  2.584   1.00 39.18 ? 188 HOH A O   1 
HETATM 1200 O  O   . HOH C 3 .   ? -22.978 3.547   -3.209  1.00 39.77 ? 189 HOH A O   1 
HETATM 1201 O  O   . HOH C 3 .   ? -20.899 6.180   -5.937  1.00 40.04 ? 190 HOH A O   1 
HETATM 1202 O  O   . HOH C 3 .   ? 13.660  -6.224  -5.603  1.00 40.17 ? 191 HOH A O   1 
HETATM 1203 O  O   . HOH C 3 .   ? -4.233  10.102  -10.936 1.00 40.19 ? 192 HOH A O   1 
HETATM 1204 O  O   . HOH C 3 .   ? -1.999  9.238   -9.794  1.00 40.53 ? 193 HOH A O   1 
HETATM 1205 O  O   . HOH C 3 .   ? -4.640  -11.703 -6.492  1.00 40.66 ? 194 HOH A O   1 
HETATM 1206 O  O   . HOH C 3 .   ? -8.603  -1.549  -11.260 1.00 40.74 ? 195 HOH A O   1 
HETATM 1207 O  O   . HOH C 3 .   ? -6.282  0.345   -10.006 1.00 40.86 ? 196 HOH A O   1 
HETATM 1208 O  O   . HOH C 3 .   ? 2.974   -4.526  22.170  1.00 41.17 ? 197 HOH A O   1 
HETATM 1209 O  O   . HOH C 3 .   ? 10.179  0.998   8.864   1.00 41.18 ? 198 HOH A O   1 
HETATM 1210 O  O   . HOH C 3 .   ? -19.364 1.733   -10.907 1.00 41.34 ? 199 HOH A O   1 
HETATM 1211 O  O   . HOH C 3 .   ? 4.879   -9.482  17.970  1.00 41.85 ? 200 HOH A O   1 
HETATM 1212 O  O   . HOH C 3 .   ? -18.781 -3.392  -5.897  1.00 41.88 ? 201 HOH A O   1 
HETATM 1213 O  O   . HOH C 3 .   ? 7.353   -5.878  14.674  1.00 42.39 ? 202 HOH A O   1 
HETATM 1214 O  O   . HOH C 3 .   ? -9.597  -9.208  11.646  1.00 43.10 ? 203 HOH A O   1 
HETATM 1215 O  O   . HOH C 3 .   ? 10.743  9.622   -9.461  1.00 43.44 ? 204 HOH A O   1 
HETATM 1216 O  O   . HOH C 3 .   ? -6.071  1.873   -12.169 1.00 43.69 ? 205 HOH A O   1 
HETATM 1217 O  O   . HOH C 3 .   ? 8.260   4.765   6.935   1.00 43.84 ? 206 HOH A O   1 
HETATM 1218 O  O   . HOH C 3 .   ? -16.227 2.835   -18.996 1.00 43.94 ? 207 HOH A O   1 
HETATM 1219 O  O   . HOH C 3 .   ? 21.287  -4.708  3.340   1.00 44.29 ? 208 HOH A O   1 
HETATM 1220 O  O   . HOH C 3 .   ? 9.876   12.189  -1.558  1.00 45.12 ? 209 HOH A O   1 
HETATM 1221 O  O   . HOH C 3 .   ? 13.256  -6.471  -11.061 1.00 45.79 ? 210 HOH A O   1 
HETATM 1222 O  O   . HOH C 3 .   ? 10.410  10.909  0.963   1.00 48.30 ? 211 HOH A O   1 
HETATM 1223 O  O   . HOH C 3 .   ? 11.347  -0.691  9.895   1.00 48.40 ? 212 HOH A O   1 
HETATM 1224 O  O   . HOH C 3 .   ? 11.439  -3.754  12.439  1.00 48.47 ? 213 HOH A O   1 
HETATM 1225 O  O   . HOH C 3 .   ? -8.380  -5.583  -9.309  1.00 48.79 ? 214 HOH A O   1 
HETATM 1226 O  O   . HOH C 3 .   ? 6.949   16.601  0.225   1.00 48.87 ? 215 HOH A O   1 
HETATM 1227 O  O   . HOH C 3 .   ? 9.161   -8.157  7.593   1.00 49.02 ? 216 HOH A O   1 
HETATM 1228 O  O   . HOH C 3 .   ? 8.499   7.596   6.076   1.00 49.16 ? 217 HOH A O   1 
HETATM 1229 O  O   . HOH C 3 .   ? 10.068  0.193   -4.858  1.00 50.32 ? 218 HOH A O   1 
HETATM 1230 O  O   . HOH C 3 .   ? -8.143  -12.628 -3.498  1.00 50.64 ? 219 HOH A O   1 
HETATM 1231 O  O   . HOH C 3 .   ? 2.157   0.679   -12.026 1.00 51.09 ? 220 HOH A O   1 
HETATM 1232 O  O   . HOH C 3 .   ? 8.849   -8.401  10.059  1.00 51.25 ? 221 HOH A O   1 
HETATM 1233 O  O   . HOH C 3 .   ? 22.101  -5.884  5.284   1.00 51.39 ? 222 HOH A O   1 
HETATM 1234 O  O   . HOH C 3 .   ? 6.700   -8.016  -9.191  1.00 51.63 ? 223 HOH A O   1 
HETATM 1235 O  O   . HOH C 3 .   ? 9.964   14.209  2.029   1.00 52.88 ? 224 HOH A O   1 
HETATM 1236 O  O   . HOH C 3 .   ? 14.583  7.931   -0.420  1.00 54.14 ? 225 HOH A O   1 
HETATM 1237 O  O   . HOH C 3 .   ? 8.487   -10.006 5.511   1.00 54.33 ? 226 HOH A O   1 
HETATM 1238 O  O   . HOH C 3 .   ? -19.416 -0.795  -11.871 1.00 54.92 ? 227 HOH A O   1 
HETATM 1239 O  O   . HOH C 3 .   ? 0.562   -1.281  -12.111 1.00 55.63 ? 228 HOH A O   1 
HETATM 1240 O  O   A HOH C 3 .   ? -20.238 3.447   -2.885  0.70 18.92 ? 229 HOH A O   1 
HETATM 1241 O  O   B HOH C 3 .   ? -19.523 4.366   -2.404  0.30 11.70 ? 229 HOH A O   1 
HETATM 1242 O  O   A HOH C 3 .   ? 7.664   12.392  13.213  0.70 29.86 ? 230 HOH A O   1 
HETATM 1243 O  O   B HOH C 3 .   ? 7.774   13.758  12.856  0.30 18.15 ? 230 HOH A O   1 
# 
